data_8HLP
#
_entry.id   8HLP
#
_cell.length_a   1.00
_cell.length_b   1.00
_cell.length_c   1.00
_cell.angle_alpha   90.00
_cell.angle_beta   90.00
_cell.angle_gamma   90.00
#
_symmetry.space_group_name_H-M   'P 1'
#
loop_
_entity.id
_entity.type
_entity.pdbx_description
1 polymer 'Voltage-dependent L-type calcium channel subunit alpha'
2 polymer 'Voltage-dependent calcium channel subunit alpha-2/delta-1'
3 polymer 'Isoform 2c of Voltage-dependent L-type calcium channel subunit beta-2'
4 non-polymer HEXADECANE
5 non-polymer 1,2-Distearoyl-sn-glycerophosphoethanolamine
6 non-polymer 'CALCIUM ION'
7 non-polymer 2-acetamido-2-deoxy-beta-D-glucopyranose
#
loop_
_entity_poly.entity_id
_entity_poly.type
_entity_poly.pdbx_seq_one_letter_code
_entity_poly.pdbx_strand_id
1 'polypeptide(L)'
;MVNENTRMYIPEENHQGSNYGSPRPAHANMNANAAAGLAPEHIPTPGAALSWQAAIDAARQAKLMGSAGNATISTVSSTQ
RKRQQYGKPKKQGSTTATRPPRALLCLTLKNPIRRACISIVEWKPFEIIILLTIFANCVALAIYIPFPEDDSNATNSNLE
RVEYLFLIIFTVEAFLKVIAYGLLFHPNAYLRNGWNLLDFIIVVVGLFSAILEQATKADGANALGGKGAGFDVKALRAFR
VLRPLRLVSGVPSLQVVLNSIIKAMVPLLHIALLVLFVIIIYAIIGLELFMGKMHKTCYNQEGIADVPAEDDPSPCALET
GHGRQCQNGTVCKPGWDGPKHGITNFDNFAFAMLTVFQCITMEGWTDVLYWVNDAVGRDWPWIYFVTLIIIGSFFVLNLV
LGVLSGEFSKEREKAKARGDFQKLREKQQLEEDLKGYLDWITQAEDIDPENEDEGMDEEKPRNMSMPTSETESVNTENVA
GGDIEGENCGARLAHRISKSKFSRYWRRWNRFCRRKCRAAVKSNVFYWLVIFLVFLNTLTIASEHYNQPNWLTEVQDTAN
KALLALFTAEMLLKMYSLGLQAYFVSLFNRFDCFVVCGGILETILVETKIMSPLGISVLRCVRLLRIFKITRYWNSLSNL
VASLLNSVRSIASLLLLLFLFIIIFSLLGMQLFGGKFNFDEMQTRRSTFDNFPQSLLTVFQILTGEDWNSVMYDGIMAYG
GPSFPGMLVCIYFIILFICGNYILLNVFLAIAVDNLADAESLTSAQKEEEEEKERKKLARTASPEKKQELVEKPAVGESK
EEKIELKSITADGESPPATKINMDDLQPNENEDKSPYPNPETTGEEDEEEPEMPVGPRPRPLSELHLKEKAVPMPEASAF
FIFSSNNRFRLQCHRIVNDTIFTNLILFFILLSSISLAAEDPVQHTSFRNHILFYFDIVFTTIFTLEIILKMTAYGAFLH
KGSFCRNYFNILDLLVVSVSLISFGIQSSAINVVKILRVLRVLRPLRAINRAKGLKHVVQCVFVAIRTIGNIVIVTTLLQ
FMFACIGVQLFKGKLYTCSDSSKQTEAECKGNYITYKDGEVDHPIIQPRSWENSKFDFDNVLAAMMALFTVSTFEGWPEL
LYRSIDSHTEDKGPIYNYRVEISIFFIIYIIIIAFFMMNIFVGFVIVTFQEQGEQEYKNCELDKNQRQCVEYALKARPLR
RYIPKNQHQYKVWYVVNSTYFEYLMFVLILLNTICLAMQHYGQSCLFKIAMNILNMLFTGLFTVEMILKLIAFKPKGYFS
DPWNVFDFLIVIGSIIDVILSEVNPAEHTQCSPSMNAEENSRISITFFRLFRVMRLVKLLSRGEGIRTLLWTFIKSFQAL
PYVALLIVMLFFIYAVIGMQVFGKIALNDTTEINRNNNFQTFPQAVLLLFRCATGEAWQDIMLACMPGKKCAPESEPSNS
TEGETPCGSSFAVFYFISFYMLCAFLIINLFVAVIMDNFDYLTRDWSILGPHHLDEFKRIWAEYDPEAKGRIKHLDVVTL
LRRIQPPLGFGKLCPHRVACKRLVSMNMPLNSDGTVMFNATLFALVRTALRIKTEGNLEQANEELRAIIKKIWKRTSMKL
LDQVVPPAGDDEVTVGKFYATFLIQEYFRKFKKRKEQGLVGKPSQRNALSLQAGLRTLHDIGPEIRRAISGDLTAEEELD
KAMKEAVSAASEDDIFRRAGGLFGNHVSYYQSDGRSAFPQTFTTQRPLHINKAGSSQGDTESPSHEKLVDSTFTPSSYSS
TGSNANINNANNTALGRLPRPAGYPSTVSTVEGHGPPLSPAIRVQEVAWKLSSNRERHVPMCEDLELRRDSGSAGTQAHC
LLLRRANPSRCHSRESQAAMAGQEETSQDETYEVKMNHDTEACSEPSLLSTEMLSYQDDENRQLTLPEEDKRDIRQSPKR
GFLRSASLGRRASFHLECLKRQKDRGGDISQKTVLPLHLVHHQALAVAGLSPLLQRSHSPASFPRPFATPPATPGSRGWP
PQPVPTLRLEGVESSEKLNSSFPSIHCGSWAETTPGGGGSSAARRVRPVSLMVPSQAGAPGRQFHGSASSLVEAVLISEG
LGQFAQDPKFIEVTTQELADACDMTIEEMESAADNILSGGAPQSPNGALLPFVNCRDAGQDRAGGEEDAGCVRARGRPSE
EELQDSRVYVSSL
;
A
2 'polypeptide(L)'
;MAAGCLLALTLTLFQSLLIGPSSEEPFPSAVTIKSWVDKMQEDLVTLAKTASGVNQLVDIYEKYQDLYTVEPNNARQLVE
IAARDIEKLLSNRSKALVRLALEAEKVQAAHQWREDFASNEVVYYNAKDDLDPEKNDSEPGSQRIKPVFIEDANFGRQIS
YQHAAVHIPTDIYEGSTIVLNELNWTSALDEVFKKNREEDPSLLWQVFGSATGLARYYPASPWVDNSRTPNKIDLYDVRR
RPWYIQGAASPKDMLILVDVSGSVSGLTLKLIRTSVSEMLETLSDDDFVNVASFNSNAQDVSCFQHLVQANVRNKKVLKD
AVNNITAKGITDYKKGFSFAFEQLLNYNVSRANCNKIIMLFTDGGEERAQEIFNKYNKDKKVRVFTFSVGQHNYDRGPIQ
WMACENKGYYYEIPSIGAIRINTQEYLDVLGRPMVLAGDKAKQVQWTNVYLDALELGLVITGTLPVFNITGQFENKTNLK
NQLILGVMGVDVSLEDIKRLTPRFTLCPNGYYFAIDPNGYVLLHPNLQPKPIGVGIPTINLRKRRPNIQNPKSQEPVTLD
FLDAELENDIKVEIRNKMIDGESGEKTFRTLVKSQDERYIDKGNRTYTWTPVNGTDYSLALVLPTYSFYYIKAKLEETIT
QARYSETLKPDNFEESGYTFIAPRDYCNDLKISDNNTEFLLNFNEFIDRKTPNNPSCNADLINRVLLDAGFTNELVQNYW
SKQKNIKGVKARFVVTDGGITRVYPKEAGENWQENPETYEDSFYKRSLDNDNYVFTAPYFNKSGPGAYESGIMVSKAVEI
YIQGKLLKPAVVGIKIDVNSWIENFTKTSIRDPCAGPVCDCKRNSDVMDCVILDDGGFLLMANHDDYTNQIGRFFGEIDP
SLMRHLVNISVYAFNKSYDYQSVCEPGAAPKQGAGHRSAYVPSVADILQIGWWATAAAWSILQQFLLSLTFPRLLEAVEM
EDDDFTASLSKQSCITEQTQYFFDNDSKSFSGVLDCGNCSRIFHGEKLMNTNLIFIMVESKGTCPCDTRLLIQAEQTSDG
PNPCDMVKQPRYRKGPDVCFDNNVLEDYTDC
;
F
3 'polypeptide(L)'
;MNQGSGLDLLKISYGKGARRKNRFKGSDGSTSSDTTSNSFVRQGSADSYTSRPSDSDVSLEEDREAVRREAERQAQAQLE
KAKTKPVAFAVRTNVSYSAAHEDDVPVPGMAISFEAKDFLHVKEKFNNDWWIGRLVKEGCEIGFIPSPVKLENMRLQHEQ
RAKQGKFYSSKSGGNSSSSLGDIVPSSRKSTPPSSAIDIDATGLDAEENDIPANHRSPKPSANSVTSPHSKEKRMPFFKK
TEHTPPYDVVPSMRPVVLVGPSLKGYEVTDMMQKALFDFLKHRFEGRISITRVTADISLAKRSVLNNPSKHAIIERSNTR
SSLAEVQSEIERIFELARTLQLVVLDADTINHPAQLSKTSLAPIIVYVKISSPKVLQRLIKSRGKSQAKHLNVQMVAADK
LAQCPPELFDVILDENQLEDACEHLADYLEAYWKATHPPSSSLPNPLLSRTLATSSLPLSPTLASNSQGSQGDQRTDRSA
PIRSASQAEEEPSVEPVKKSQHRSSSSAPHHNHRSGTSRGLSRQETFDSETQESRDSAYVEPKEDYSHDHVDHYASHRDH
NHRDETHGSSDHRHRESRHRSRDVDREQDHNECNKQRSRHKSKDRYCEKDGEVISKKRNEAGEWNRDVYIRQ
;
C
#
# COMPACT_ATOMS: atom_id res chain seq x y z
N ARG A 114 -13.55 13.97 -62.26
CA ARG A 114 -12.45 14.30 -61.31
C ARG A 114 -12.55 13.47 -60.04
N ARG A 115 -13.78 13.29 -59.55
CA ARG A 115 -13.99 12.47 -58.36
C ARG A 115 -13.55 11.03 -58.59
N ALA A 116 -13.59 10.55 -59.83
CA ALA A 116 -13.14 9.20 -60.11
C ALA A 116 -11.65 9.04 -59.83
N CYS A 117 -10.85 10.03 -60.21
CA CYS A 117 -9.40 9.94 -60.01
C CYS A 117 -9.08 9.68 -58.54
N ILE A 118 -9.77 10.36 -57.63
CA ILE A 118 -9.60 10.08 -56.21
C ILE A 118 -10.18 8.71 -55.87
N SER A 119 -11.33 8.37 -56.45
CA SER A 119 -11.98 7.10 -56.13
C SER A 119 -11.13 5.91 -56.54
N ILE A 120 -10.53 5.96 -57.73
CA ILE A 120 -9.70 4.85 -58.19
C ILE A 120 -8.47 4.63 -57.32
N VAL A 121 -8.11 5.61 -56.50
CA VAL A 121 -6.98 5.42 -55.59
C VAL A 121 -7.29 4.33 -54.58
N GLU A 122 -8.55 4.25 -54.14
CA GLU A 122 -8.96 3.19 -53.24
C GLU A 122 -8.74 1.81 -53.86
N TRP A 123 -8.80 1.71 -55.19
CA TRP A 123 -8.44 0.45 -55.83
C TRP A 123 -6.98 0.11 -55.56
N LYS A 124 -6.11 1.11 -55.61
CA LYS A 124 -4.74 0.91 -55.18
C LYS A 124 -4.73 0.69 -53.68
N PRO A 125 -4.19 -0.43 -53.18
CA PRO A 125 -4.35 -0.73 -51.75
C PRO A 125 -3.48 0.13 -50.87
N PHE A 126 -3.89 1.38 -50.62
CA PHE A 126 -3.24 2.17 -49.58
C PHE A 126 -3.85 1.93 -48.21
N GLU A 127 -4.97 1.22 -48.15
CA GLU A 127 -5.54 0.91 -46.84
C GLU A 127 -4.53 0.17 -45.98
N ILE A 128 -3.61 -0.56 -46.60
CA ILE A 128 -2.54 -1.20 -45.84
C ILE A 128 -1.69 -0.14 -45.14
N ILE A 129 -1.30 0.91 -45.86
CA ILE A 129 -0.49 1.94 -45.23
C ILE A 129 -1.31 2.70 -44.20
N ILE A 130 -2.62 2.84 -44.43
CA ILE A 130 -3.45 3.55 -43.47
C ILE A 130 -3.56 2.75 -42.17
N LEU A 131 -3.70 1.43 -42.26
CA LEU A 131 -3.73 0.62 -41.06
C LEU A 131 -2.37 0.57 -40.37
N LEU A 132 -1.29 0.55 -41.15
CA LEU A 132 0.02 0.69 -40.52
C LEU A 132 0.16 2.05 -39.85
N THR A 133 -0.49 3.07 -40.38
CA THR A 133 -0.49 4.37 -39.71
C THR A 133 -1.28 4.34 -38.42
N ILE A 134 -2.41 3.64 -38.41
CA ILE A 134 -3.16 3.48 -37.16
C ILE A 134 -2.31 2.74 -36.13
N PHE A 135 -1.60 1.70 -36.56
CA PHE A 135 -0.72 0.99 -35.64
C PHE A 135 0.40 1.91 -35.15
N ALA A 136 0.94 2.74 -36.04
CA ALA A 136 1.97 3.69 -35.64
C ALA A 136 1.44 4.64 -34.58
N ASN A 137 0.22 5.12 -34.75
CA ASN A 137 -0.37 5.99 -33.74
C ASN A 137 -0.62 5.25 -32.44
N CYS A 138 -1.03 3.98 -32.52
CA CYS A 138 -1.21 3.18 -31.31
C CYS A 138 0.10 3.07 -30.56
N VAL A 139 1.20 2.85 -31.28
CA VAL A 139 2.50 2.82 -30.65
C VAL A 139 2.84 4.18 -30.05
N ALA A 140 2.54 5.25 -30.78
CA ALA A 140 2.88 6.61 -30.36
C ALA A 140 2.07 7.08 -29.17
N LEU A 141 1.26 6.21 -28.57
CA LEU A 141 0.54 6.55 -27.35
C LEU A 141 1.03 5.80 -26.13
N ALA A 142 1.71 4.68 -26.29
CA ALA A 142 2.31 4.01 -25.14
C ALA A 142 3.56 4.74 -24.67
N ILE A 143 4.27 5.41 -25.58
CA ILE A 143 5.49 6.11 -25.19
C ILE A 143 5.14 7.41 -24.46
N TYR A 144 3.96 7.97 -24.72
CA TYR A 144 3.57 9.24 -24.12
C TYR A 144 3.38 9.05 -22.63
N ILE A 145 4.36 9.50 -21.86
CA ILE A 145 4.29 9.35 -20.40
C ILE A 145 3.45 10.49 -19.84
N PRO A 146 2.39 10.21 -19.07
CA PRO A 146 1.56 11.28 -18.48
C PRO A 146 2.10 11.80 -17.16
N PHE A 147 3.01 12.76 -17.23
CA PHE A 147 3.64 13.25 -16.02
C PHE A 147 2.60 13.92 -15.11
N PRO A 148 2.82 13.91 -13.80
CA PRO A 148 1.74 14.28 -12.87
C PRO A 148 1.11 15.64 -13.14
N GLU A 149 1.92 16.70 -13.08
CA GLU A 149 1.41 18.07 -13.13
C GLU A 149 2.20 18.88 -14.15
N ASP A 150 1.83 18.78 -15.41
CA ASP A 150 2.34 19.62 -16.49
C ASP A 150 3.80 19.37 -16.82
N ASP A 151 4.49 18.52 -16.09
CA ASP A 151 5.87 18.18 -16.44
C ASP A 151 5.87 17.41 -17.76
N SER A 152 7.00 17.47 -18.47
CA SER A 152 7.10 16.77 -19.75
C SER A 152 8.56 16.68 -20.15
N ASN A 153 9.03 15.47 -20.40
CA ASN A 153 10.39 15.27 -20.86
C ASN A 153 10.47 15.60 -22.34
N ALA A 154 11.57 15.20 -23.00
CA ALA A 154 11.75 15.53 -24.41
C ALA A 154 10.76 14.77 -25.28
N THR A 155 10.55 13.48 -25.00
CA THR A 155 9.71 12.66 -25.87
C THR A 155 8.30 13.23 -25.95
N ASN A 156 7.73 13.60 -24.81
CA ASN A 156 6.39 14.17 -24.81
C ASN A 156 6.31 15.43 -25.64
N SER A 157 7.44 16.10 -25.88
CA SER A 157 7.46 17.32 -26.67
C SER A 157 7.59 17.07 -28.17
N ASN A 158 7.93 15.84 -28.58
CA ASN A 158 7.91 15.47 -29.98
C ASN A 158 6.65 14.69 -30.35
N LEU A 159 6.00 14.08 -29.36
CA LEU A 159 4.76 13.37 -29.66
C LEU A 159 3.65 14.34 -30.08
N GLU A 160 3.71 15.62 -29.71
CA GLU A 160 2.74 16.56 -30.27
C GLU A 160 2.94 16.71 -31.77
N ARG A 161 4.20 16.79 -32.21
CA ARG A 161 4.45 16.88 -33.64
C ARG A 161 4.00 15.62 -34.37
N VAL A 162 4.30 14.46 -33.78
CA VAL A 162 3.83 13.21 -34.39
C VAL A 162 2.32 13.18 -34.45
N GLU A 163 1.67 13.72 -33.42
CA GLU A 163 0.21 13.80 -33.41
C GLU A 163 -0.31 14.72 -34.51
N TYR A 164 0.39 15.83 -34.75
CA TYR A 164 0.01 16.70 -35.86
C TYR A 164 0.09 15.95 -37.18
N LEU A 165 1.16 15.17 -37.37
CA LEU A 165 1.29 14.39 -38.59
C LEU A 165 0.14 13.39 -38.74
N PHE A 166 -0.19 12.69 -37.65
CA PHE A 166 -1.29 11.74 -37.69
C PHE A 166 -2.60 12.45 -37.99
N LEU A 167 -2.82 13.61 -37.39
CA LEU A 167 -4.00 14.40 -37.70
C LEU A 167 -4.09 14.68 -39.19
N ILE A 168 -2.99 15.14 -39.79
CA ILE A 168 -3.02 15.50 -41.20
C ILE A 168 -3.34 14.28 -42.05
N ILE A 169 -2.68 13.15 -41.79
CA ILE A 169 -2.91 11.99 -42.63
C ILE A 169 -4.34 11.48 -42.48
N PHE A 170 -4.85 11.43 -41.25
CA PHE A 170 -6.23 10.97 -41.06
C PHE A 170 -7.22 11.90 -41.71
N THR A 171 -7.03 13.21 -41.62
CA THR A 171 -8.00 14.12 -42.23
C THR A 171 -7.92 14.07 -43.75
N VAL A 172 -6.73 13.87 -44.31
CA VAL A 172 -6.63 13.66 -45.75
C VAL A 172 -7.40 12.41 -46.15
N GLU A 173 -7.25 11.33 -45.37
CA GLU A 173 -8.00 10.11 -45.69
C GLU A 173 -9.50 10.34 -45.58
N ALA A 174 -9.93 11.09 -44.57
CA ALA A 174 -11.35 11.40 -44.43
C ALA A 174 -11.85 12.20 -45.63
N PHE A 175 -11.07 13.19 -46.09
CA PHE A 175 -11.46 13.95 -47.25
C PHE A 175 -11.57 13.06 -48.49
N LEU A 176 -10.59 12.18 -48.68
CA LEU A 176 -10.62 11.31 -49.86
C LEU A 176 -11.82 10.38 -49.82
N LYS A 177 -12.08 9.78 -48.66
CA LYS A 177 -13.15 8.80 -48.55
C LYS A 177 -14.52 9.44 -48.36
N VAL A 178 -14.60 10.75 -48.21
CA VAL A 178 -15.90 11.43 -48.18
C VAL A 178 -16.20 11.97 -49.57
N ILE A 179 -15.17 12.48 -50.25
CA ILE A 179 -15.37 12.99 -51.61
C ILE A 179 -15.64 11.83 -52.57
N ALA A 180 -14.90 10.73 -52.43
CA ALA A 180 -15.08 9.62 -53.35
C ALA A 180 -16.36 8.84 -53.08
N TYR A 181 -16.89 8.90 -51.85
CA TYR A 181 -18.06 8.13 -51.49
C TYR A 181 -19.25 8.99 -51.08
N GLY A 182 -19.10 10.31 -51.08
CA GLY A 182 -20.22 11.20 -50.84
C GLY A 182 -20.41 11.53 -49.37
N LEU A 183 -21.09 12.66 -49.14
CA LEU A 183 -21.36 13.12 -47.78
C LEU A 183 -22.45 12.30 -47.11
N LEU A 184 -23.51 11.96 -47.83
CA LEU A 184 -24.65 11.27 -47.23
C LEU A 184 -24.35 9.80 -46.96
N PHE A 185 -23.65 9.12 -47.86
CA PHE A 185 -23.45 7.69 -47.73
C PHE A 185 -22.40 7.33 -46.70
N HIS A 186 -21.36 8.15 -46.55
CA HIS A 186 -20.27 7.79 -45.64
C HIS A 186 -20.75 7.54 -44.22
N PRO A 187 -21.57 8.41 -43.61
CA PRO A 187 -22.05 8.11 -42.24
C PRO A 187 -22.82 6.81 -42.17
N ASN A 188 -23.44 6.36 -43.26
CA ASN A 188 -24.17 5.11 -43.25
C ASN A 188 -23.22 3.93 -43.35
N ALA A 189 -22.27 3.84 -42.43
CA ALA A 189 -21.31 2.75 -42.43
C ALA A 189 -20.58 2.75 -41.09
N TYR A 190 -19.69 1.78 -40.91
CA TYR A 190 -18.90 1.70 -39.69
C TYR A 190 -17.94 2.86 -39.53
N LEU A 191 -17.75 3.66 -40.58
CA LEU A 191 -16.90 4.84 -40.57
C LEU A 191 -17.44 5.94 -39.70
N ARG A 192 -18.57 5.72 -39.02
CA ARG A 192 -19.15 6.75 -38.17
C ARG A 192 -18.11 7.32 -37.21
N ASN A 193 -17.29 6.45 -36.62
CA ASN A 193 -16.33 6.91 -35.62
C ASN A 193 -15.22 7.75 -36.26
N GLY A 194 -14.72 7.32 -37.43
CA GLY A 194 -13.56 7.97 -38.00
C GLY A 194 -13.74 9.47 -38.13
N TRP A 195 -14.85 9.89 -38.73
CA TRP A 195 -15.13 11.31 -38.86
C TRP A 195 -15.27 11.95 -37.49
N ASN A 196 -15.86 11.23 -36.53
CA ASN A 196 -15.97 11.75 -35.17
C ASN A 196 -14.60 12.00 -34.57
N LEU A 197 -13.68 11.04 -34.74
CA LEU A 197 -12.33 11.21 -34.22
C LEU A 197 -11.66 12.41 -34.88
N LEU A 198 -11.84 12.56 -36.19
CA LEU A 198 -11.22 13.70 -36.87
C LEU A 198 -11.78 15.01 -36.34
N ASP A 199 -13.09 15.08 -36.12
CA ASP A 199 -13.68 16.32 -35.61
C ASP A 199 -13.11 16.67 -34.24
N PHE A 200 -13.14 15.72 -33.30
CA PHE A 200 -12.62 16.03 -31.98
C PHE A 200 -11.13 16.33 -32.00
N ILE A 201 -10.35 15.65 -32.84
CA ILE A 201 -8.91 15.90 -32.83
C ILE A 201 -8.62 17.27 -33.40
N ILE A 202 -9.35 17.68 -34.45
CA ILE A 202 -9.22 19.03 -34.97
C ILE A 202 -9.52 20.04 -33.87
N VAL A 203 -10.64 19.86 -33.18
CA VAL A 203 -11.03 20.82 -32.16
C VAL A 203 -9.99 20.86 -31.05
N VAL A 204 -9.49 19.69 -30.64
CA VAL A 204 -8.49 19.64 -29.57
C VAL A 204 -7.25 20.41 -29.97
N VAL A 205 -6.74 20.16 -31.18
CA VAL A 205 -5.51 20.82 -31.59
C VAL A 205 -5.73 22.33 -31.68
N GLY A 206 -6.85 22.74 -32.26
CA GLY A 206 -7.11 24.17 -32.37
C GLY A 206 -7.18 24.84 -31.01
N LEU A 207 -7.94 24.26 -30.08
CA LEU A 207 -8.10 24.86 -28.77
C LEU A 207 -6.78 24.87 -28.00
N PHE A 208 -6.01 23.78 -28.08
CA PHE A 208 -4.74 23.73 -27.38
C PHE A 208 -3.79 24.79 -27.90
N SER A 209 -3.72 24.95 -29.23
CA SER A 209 -2.88 26.01 -29.78
C SER A 209 -3.39 27.38 -29.33
N ALA A 210 -4.70 27.57 -29.27
CA ALA A 210 -5.24 28.84 -28.83
C ALA A 210 -4.81 29.15 -27.41
N ILE A 211 -4.85 28.16 -26.53
CA ILE A 211 -4.44 28.35 -25.15
C ILE A 211 -3.00 27.92 -24.98
N PHE A 231 -9.63 24.70 -17.34
CA PHE A 231 -10.36 24.48 -18.59
C PHE A 231 -10.18 23.05 -19.06
N ASP A 232 -11.22 22.52 -19.71
CA ASP A 232 -11.25 21.12 -20.13
C ASP A 232 -10.51 20.89 -21.45
N VAL A 233 -9.73 21.87 -21.94
CA VAL A 233 -9.07 21.70 -23.23
C VAL A 233 -8.12 20.52 -23.20
N LYS A 234 -7.32 20.41 -22.14
CA LYS A 234 -6.32 19.35 -22.07
C LYS A 234 -6.97 17.99 -21.90
N ALA A 235 -7.91 17.88 -20.96
CA ALA A 235 -8.51 16.59 -20.67
C ALA A 235 -9.16 15.99 -21.91
N LEU A 236 -9.58 16.82 -22.85
CA LEU A 236 -10.25 16.34 -24.05
C LEU A 236 -9.33 15.50 -24.92
N ARG A 237 -8.05 15.41 -24.57
CA ARG A 237 -7.09 14.61 -25.32
C ARG A 237 -7.41 13.12 -25.30
N ALA A 238 -8.29 12.68 -24.41
CA ALA A 238 -8.56 11.26 -24.28
C ALA A 238 -9.32 10.69 -25.46
N PHE A 239 -9.94 11.52 -26.29
CA PHE A 239 -10.74 10.99 -27.38
C PHE A 239 -9.91 10.28 -28.43
N ARG A 240 -8.59 10.40 -28.39
CA ARG A 240 -7.74 9.70 -29.35
C ARG A 240 -7.56 8.23 -29.04
N VAL A 241 -7.84 7.79 -27.81
CA VAL A 241 -7.66 6.39 -27.47
C VAL A 241 -8.64 5.49 -28.20
N LEU A 242 -9.57 6.06 -28.97
CA LEU A 242 -10.44 5.25 -29.80
C LEU A 242 -9.78 4.82 -31.09
N ARG A 243 -8.68 5.48 -31.48
CA ARG A 243 -8.04 5.15 -32.75
C ARG A 243 -7.66 3.68 -32.83
N PRO A 244 -7.13 3.05 -31.79
CA PRO A 244 -6.92 1.59 -31.85
C PRO A 244 -8.20 0.85 -32.22
N LEU A 245 -9.36 1.34 -31.80
CA LEU A 245 -10.61 0.73 -32.21
C LEU A 245 -10.84 0.83 -33.70
N ARG A 246 -10.11 1.70 -34.40
CA ARG A 246 -10.17 1.70 -35.85
C ARG A 246 -9.42 0.52 -36.43
N LEU A 247 -8.40 0.03 -35.72
CA LEU A 247 -7.62 -1.09 -36.22
C LEU A 247 -8.50 -2.31 -36.45
N VAL A 248 -9.35 -2.66 -35.49
CA VAL A 248 -10.18 -3.84 -35.65
C VAL A 248 -11.10 -3.67 -36.84
N SER A 249 -11.65 -2.49 -37.04
CA SER A 249 -12.51 -2.25 -38.19
C SER A 249 -11.75 -2.41 -39.50
N GLY A 250 -10.51 -1.93 -39.55
CA GLY A 250 -9.76 -2.01 -40.79
C GLY A 250 -9.53 -3.43 -41.25
N VAL A 251 -9.38 -4.37 -40.32
CA VAL A 251 -9.17 -5.77 -40.69
C VAL A 251 -10.52 -6.50 -40.57
N PRO A 252 -11.28 -6.60 -41.66
CA PRO A 252 -12.64 -7.16 -41.53
C PRO A 252 -12.62 -8.59 -41.03
N SER A 253 -11.45 -9.22 -41.02
CA SER A 253 -11.32 -10.54 -40.44
C SER A 253 -11.67 -10.55 -38.96
N LEU A 254 -11.65 -9.41 -38.30
CA LEU A 254 -11.98 -9.31 -36.88
C LEU A 254 -13.39 -8.80 -36.63
N GLN A 255 -13.94 -7.99 -37.53
CA GLN A 255 -15.30 -7.52 -37.33
C GLN A 255 -16.25 -8.69 -37.14
N VAL A 256 -15.94 -9.83 -37.77
CA VAL A 256 -16.76 -11.02 -37.59
C VAL A 256 -16.73 -11.48 -36.13
N VAL A 257 -15.55 -11.51 -35.53
CA VAL A 257 -15.47 -11.97 -34.13
C VAL A 257 -16.06 -10.94 -33.18
N LEU A 258 -15.90 -9.64 -33.47
CA LEU A 258 -16.63 -8.64 -32.70
C LEU A 258 -18.13 -8.87 -32.76
N ASN A 259 -18.65 -9.07 -33.97
CA ASN A 259 -20.08 -9.32 -34.11
C ASN A 259 -20.49 -10.59 -33.38
N SER A 260 -19.63 -11.60 -33.37
CA SER A 260 -19.92 -12.81 -32.61
C SER A 260 -20.03 -12.50 -31.13
N ILE A 261 -19.08 -11.72 -30.60
CA ILE A 261 -19.06 -11.44 -29.17
C ILE A 261 -20.29 -10.63 -28.77
N ILE A 262 -20.57 -9.54 -29.50
CA ILE A 262 -21.74 -8.74 -29.16
C ILE A 262 -23.03 -9.49 -29.43
N LYS A 263 -23.00 -10.46 -30.35
CA LYS A 263 -24.20 -11.23 -30.64
C LYS A 263 -24.66 -12.00 -29.40
N ALA A 264 -23.72 -12.57 -28.65
CA ALA A 264 -24.05 -13.29 -27.44
C ALA A 264 -24.42 -12.36 -26.28
N MET A 265 -24.27 -11.04 -26.47
CA MET A 265 -24.61 -10.11 -25.39
C MET A 265 -26.11 -9.94 -25.23
N VAL A 266 -26.87 -10.03 -26.31
CA VAL A 266 -28.30 -9.71 -26.24
C VAL A 266 -29.02 -10.59 -25.22
N PRO A 267 -28.82 -11.90 -25.18
CA PRO A 267 -29.57 -12.70 -24.20
C PRO A 267 -29.35 -12.26 -22.77
N LEU A 268 -28.16 -11.76 -22.45
CA LEU A 268 -27.86 -11.34 -21.09
C LEU A 268 -28.71 -10.18 -20.62
N LEU A 269 -29.29 -9.41 -21.54
CA LEU A 269 -30.00 -8.20 -21.13
C LEU A 269 -31.06 -8.51 -20.09
N HIS A 270 -31.70 -9.67 -20.17
CA HIS A 270 -32.64 -10.04 -19.11
C HIS A 270 -31.93 -10.18 -17.78
N ILE A 271 -30.78 -10.84 -17.76
CA ILE A 271 -29.98 -10.90 -16.55
C ILE A 271 -29.51 -9.51 -16.17
N ALA A 272 -29.22 -8.66 -17.16
CA ALA A 272 -28.81 -7.29 -16.86
C ALA A 272 -29.88 -6.57 -16.07
N LEU A 273 -31.13 -6.64 -16.53
CA LEU A 273 -32.20 -5.95 -15.81
C LEU A 273 -32.47 -6.61 -14.46
N LEU A 274 -32.35 -7.94 -14.38
CA LEU A 274 -32.55 -8.58 -13.09
C LEU A 274 -31.52 -8.11 -12.07
N VAL A 275 -30.25 -8.06 -12.46
CA VAL A 275 -29.22 -7.62 -11.53
C VAL A 275 -29.41 -6.13 -11.23
N LEU A 276 -29.84 -5.34 -12.21
CA LEU A 276 -30.11 -3.94 -11.93
C LEU A 276 -31.20 -3.79 -10.87
N PHE A 277 -32.26 -4.57 -10.99
CA PHE A 277 -33.34 -4.47 -10.00
C PHE A 277 -32.88 -4.97 -8.64
N VAL A 278 -32.07 -6.03 -8.61
CA VAL A 278 -31.54 -6.49 -7.32
C VAL A 278 -30.70 -5.39 -6.69
N ILE A 279 -29.87 -4.72 -7.49
CA ILE A 279 -29.04 -3.65 -6.96
C ILE A 279 -29.91 -2.54 -6.40
N ILE A 280 -30.95 -2.14 -7.14
CA ILE A 280 -31.80 -1.05 -6.67
C ILE A 280 -32.49 -1.44 -5.38
N ILE A 281 -33.05 -2.65 -5.33
CA ILE A 281 -33.78 -3.08 -4.14
C ILE A 281 -32.85 -3.09 -2.93
N TYR A 282 -31.68 -3.68 -3.09
CA TYR A 282 -30.79 -3.81 -1.95
C TYR A 282 -30.20 -2.47 -1.56
N ALA A 283 -29.98 -1.56 -2.51
CA ALA A 283 -29.51 -0.23 -2.16
C ALA A 283 -30.57 0.53 -1.36
N ILE A 284 -31.83 0.42 -1.75
CA ILE A 284 -32.88 1.10 -1.01
C ILE A 284 -33.02 0.49 0.39
N ILE A 285 -32.92 -0.83 0.50
CA ILE A 285 -33.00 -1.46 1.81
C ILE A 285 -31.83 -1.00 2.69
N GLY A 286 -30.64 -0.90 2.10
CA GLY A 286 -29.50 -0.40 2.84
C GLY A 286 -29.70 1.03 3.29
N LEU A 287 -30.31 1.85 2.44
CA LEU A 287 -30.62 3.21 2.84
C LEU A 287 -31.57 3.22 4.03
N GLU A 288 -32.55 2.33 4.03
CA GLU A 288 -33.51 2.29 5.13
C GLU A 288 -32.87 1.80 6.43
N LEU A 289 -31.94 0.85 6.36
CA LEU A 289 -31.39 0.23 7.55
C LEU A 289 -30.11 0.92 8.04
N PHE A 290 -29.08 0.94 7.22
CA PHE A 290 -27.78 1.51 7.58
C PHE A 290 -27.71 2.99 7.21
N MET A 291 -28.73 3.74 7.64
CA MET A 291 -28.94 5.11 7.16
C MET A 291 -27.86 6.01 7.73
N GLY A 292 -26.66 5.90 7.17
CA GLY A 292 -25.56 6.72 7.64
C GLY A 292 -25.21 6.49 9.08
N LYS A 293 -25.14 5.22 9.50
CA LYS A 293 -24.79 4.87 10.86
C LYS A 293 -23.30 4.58 11.03
N MET A 294 -22.49 4.83 9.99
CA MET A 294 -21.06 4.55 10.01
C MET A 294 -20.24 5.84 10.03
N HIS A 295 -20.68 6.82 10.82
CA HIS A 295 -19.98 8.09 10.92
C HIS A 295 -19.43 8.36 12.31
N LYS A 296 -19.52 7.39 13.22
CA LYS A 296 -19.01 7.53 14.58
C LYS A 296 -17.88 6.53 14.78
N THR A 297 -16.71 7.01 15.19
CA THR A 297 -15.54 6.17 15.38
C THR A 297 -14.88 6.55 16.70
N CYS A 298 -13.96 5.70 17.15
CA CYS A 298 -13.42 5.79 18.50
C CYS A 298 -12.32 6.84 18.53
N TYR A 299 -12.45 7.79 19.47
CA TYR A 299 -11.56 8.93 19.58
C TYR A 299 -10.82 8.90 20.91
N ASN A 300 -9.63 9.49 20.92
CA ASN A 300 -8.83 9.54 22.14
C ASN A 300 -9.49 10.41 23.18
N GLN A 301 -9.47 9.96 24.42
CA GLN A 301 -10.10 10.68 25.52
C GLN A 301 -9.22 11.76 26.12
N GLU A 302 -7.92 11.76 25.82
CA GLU A 302 -7.07 12.83 26.33
C GLU A 302 -7.50 14.18 25.78
N GLY A 303 -7.91 14.24 24.51
CA GLY A 303 -8.50 15.41 23.94
C GLY A 303 -7.54 16.47 23.45
N ILE A 304 -6.23 16.25 23.56
CA ILE A 304 -5.27 17.23 23.08
C ILE A 304 -5.41 17.41 21.57
N ALA A 305 -5.47 16.30 20.84
CA ALA A 305 -5.65 16.31 19.39
C ALA A 305 -6.83 15.42 19.04
N ASP A 306 -7.73 15.93 18.21
CA ASP A 306 -8.95 15.20 17.83
C ASP A 306 -8.73 14.60 16.45
N VAL A 307 -8.14 13.41 16.43
CA VAL A 307 -7.88 12.66 15.20
C VAL A 307 -8.38 11.25 15.44
N PRO A 308 -8.86 10.53 14.43
CA PRO A 308 -9.30 9.14 14.66
C PRO A 308 -8.27 8.34 15.44
N ALA A 309 -8.65 7.93 16.65
CA ALA A 309 -7.67 7.33 17.55
C ALA A 309 -7.06 6.07 16.96
N GLU A 310 -7.88 5.20 16.39
CA GLU A 310 -7.39 3.94 15.86
C GLU A 310 -6.80 4.16 14.48
N ASP A 311 -5.60 3.62 14.26
CA ASP A 311 -4.95 3.77 12.96
C ASP A 311 -5.84 3.26 11.84
N ASP A 312 -6.68 2.27 12.12
CA ASP A 312 -7.69 1.79 11.18
C ASP A 312 -9.06 2.20 11.70
N PRO A 313 -9.59 3.34 11.28
CA PRO A 313 -10.90 3.77 11.79
C PRO A 313 -11.97 2.72 11.56
N SER A 314 -12.49 2.15 12.64
CA SER A 314 -13.55 1.14 12.57
C SER A 314 -14.81 1.71 13.17
N PRO A 315 -15.85 2.00 12.38
CA PRO A 315 -17.04 2.67 12.94
C PRO A 315 -17.59 1.98 14.18
N CYS A 316 -17.54 2.67 15.32
CA CYS A 316 -18.11 2.20 16.56
C CYS A 316 -19.36 3.01 16.90
N ALA A 317 -20.20 2.41 17.75
CA ALA A 317 -21.43 3.05 18.20
C ALA A 317 -21.44 3.07 19.72
N LEU A 318 -21.71 4.24 20.30
CA LEU A 318 -21.71 4.39 21.74
C LEU A 318 -22.90 3.63 22.33
N GLU A 319 -22.76 3.27 23.61
CA GLU A 319 -23.80 2.52 24.31
C GLU A 319 -25.14 3.19 24.15
N THR A 320 -26.22 2.44 24.37
CA THR A 320 -27.59 2.75 23.99
C THR A 320 -27.82 2.46 22.51
N GLY A 321 -26.79 2.08 21.77
CA GLY A 321 -26.94 1.59 20.41
C GLY A 321 -26.09 0.35 20.20
N HIS A 322 -26.72 -0.75 19.83
CA HIS A 322 -26.01 -2.02 19.75
C HIS A 322 -24.82 -1.91 18.81
N GLY A 323 -23.71 -2.46 19.24
CA GLY A 323 -22.47 -2.42 18.47
C GLY A 323 -21.28 -2.60 19.39
N ARG A 324 -20.12 -2.20 18.90
CA ARG A 324 -18.90 -2.25 19.69
C ARG A 324 -18.72 -0.96 20.47
N GLN A 325 -17.81 -0.99 21.43
CA GLN A 325 -17.47 0.16 22.24
C GLN A 325 -15.96 0.36 22.25
N CYS A 326 -15.55 1.60 22.50
CA CYS A 326 -14.13 1.91 22.56
C CYS A 326 -13.43 0.98 23.55
N GLN A 327 -12.10 0.94 23.46
CA GLN A 327 -11.31 0.27 24.48
C GLN A 327 -11.33 1.11 25.76
N ASN A 328 -10.62 0.63 26.77
CA ASN A 328 -10.77 1.18 28.11
C ASN A 328 -10.39 2.65 28.22
N GLY A 329 -9.68 3.20 27.24
CA GLY A 329 -9.15 4.54 27.36
C GLY A 329 -9.46 5.46 26.19
N THR A 330 -10.56 5.20 25.49
CA THR A 330 -10.96 6.04 24.37
C THR A 330 -12.48 6.15 24.37
N VAL A 331 -12.99 7.14 23.63
CA VAL A 331 -14.43 7.40 23.57
C VAL A 331 -14.88 7.50 22.12
N CYS A 332 -16.01 6.87 21.83
CA CYS A 332 -16.60 6.86 20.50
C CYS A 332 -17.61 7.99 20.43
N LYS A 333 -17.28 9.02 19.66
CA LYS A 333 -18.10 10.22 19.54
C LYS A 333 -18.34 10.53 18.08
N PRO A 334 -19.36 11.34 17.77
CA PRO A 334 -19.67 11.63 16.37
C PRO A 334 -18.51 12.28 15.62
N GLY A 335 -18.70 12.49 14.32
CA GLY A 335 -17.65 13.00 13.47
C GLY A 335 -17.76 12.37 12.10
N TRP A 336 -16.66 12.31 11.35
CA TRP A 336 -16.64 11.62 10.07
C TRP A 336 -15.35 10.82 9.93
N ASP A 337 -14.96 10.12 10.99
CA ASP A 337 -13.90 9.15 10.85
C ASP A 337 -14.31 8.06 9.87
N GLY A 338 -15.47 7.46 10.10
CA GLY A 338 -16.17 6.70 9.10
C GLY A 338 -15.33 5.67 8.39
N PRO A 339 -15.83 5.18 7.24
CA PRO A 339 -15.07 4.20 6.46
C PRO A 339 -14.04 4.88 5.58
N LYS A 340 -13.34 4.10 4.76
CA LYS A 340 -12.21 4.61 4.02
C LYS A 340 -12.62 5.80 3.15
N HIS A 341 -12.15 6.98 3.52
CA HIS A 341 -12.36 8.22 2.78
C HIS A 341 -13.84 8.58 2.62
N GLY A 342 -14.73 7.88 3.32
CA GLY A 342 -16.14 8.15 3.17
C GLY A 342 -16.65 7.92 1.76
N ILE A 343 -16.22 6.83 1.14
CA ILE A 343 -16.63 6.52 -0.23
C ILE A 343 -17.54 5.30 -0.30
N THR A 344 -17.58 4.46 0.73
CA THR A 344 -18.31 3.21 0.68
C THR A 344 -19.52 3.17 1.60
N ASN A 345 -19.79 4.24 2.34
CA ASN A 345 -20.90 4.23 3.28
C ASN A 345 -22.23 4.26 2.52
N PHE A 346 -23.33 4.24 3.28
CA PHE A 346 -24.66 4.16 2.73
C PHE A 346 -25.39 5.51 2.75
N ASP A 347 -24.67 6.61 2.86
CA ASP A 347 -25.31 7.90 3.09
C ASP A 347 -26.33 8.23 2.02
N ASN A 348 -25.89 8.47 0.80
CA ASN A 348 -26.77 8.88 -0.28
C ASN A 348 -27.46 7.64 -0.84
N PHE A 349 -28.08 7.78 -2.00
CA PHE A 349 -28.49 6.60 -2.77
C PHE A 349 -27.43 6.18 -3.76
N ALA A 350 -26.71 7.13 -4.37
CA ALA A 350 -25.63 6.76 -5.26
C ALA A 350 -24.55 6.00 -4.51
N PHE A 351 -24.24 6.43 -3.29
CA PHE A 351 -23.29 5.70 -2.47
C PHE A 351 -23.75 4.27 -2.23
N ALA A 352 -25.04 4.09 -1.99
CA ALA A 352 -25.56 2.74 -1.79
C ALA A 352 -25.41 1.91 -3.05
N MET A 353 -25.81 2.45 -4.20
CA MET A 353 -25.64 1.71 -5.44
C MET A 353 -24.19 1.35 -5.69
N LEU A 354 -23.26 2.20 -5.26
CA LEU A 354 -21.85 1.87 -5.44
C LEU A 354 -21.41 0.80 -4.47
N THR A 355 -21.88 0.85 -3.23
CA THR A 355 -21.46 -0.14 -2.24
C THR A 355 -22.10 -1.49 -2.48
N VAL A 356 -23.40 -1.50 -2.81
CA VAL A 356 -24.05 -2.77 -3.12
C VAL A 356 -23.38 -3.41 -4.32
N PHE A 357 -23.13 -2.62 -5.37
CA PHE A 357 -22.42 -3.18 -6.52
C PHE A 357 -21.05 -3.69 -6.12
N GLN A 358 -20.41 -3.06 -5.15
CA GLN A 358 -19.13 -3.56 -4.68
C GLN A 358 -19.27 -4.92 -4.01
N CYS A 359 -20.41 -5.19 -3.38
CA CYS A 359 -20.64 -6.49 -2.76
C CYS A 359 -20.99 -7.56 -3.80
N ILE A 360 -21.70 -7.19 -4.87
CA ILE A 360 -22.10 -8.19 -5.85
C ILE A 360 -20.88 -8.82 -6.50
N THR A 361 -19.84 -8.02 -6.76
CA THR A 361 -18.64 -8.59 -7.37
C THR A 361 -17.81 -9.39 -6.37
N MET A 362 -18.20 -9.43 -5.11
CA MET A 362 -17.60 -10.26 -4.06
C MET A 362 -16.24 -9.76 -3.63
N GLU A 363 -15.71 -8.70 -4.24
CA GLU A 363 -14.40 -8.17 -3.85
C GLU A 363 -14.59 -7.07 -2.83
N GLY A 364 -13.80 -7.11 -1.77
CA GLY A 364 -14.01 -6.20 -0.65
C GLY A 364 -15.33 -6.38 0.04
N TRP A 365 -16.02 -7.48 -0.23
CA TRP A 365 -17.30 -7.75 0.40
C TRP A 365 -17.24 -7.65 1.91
N THR A 366 -16.45 -8.50 2.54
CA THR A 366 -16.55 -8.66 3.98
C THR A 366 -16.16 -7.39 4.74
N ASP A 367 -15.44 -6.46 4.11
CA ASP A 367 -15.07 -5.24 4.80
C ASP A 367 -16.28 -4.42 5.17
N VAL A 368 -17.22 -4.23 4.23
CA VAL A 368 -18.40 -3.44 4.56
C VAL A 368 -19.26 -4.18 5.56
N LEU A 369 -19.31 -5.51 5.47
CA LEU A 369 -20.09 -6.25 6.46
C LEU A 369 -19.54 -6.03 7.86
N TYR A 370 -18.21 -6.05 8.02
CA TYR A 370 -17.64 -5.84 9.34
C TYR A 370 -17.80 -4.39 9.79
N TRP A 371 -17.66 -3.44 8.87
CA TRP A 371 -17.88 -2.05 9.24
C TRP A 371 -19.30 -1.84 9.74
N VAL A 372 -20.27 -2.44 9.06
CA VAL A 372 -21.65 -2.32 9.51
C VAL A 372 -21.83 -3.03 10.85
N ASN A 373 -21.28 -4.23 10.99
CA ASN A 373 -21.42 -4.96 12.25
C ASN A 373 -20.88 -4.14 13.42
N ASP A 374 -19.80 -3.41 13.20
CA ASP A 374 -19.26 -2.59 14.27
C ASP A 374 -20.13 -1.39 14.59
N ALA A 375 -21.15 -1.12 13.78
CA ALA A 375 -22.04 0.01 14.00
C ALA A 375 -23.40 -0.40 14.58
N VAL A 376 -23.95 -1.52 14.14
CA VAL A 376 -25.30 -1.92 14.55
C VAL A 376 -25.29 -3.33 15.12
N GLY A 377 -24.19 -3.73 15.73
CA GLY A 377 -24.14 -5.02 16.40
C GLY A 377 -23.95 -6.16 15.42
N ARG A 378 -23.58 -7.34 15.94
CA ARG A 378 -23.29 -8.47 15.07
C ARG A 378 -24.50 -9.35 14.79
N ASP A 379 -25.62 -9.12 15.45
CA ASP A 379 -26.68 -10.12 15.47
C ASP A 379 -27.36 -10.30 14.12
N TRP A 380 -28.07 -9.28 13.66
CA TRP A 380 -28.84 -9.39 12.42
C TRP A 380 -28.06 -9.07 11.14
N PRO A 381 -27.17 -8.07 11.12
CA PRO A 381 -26.71 -7.53 9.82
C PRO A 381 -26.20 -8.58 8.84
N TRP A 382 -25.65 -9.70 9.31
CA TRP A 382 -25.13 -10.68 8.38
C TRP A 382 -26.21 -11.15 7.41
N ILE A 383 -27.48 -11.09 7.82
CA ILE A 383 -28.56 -11.54 6.95
C ILE A 383 -28.53 -10.75 5.65
N TYR A 384 -28.45 -9.42 5.75
CA TYR A 384 -28.52 -8.58 4.57
C TYR A 384 -27.43 -8.95 3.57
N PHE A 385 -26.18 -8.97 4.02
CA PHE A 385 -25.08 -9.16 3.09
C PHE A 385 -24.99 -10.61 2.60
N VAL A 386 -25.34 -11.57 3.44
CA VAL A 386 -25.32 -12.96 3.00
C VAL A 386 -26.38 -13.18 1.92
N THR A 387 -27.58 -12.65 2.13
CA THR A 387 -28.59 -12.76 1.08
C THR A 387 -28.16 -12.01 -0.16
N LEU A 388 -27.53 -10.85 0.00
CA LEU A 388 -27.02 -10.12 -1.15
C LEU A 388 -26.06 -10.98 -1.96
N ILE A 389 -25.04 -11.52 -1.32
CA ILE A 389 -24.10 -12.38 -2.04
C ILE A 389 -24.83 -13.53 -2.71
N ILE A 390 -25.53 -14.36 -1.93
CA ILE A 390 -26.17 -15.52 -2.52
C ILE A 390 -27.00 -15.10 -3.71
N ILE A 391 -28.07 -14.33 -3.47
CA ILE A 391 -28.99 -13.98 -4.54
C ILE A 391 -28.18 -13.35 -5.67
N GLY A 392 -27.68 -12.15 -5.46
CA GLY A 392 -27.09 -11.41 -6.55
C GLY A 392 -25.99 -12.20 -7.22
N SER A 393 -24.87 -12.41 -6.53
CA SER A 393 -23.70 -12.96 -7.19
C SER A 393 -23.99 -14.36 -7.71
N PHE A 394 -24.48 -15.26 -6.87
CA PHE A 394 -24.54 -16.65 -7.30
C PHE A 394 -25.63 -16.86 -8.35
N PHE A 395 -26.83 -16.30 -8.17
CA PHE A 395 -27.85 -16.46 -9.19
C PHE A 395 -27.43 -15.79 -10.50
N VAL A 396 -26.86 -14.58 -10.46
CA VAL A 396 -26.51 -13.96 -11.72
C VAL A 396 -25.38 -14.73 -12.40
N LEU A 397 -24.41 -15.23 -11.62
CA LEU A 397 -23.36 -16.04 -12.23
C LEU A 397 -23.93 -17.31 -12.84
N ASN A 398 -24.84 -17.97 -12.12
CA ASN A 398 -25.44 -19.20 -12.63
C ASN A 398 -26.23 -18.92 -13.90
N LEU A 399 -26.97 -17.82 -13.93
CA LEU A 399 -27.79 -17.50 -15.09
C LEU A 399 -26.93 -17.13 -16.29
N VAL A 400 -25.85 -16.37 -16.06
CA VAL A 400 -25.00 -16.01 -17.20
C VAL A 400 -24.29 -17.24 -17.74
N LEU A 401 -23.82 -18.12 -16.86
CA LEU A 401 -23.25 -19.37 -17.35
C LEU A 401 -24.28 -20.17 -18.15
N GLY A 402 -25.52 -20.23 -17.66
CA GLY A 402 -26.53 -20.98 -18.36
C GLY A 402 -26.82 -20.41 -19.73
N VAL A 403 -27.02 -19.09 -19.81
CA VAL A 403 -27.39 -18.46 -21.07
C VAL A 403 -26.22 -18.31 -22.02
N LEU A 404 -25.00 -18.57 -21.56
CA LEU A 404 -23.89 -18.69 -22.49
C LEU A 404 -23.71 -20.12 -22.97
N SER A 405 -23.62 -21.07 -22.04
CA SER A 405 -23.45 -22.47 -22.43
C SER A 405 -24.58 -22.91 -23.35
N GLY A 406 -25.82 -22.63 -22.96
CA GLY A 406 -26.94 -22.96 -23.83
C GLY A 406 -26.86 -22.25 -25.17
N GLU A 407 -26.54 -20.96 -25.15
CA GLU A 407 -26.34 -20.23 -26.39
C GLU A 407 -25.18 -20.82 -27.18
N PHE A 408 -24.09 -21.16 -26.49
CA PHE A 408 -22.95 -21.77 -27.17
C PHE A 408 -23.35 -23.07 -27.85
N SER A 409 -24.33 -23.79 -27.30
CA SER A 409 -24.81 -24.98 -27.98
C SER A 409 -25.43 -24.64 -29.32
N LYS A 410 -26.08 -23.48 -29.42
CA LYS A 410 -26.66 -23.08 -30.70
C LYS A 410 -25.58 -22.95 -31.76
N GLU A 411 -24.55 -22.14 -31.48
CA GLU A 411 -23.48 -21.97 -32.45
C GLU A 411 -22.71 -23.25 -32.69
N ARG A 412 -22.66 -24.15 -31.70
CA ARG A 412 -22.09 -25.48 -31.96
C ARG A 412 -22.92 -26.24 -32.97
N GLU A 413 -24.25 -26.19 -32.84
CA GLU A 413 -25.12 -26.85 -33.80
C GLU A 413 -24.94 -26.27 -35.19
N LYS A 414 -24.88 -24.93 -35.30
CA LYS A 414 -24.62 -24.33 -36.60
C LYS A 414 -23.25 -24.74 -37.14
N ALA A 415 -22.27 -24.85 -36.24
CA ALA A 415 -20.92 -25.21 -36.67
C ALA A 415 -20.87 -26.58 -37.32
N LYS A 416 -21.61 -27.55 -36.76
CA LYS A 416 -21.59 -28.90 -37.33
C LYS A 416 -22.01 -28.88 -38.79
N ALA A 417 -22.85 -27.94 -39.20
CA ALA A 417 -23.17 -27.78 -40.61
C ALA A 417 -22.03 -27.11 -41.37
N ARG A 418 -21.17 -26.37 -40.68
CA ARG A 418 -20.04 -25.69 -41.30
C ARG A 418 -18.85 -26.60 -41.54
N GLY A 419 -19.01 -27.90 -41.34
CA GLY A 419 -17.94 -28.88 -41.58
C GLY A 419 -16.75 -28.66 -40.65
N ASP A 420 -16.93 -27.88 -39.58
CA ASP A 420 -15.82 -27.61 -38.68
C ASP A 420 -15.32 -28.89 -38.01
N PHE A 421 -16.24 -29.71 -37.50
CA PHE A 421 -15.82 -30.98 -36.93
C PHE A 421 -15.48 -31.99 -38.02
N GLN A 422 -16.32 -32.07 -39.07
CA GLN A 422 -16.08 -33.06 -40.11
C GLN A 422 -14.73 -32.85 -40.77
N LYS A 423 -14.36 -31.59 -41.04
CA LYS A 423 -13.05 -31.33 -41.63
C LYS A 423 -11.93 -31.68 -40.65
N LEU A 424 -12.18 -31.55 -39.35
CA LEU A 424 -11.15 -31.88 -38.36
C LEU A 424 -10.79 -33.37 -38.43
N ARG A 425 -11.81 -34.23 -38.53
CA ARG A 425 -11.54 -35.66 -38.65
C ARG A 425 -10.72 -35.97 -39.89
N GLU A 426 -10.89 -35.17 -40.95
CA GLU A 426 -10.14 -35.42 -42.17
C GLU A 426 -8.64 -35.30 -41.93
N LYS A 427 -8.22 -34.29 -41.17
CA LYS A 427 -6.80 -34.09 -40.89
C LYS A 427 -6.26 -35.06 -39.86
N GLN A 428 -7.12 -35.76 -39.12
CA GLN A 428 -6.65 -36.73 -38.14
C GLN A 428 -6.30 -38.06 -38.82
N GLN A 429 -7.25 -38.65 -39.53
CA GLN A 429 -6.96 -39.89 -40.25
C GLN A 429 -5.88 -39.67 -41.29
N LEU A 430 -5.83 -38.49 -41.91
CA LEU A 430 -4.84 -38.20 -42.92
C LEU A 430 -3.43 -38.42 -42.37
N GLU A 431 -3.05 -37.62 -41.38
CA GLU A 431 -1.72 -37.77 -40.81
C GLU A 431 -1.52 -39.13 -40.16
N GLU A 432 -2.61 -39.73 -39.64
CA GLU A 432 -2.49 -41.02 -38.99
C GLU A 432 -2.01 -42.09 -39.96
N ASP A 433 -2.58 -42.12 -41.17
CA ASP A 433 -2.24 -43.16 -42.12
C ASP A 433 -0.85 -42.98 -42.73
N LEU A 434 -0.30 -41.77 -42.71
CA LEU A 434 1.03 -41.57 -43.25
C LEU A 434 2.05 -42.44 -42.53
N LYS A 435 1.98 -42.46 -41.20
CA LYS A 435 2.91 -43.29 -40.43
C LYS A 435 2.71 -44.77 -40.74
N GLY A 436 1.46 -45.21 -40.78
CA GLY A 436 1.20 -46.63 -40.99
C GLY A 436 1.67 -47.12 -42.35
N TYR A 437 1.44 -46.33 -43.39
CA TYR A 437 1.92 -46.69 -44.72
C TYR A 437 3.43 -46.48 -44.85
N LEU A 438 3.94 -45.38 -44.28
CA LEU A 438 5.39 -45.20 -44.24
C LEU A 438 6.07 -46.25 -43.38
N ASP A 439 5.32 -46.93 -42.52
CA ASP A 439 5.86 -48.07 -41.81
C ASP A 439 6.26 -49.18 -42.77
N TRP A 440 5.46 -49.40 -43.82
CA TRP A 440 5.79 -50.42 -44.81
C TRP A 440 7.15 -50.13 -45.44
N ILE A 441 7.34 -48.90 -45.95
CA ILE A 441 8.63 -48.53 -46.50
C ILE A 441 9.70 -48.69 -45.43
N THR A 442 9.36 -48.32 -44.19
CA THR A 442 10.27 -48.56 -43.09
C THR A 442 10.56 -50.05 -42.92
N GLN A 443 9.53 -50.89 -43.06
CA GLN A 443 9.70 -52.33 -43.00
C GLN A 443 10.09 -52.93 -44.34
N ALA A 444 10.09 -52.16 -45.42
CA ALA A 444 10.43 -52.64 -46.74
C ALA A 444 11.77 -52.13 -47.26
N GLU A 445 12.17 -50.92 -46.87
CA GLU A 445 13.48 -50.42 -47.28
C GLU A 445 14.60 -51.36 -46.82
N ASP A 446 14.37 -52.08 -45.73
CA ASP A 446 15.35 -53.01 -45.17
C ASP A 446 15.03 -54.46 -45.49
N ILE A 447 14.11 -54.70 -46.43
CA ILE A 447 13.70 -56.05 -46.83
C ILE A 447 13.50 -56.94 -45.60
N TRP A 509 28.30 -52.63 -47.30
CA TRP A 509 27.57 -52.20 -46.11
C TRP A 509 26.42 -53.15 -45.80
N ASN A 510 26.31 -53.54 -44.53
CA ASN A 510 25.21 -54.35 -44.04
C ASN A 510 24.45 -53.58 -42.98
N ARG A 511 23.12 -53.56 -43.11
CA ARG A 511 22.25 -52.79 -42.23
C ARG A 511 21.15 -53.69 -41.67
N PHE A 512 21.54 -54.85 -41.17
CA PHE A 512 20.60 -55.75 -40.51
C PHE A 512 20.27 -55.28 -39.09
N CYS A 513 21.14 -54.47 -38.48
CA CYS A 513 20.87 -53.97 -37.14
C CYS A 513 19.70 -52.99 -37.11
N ARG A 514 19.28 -52.50 -38.28
CA ARG A 514 18.16 -51.56 -38.32
C ARG A 514 16.88 -52.23 -37.83
N ARG A 515 16.66 -53.47 -38.23
CA ARG A 515 15.48 -54.18 -37.78
C ARG A 515 15.48 -54.33 -36.26
N LYS A 516 16.63 -54.67 -35.68
CA LYS A 516 16.70 -54.83 -34.23
C LYS A 516 16.48 -53.51 -33.52
N CYS A 517 17.11 -52.42 -33.98
CA CYS A 517 16.94 -51.15 -33.30
C CYS A 517 15.50 -50.67 -33.40
N ARG A 518 14.88 -50.83 -34.57
CA ARG A 518 13.47 -50.47 -34.70
C ARG A 518 12.60 -51.33 -33.79
N ALA A 519 12.95 -52.61 -33.63
CA ALA A 519 12.13 -53.49 -32.82
C ALA A 519 12.06 -53.01 -31.38
N ALA A 520 13.18 -52.56 -30.82
CA ALA A 520 13.17 -52.06 -29.46
C ALA A 520 12.34 -50.79 -29.34
N VAL A 521 12.27 -49.99 -30.41
CA VAL A 521 11.59 -48.70 -30.34
C VAL A 521 10.14 -48.89 -29.91
N LYS A 522 9.46 -49.87 -30.50
CA LYS A 522 8.07 -50.14 -30.15
C LYS A 522 7.93 -50.99 -28.89
N SER A 523 9.00 -51.61 -28.43
CA SER A 523 8.92 -52.51 -27.29
C SER A 523 8.58 -51.72 -26.02
N ASN A 524 7.89 -52.39 -25.10
CA ASN A 524 7.56 -51.78 -23.82
C ASN A 524 8.77 -51.54 -22.94
N VAL A 525 9.81 -52.35 -23.07
CA VAL A 525 11.01 -52.14 -22.26
C VAL A 525 11.61 -50.78 -22.54
N PHE A 526 11.77 -50.44 -23.82
CA PHE A 526 12.38 -49.16 -24.17
C PHE A 526 11.46 -48.00 -23.85
N TYR A 527 10.16 -48.16 -24.10
CA TYR A 527 9.23 -47.09 -23.80
C TYR A 527 9.21 -46.79 -22.30
N TRP A 528 9.13 -47.82 -21.48
CA TRP A 528 9.15 -47.59 -20.04
C TRP A 528 10.50 -47.10 -19.55
N LEU A 529 11.58 -47.51 -20.22
CA LEU A 529 12.89 -46.97 -19.88
C LEU A 529 12.95 -45.47 -20.13
N VAL A 530 12.43 -45.02 -21.27
CA VAL A 530 12.46 -43.58 -21.54
C VAL A 530 11.52 -42.84 -20.60
N ILE A 531 10.38 -43.44 -20.25
CA ILE A 531 9.51 -42.81 -19.25
C ILE A 531 10.26 -42.65 -17.94
N PHE A 532 11.01 -43.67 -17.53
CA PHE A 532 11.77 -43.58 -16.30
C PHE A 532 12.85 -42.50 -16.38
N LEU A 533 13.48 -42.37 -17.55
CA LEU A 533 14.46 -41.30 -17.71
C LEU A 533 13.80 -39.94 -17.58
N VAL A 534 12.58 -39.80 -18.12
CA VAL A 534 11.84 -38.55 -17.96
C VAL A 534 11.54 -38.31 -16.48
N PHE A 535 11.22 -39.38 -15.75
CA PHE A 535 10.97 -39.22 -14.32
C PHE A 535 12.20 -38.73 -13.60
N LEU A 536 13.38 -39.26 -13.95
CA LEU A 536 14.61 -38.74 -13.39
C LEU A 536 14.82 -37.28 -13.75
N ASN A 537 14.50 -36.92 -15.00
CA ASN A 537 14.66 -35.53 -15.41
C ASN A 537 13.80 -34.61 -14.55
N THR A 538 12.53 -34.98 -14.32
CA THR A 538 11.68 -34.12 -13.52
C THR A 538 12.08 -34.12 -12.06
N LEU A 539 12.55 -35.26 -11.54
CA LEU A 539 13.02 -35.28 -10.16
C LEU A 539 14.22 -34.38 -9.96
N THR A 540 15.14 -34.36 -10.94
CA THR A 540 16.32 -33.53 -10.79
C THR A 540 15.96 -32.06 -10.71
N ILE A 541 15.16 -31.57 -11.65
CA ILE A 541 14.78 -30.15 -11.63
C ILE A 541 13.89 -29.85 -10.44
N ALA A 542 12.92 -30.73 -10.17
CA ALA A 542 12.05 -30.51 -9.03
C ALA A 542 12.80 -30.52 -7.71
N SER A 543 13.99 -31.11 -7.67
CA SER A 543 14.79 -31.13 -6.45
C SER A 543 15.34 -29.79 -6.09
N GLU A 544 14.98 -28.71 -6.80
CA GLU A 544 15.49 -27.40 -6.44
C GLU A 544 15.18 -27.10 -4.98
N HIS A 545 15.88 -26.12 -4.43
CA HIS A 545 15.79 -25.83 -3.01
C HIS A 545 16.44 -24.48 -2.78
N TYR A 546 15.98 -23.77 -1.75
CA TYR A 546 16.45 -22.39 -1.58
C TYR A 546 17.96 -22.33 -1.47
N ASN A 547 18.51 -22.89 -0.38
CA ASN A 547 19.95 -22.97 -0.21
C ASN A 547 20.34 -24.43 -0.39
N GLN A 548 20.55 -24.82 -1.65
CA GLN A 548 20.87 -26.20 -1.95
C GLN A 548 22.15 -26.59 -1.23
N PRO A 549 22.24 -27.81 -0.70
CA PRO A 549 23.55 -28.31 -0.29
C PRO A 549 24.51 -28.26 -1.47
N ASN A 550 25.74 -27.79 -1.20
CA ASN A 550 26.67 -27.52 -2.30
C ASN A 550 26.83 -28.72 -3.21
N TRP A 551 26.82 -29.93 -2.64
CA TRP A 551 26.95 -31.13 -3.47
C TRP A 551 25.73 -31.31 -4.38
N LEU A 552 24.54 -30.93 -3.90
CA LEU A 552 23.34 -31.11 -4.70
C LEU A 552 23.41 -30.33 -6.01
N THR A 553 24.09 -29.19 -6.01
CA THR A 553 24.25 -28.45 -7.26
C THR A 553 24.99 -29.29 -8.29
N GLU A 554 26.11 -29.89 -7.89
CA GLU A 554 26.86 -30.74 -8.79
C GLU A 554 26.05 -31.96 -9.20
N VAL A 555 25.29 -32.54 -8.27
CA VAL A 555 24.46 -33.68 -8.60
C VAL A 555 23.44 -33.30 -9.67
N GLN A 556 22.78 -32.16 -9.49
CA GLN A 556 21.79 -31.72 -10.47
C GLN A 556 22.44 -31.46 -11.82
N ASP A 557 23.60 -30.81 -11.83
CA ASP A 557 24.26 -30.51 -13.10
C ASP A 557 24.68 -31.78 -13.83
N THR A 558 25.29 -32.72 -13.11
CA THR A 558 25.71 -33.96 -13.77
C THR A 558 24.52 -34.79 -14.20
N ALA A 559 23.43 -34.79 -13.42
CA ALA A 559 22.23 -35.49 -13.85
C ALA A 559 21.65 -34.87 -15.11
N ASN A 560 21.66 -33.54 -15.18
CA ASN A 560 21.21 -32.87 -16.40
C ASN A 560 22.06 -33.29 -17.59
N LYS A 561 23.39 -33.29 -17.42
CA LYS A 561 24.27 -33.72 -18.50
C LYS A 561 23.97 -35.15 -18.93
N ALA A 562 23.82 -36.05 -17.96
CA ALA A 562 23.60 -37.45 -18.26
C ALA A 562 22.28 -37.67 -19.00
N LEU A 563 21.18 -37.15 -18.43
CA LEU A 563 19.90 -37.26 -19.09
C LEU A 563 19.92 -36.64 -20.48
N LEU A 564 20.63 -35.52 -20.64
CA LEU A 564 20.75 -34.93 -21.97
C LEU A 564 21.41 -35.89 -22.94
N ALA A 565 22.54 -36.48 -22.52
CA ALA A 565 23.24 -37.41 -23.40
C ALA A 565 22.33 -38.56 -23.81
N LEU A 566 21.66 -39.17 -22.83
CA LEU A 566 20.81 -40.30 -23.17
C LEU A 566 19.68 -39.85 -24.10
N PHE A 567 18.93 -38.83 -23.68
CA PHE A 567 17.76 -38.43 -24.44
C PHE A 567 18.13 -38.13 -25.87
N THR A 568 19.27 -37.46 -26.10
CA THR A 568 19.69 -37.24 -27.49
C THR A 568 20.10 -38.55 -28.15
N ALA A 569 20.67 -39.49 -27.40
CA ALA A 569 21.07 -40.78 -28.00
C ALA A 569 19.87 -41.53 -28.54
N GLU A 570 18.85 -41.74 -27.70
CA GLU A 570 17.63 -42.38 -28.19
C GLU A 570 16.86 -41.50 -29.18
N MET A 571 16.98 -40.18 -29.10
CA MET A 571 16.37 -39.33 -30.10
C MET A 571 16.97 -39.61 -31.48
N LEU A 572 18.30 -39.66 -31.55
CA LEU A 572 18.96 -39.99 -32.81
C LEU A 572 18.62 -41.41 -33.24
N LEU A 573 18.54 -42.33 -32.28
CA LEU A 573 18.18 -43.70 -32.60
C LEU A 573 16.83 -43.75 -33.31
N LYS A 574 15.84 -43.05 -32.77
CA LYS A 574 14.55 -42.97 -33.44
C LYS A 574 14.67 -42.24 -34.77
N MET A 575 15.55 -41.24 -34.84
CA MET A 575 15.73 -40.48 -36.06
C MET A 575 16.17 -41.37 -37.21
N TYR A 576 17.13 -42.25 -36.95
CA TYR A 576 17.66 -43.13 -38.00
C TYR A 576 16.88 -44.44 -38.11
N SER A 577 16.37 -44.97 -37.00
CA SER A 577 15.57 -46.18 -37.07
C SER A 577 14.30 -45.95 -37.88
N LEU A 578 13.63 -44.84 -37.63
CA LEU A 578 12.44 -44.46 -38.39
C LEU A 578 12.81 -43.45 -39.47
N GLY A 579 11.97 -43.39 -40.50
CA GLY A 579 12.17 -42.43 -41.56
C GLY A 579 12.16 -41.01 -41.02
N LEU A 580 13.14 -40.19 -41.43
CA LEU A 580 13.23 -38.84 -40.90
C LEU A 580 12.00 -38.04 -41.27
N GLN A 581 11.51 -38.19 -42.51
CA GLN A 581 10.29 -37.50 -42.91
C GLN A 581 9.09 -38.00 -42.12
N ALA A 582 8.93 -39.33 -42.05
CA ALA A 582 7.87 -39.90 -41.24
C ALA A 582 8.01 -39.45 -39.79
N TYR A 583 9.24 -39.42 -39.28
CA TYR A 583 9.47 -38.99 -37.91
C TYR A 583 8.98 -37.56 -37.68
N PHE A 584 9.34 -36.66 -38.59
CA PHE A 584 8.92 -35.27 -38.46
C PHE A 584 7.43 -35.09 -38.67
N VAL A 585 6.77 -36.03 -39.36
CA VAL A 585 5.34 -35.89 -39.58
C VAL A 585 4.59 -35.83 -38.25
N SER A 586 4.93 -36.72 -37.32
CA SER A 586 4.26 -36.74 -36.03
C SER A 586 4.51 -35.45 -35.26
N LEU A 587 3.47 -34.94 -34.62
CA LEU A 587 3.62 -33.73 -33.81
C LEU A 587 4.51 -33.98 -32.61
N PHE A 588 4.25 -35.07 -31.88
CA PHE A 588 4.99 -35.33 -30.66
C PHE A 588 6.48 -35.48 -30.92
N ASN A 589 6.84 -36.16 -32.00
CA ASN A 589 8.26 -36.32 -32.32
C ASN A 589 8.91 -34.99 -32.64
N ARG A 590 8.20 -34.11 -33.37
CA ARG A 590 8.75 -32.79 -33.65
C ARG A 590 8.96 -32.00 -32.36
N PHE A 591 8.00 -32.10 -31.44
CA PHE A 591 8.15 -31.42 -30.15
C PHE A 591 9.33 -31.98 -29.37
N ASP A 592 9.53 -33.30 -29.42
CA ASP A 592 10.68 -33.89 -28.75
C ASP A 592 11.98 -33.40 -29.38
N CYS A 593 12.02 -33.29 -30.71
CA CYS A 593 13.20 -32.71 -31.35
C CYS A 593 13.43 -31.29 -30.87
N PHE A 594 12.36 -30.52 -30.72
CA PHE A 594 12.49 -29.15 -30.21
C PHE A 594 13.12 -29.14 -28.84
N VAL A 595 12.63 -29.99 -27.94
CA VAL A 595 13.13 -29.95 -26.56
C VAL A 595 14.58 -30.43 -26.51
N VAL A 596 14.94 -31.44 -27.31
CA VAL A 596 16.33 -31.90 -27.29
C VAL A 596 17.24 -30.83 -27.87
N CYS A 597 16.79 -30.10 -28.90
CA CYS A 597 17.57 -28.97 -29.40
C CYS A 597 17.76 -27.92 -28.31
N GLY A 598 16.69 -27.64 -27.56
CA GLY A 598 16.83 -26.72 -26.44
C GLY A 598 17.86 -27.20 -25.43
N GLY A 599 17.90 -28.51 -25.19
CA GLY A 599 18.91 -29.05 -24.29
C GLY A 599 20.32 -28.90 -24.82
N ILE A 600 20.50 -29.12 -26.12
CA ILE A 600 21.80 -28.88 -26.73
C ILE A 600 22.21 -27.42 -26.54
N LEU A 601 21.25 -26.51 -26.73
CA LEU A 601 21.52 -25.10 -26.48
C LEU A 601 21.92 -24.86 -25.03
N GLU A 602 21.24 -25.53 -24.10
CA GLU A 602 21.60 -25.44 -22.69
C GLU A 602 23.07 -25.78 -22.50
N THR A 603 23.47 -26.92 -23.06
CA THR A 603 24.85 -27.37 -22.90
C THR A 603 25.83 -26.36 -23.48
N ILE A 604 25.56 -25.88 -24.70
CA ILE A 604 26.50 -24.96 -25.35
C ILE A 604 26.58 -23.65 -24.58
N LEU A 605 25.43 -23.08 -24.20
CA LEU A 605 25.43 -21.81 -23.50
C LEU A 605 26.10 -21.91 -22.14
N VAL A 606 25.86 -23.00 -21.41
CA VAL A 606 26.51 -23.13 -20.10
C VAL A 606 28.01 -23.36 -20.26
N GLU A 607 28.43 -24.13 -21.27
CA GLU A 607 29.86 -24.34 -21.47
C GLU A 607 30.57 -23.05 -21.85
N THR A 608 29.97 -22.27 -22.73
CA THR A 608 30.61 -21.04 -23.23
C THR A 608 30.39 -19.85 -22.31
N LYS A 609 29.56 -19.98 -21.27
CA LYS A 609 29.32 -18.93 -20.29
C LYS A 609 28.68 -17.69 -20.90
N ILE A 610 27.95 -17.83 -22.01
CA ILE A 610 27.24 -16.72 -22.63
C ILE A 610 25.74 -16.84 -22.39
N MET A 611 25.33 -17.60 -21.40
CA MET A 611 23.93 -17.75 -21.05
C MET A 611 23.42 -16.51 -20.32
N SER A 612 22.12 -16.26 -20.45
CA SER A 612 21.46 -15.09 -19.89
C SER A 612 20.21 -15.50 -19.15
N PRO A 613 19.77 -14.69 -18.17
CA PRO A 613 18.61 -15.10 -17.34
C PRO A 613 17.40 -15.50 -18.17
N LEU A 614 17.12 -14.78 -19.26
CA LEU A 614 16.09 -15.25 -20.17
C LEU A 614 16.42 -16.66 -20.66
N GLY A 615 17.70 -16.91 -20.93
CA GLY A 615 18.09 -18.24 -21.39
C GLY A 615 17.82 -19.32 -20.36
N ILE A 616 18.26 -19.11 -19.12
CA ILE A 616 18.03 -20.12 -18.10
C ILE A 616 16.53 -20.35 -17.91
N SER A 617 15.75 -19.26 -17.87
CA SER A 617 14.32 -19.41 -17.71
C SER A 617 13.74 -20.28 -18.82
N VAL A 618 13.87 -19.85 -20.07
CA VAL A 618 13.19 -20.56 -21.15
C VAL A 618 13.77 -21.95 -21.34
N LEU A 619 15.01 -22.18 -20.93
CA LEU A 619 15.60 -23.49 -21.18
C LEU A 619 15.24 -24.49 -20.08
N ARG A 620 15.19 -24.04 -18.83
CA ARG A 620 14.53 -24.86 -17.82
C ARG A 620 13.12 -25.17 -18.26
N CYS A 621 12.47 -24.19 -18.91
CA CYS A 621 11.14 -24.43 -19.44
C CYS A 621 11.14 -25.52 -20.50
N VAL A 622 12.15 -25.53 -21.39
CA VAL A 622 12.16 -26.55 -22.43
C VAL A 622 12.42 -27.94 -21.84
N ARG A 623 13.26 -28.03 -20.80
CA ARG A 623 13.41 -29.30 -20.10
C ARG A 623 12.08 -29.75 -19.51
N LEU A 624 11.38 -28.83 -18.85
CA LEU A 624 10.08 -29.18 -18.30
C LEU A 624 9.10 -29.56 -19.42
N LEU A 625 9.25 -28.98 -20.60
CA LEU A 625 8.43 -29.42 -21.73
C LEU A 625 8.75 -30.86 -22.07
N ARG A 626 10.03 -31.18 -22.23
CA ARG A 626 10.43 -32.57 -22.40
C ARG A 626 9.78 -33.45 -21.36
N ILE A 627 9.48 -32.90 -20.18
CA ILE A 627 8.72 -33.69 -19.20
C ILE A 627 7.31 -34.00 -19.69
N PHE A 628 6.88 -33.43 -20.81
CA PHE A 628 5.58 -33.81 -21.38
C PHE A 628 5.61 -35.20 -22.00
N LYS A 629 6.77 -35.84 -22.07
CA LYS A 629 6.80 -37.19 -22.60
C LYS A 629 5.88 -38.12 -21.81
N ILE A 630 5.62 -37.79 -20.53
CA ILE A 630 4.55 -38.44 -19.82
C ILE A 630 3.20 -38.04 -20.41
N THR A 631 2.18 -38.86 -20.17
CA THR A 631 0.85 -38.63 -20.73
C THR A 631 0.89 -38.71 -22.25
N ARG A 632 1.27 -39.89 -22.74
CA ARG A 632 1.31 -40.17 -24.17
C ARG A 632 0.27 -41.19 -24.61
N TYR A 633 0.06 -42.26 -23.82
CA TYR A 633 -0.96 -43.24 -24.17
C TYR A 633 -2.35 -42.61 -24.16
N TRP A 634 -2.65 -41.79 -23.15
CA TRP A 634 -4.00 -41.29 -22.96
C TRP A 634 -4.42 -40.42 -24.15
N ASN A 635 -5.72 -40.44 -24.41
CA ASN A 635 -6.30 -39.79 -25.59
C ASN A 635 -7.10 -38.55 -25.28
N SER A 636 -7.66 -38.44 -24.08
CA SER A 636 -8.55 -37.33 -23.77
C SER A 636 -7.83 -35.99 -23.89
N LEU A 637 -6.61 -35.90 -23.35
CA LEU A 637 -5.83 -34.69 -23.53
C LEU A 637 -5.37 -34.55 -24.98
N SER A 638 -5.10 -35.68 -25.65
CA SER A 638 -4.63 -35.62 -27.02
C SER A 638 -5.67 -34.99 -27.93
N ASN A 639 -6.94 -35.36 -27.76
CA ASN A 639 -7.99 -34.79 -28.60
C ASN A 639 -8.12 -33.29 -28.35
N LEU A 640 -8.03 -32.87 -27.09
CA LEU A 640 -8.07 -31.45 -26.78
C LEU A 640 -6.91 -30.73 -27.47
N VAL A 641 -5.72 -31.32 -27.43
CA VAL A 641 -4.56 -30.70 -28.08
C VAL A 641 -4.79 -30.59 -29.58
N ALA A 642 -5.32 -31.64 -30.19
CA ALA A 642 -5.56 -31.62 -31.63
C ALA A 642 -6.55 -30.54 -32.01
N SER A 643 -7.66 -30.45 -31.26
CA SER A 643 -8.64 -29.42 -31.54
C SER A 643 -8.08 -28.02 -31.32
N LEU A 644 -7.26 -27.85 -30.28
CA LEU A 644 -6.63 -26.56 -30.01
C LEU A 644 -5.72 -26.16 -31.16
N LEU A 645 -4.91 -27.09 -31.65
CA LEU A 645 -4.04 -26.81 -32.79
C LEU A 645 -4.85 -26.47 -34.02
N ASN A 646 -5.96 -27.18 -34.25
CA ASN A 646 -6.81 -26.87 -35.38
C ASN A 646 -7.38 -25.47 -35.28
N SER A 647 -7.80 -25.06 -34.09
CA SER A 647 -8.51 -23.81 -33.88
C SER A 647 -7.59 -22.61 -33.64
N VAL A 648 -6.27 -22.83 -33.53
CA VAL A 648 -5.34 -21.75 -33.26
C VAL A 648 -5.67 -20.50 -34.05
N ARG A 649 -5.86 -20.64 -35.36
CA ARG A 649 -6.18 -19.47 -36.17
C ARG A 649 -7.48 -18.83 -35.73
N SER A 650 -8.38 -19.58 -35.09
CA SER A 650 -9.56 -19.00 -34.48
C SER A 650 -9.31 -18.51 -33.06
N ILE A 651 -8.42 -19.17 -32.33
CA ILE A 651 -8.06 -18.72 -30.99
C ILE A 651 -7.41 -17.34 -31.05
N ALA A 652 -6.45 -17.18 -31.97
CA ALA A 652 -5.69 -15.93 -32.02
C ALA A 652 -6.58 -14.71 -32.25
N SER A 653 -7.70 -14.88 -32.96
CA SER A 653 -8.59 -13.74 -33.18
C SER A 653 -9.18 -13.25 -31.86
N LEU A 654 -9.76 -14.15 -31.07
CA LEU A 654 -10.38 -13.76 -29.82
C LEU A 654 -9.35 -13.13 -28.88
N LEU A 655 -8.20 -13.78 -28.71
CA LEU A 655 -7.17 -13.22 -27.85
C LEU A 655 -6.65 -11.90 -28.40
N LEU A 656 -6.53 -11.76 -29.72
CA LEU A 656 -6.13 -10.48 -30.27
C LEU A 656 -7.17 -9.41 -29.95
N LEU A 657 -8.45 -9.75 -30.05
CA LEU A 657 -9.50 -8.79 -29.72
C LEU A 657 -9.43 -8.37 -28.26
N LEU A 658 -9.25 -9.33 -27.36
CA LEU A 658 -9.15 -9.01 -25.94
C LEU A 658 -7.92 -8.17 -25.65
N PHE A 659 -6.80 -8.51 -26.27
CA PHE A 659 -5.58 -7.71 -26.12
C PHE A 659 -5.80 -6.28 -26.60
N LEU A 660 -6.48 -6.10 -27.71
CA LEU A 660 -6.82 -4.76 -28.18
C LEU A 660 -7.71 -4.02 -27.18
N PHE A 661 -8.71 -4.69 -26.62
CA PHE A 661 -9.56 -4.08 -25.60
C PHE A 661 -8.79 -3.64 -24.36
N ILE A 662 -7.90 -4.50 -23.86
CA ILE A 662 -7.05 -4.11 -22.73
C ILE A 662 -6.17 -2.93 -23.09
N ILE A 663 -5.60 -2.91 -24.29
CA ILE A 663 -4.80 -1.75 -24.68
C ILE A 663 -5.65 -0.48 -24.67
N ILE A 664 -6.87 -0.55 -25.19
CA ILE A 664 -7.70 0.65 -25.23
C ILE A 664 -8.05 1.12 -23.82
N PHE A 665 -8.46 0.20 -22.95
CA PHE A 665 -8.84 0.62 -21.61
C PHE A 665 -7.65 0.88 -20.71
N SER A 666 -6.44 0.62 -21.18
CA SER A 666 -5.24 1.11 -20.51
C SER A 666 -4.82 2.48 -21.02
N LEU A 667 -4.88 2.71 -22.33
CA LEU A 667 -4.58 4.01 -22.88
C LEU A 667 -5.60 5.06 -22.48
N LEU A 668 -6.82 4.65 -22.16
CA LEU A 668 -7.78 5.59 -21.58
C LEU A 668 -7.47 5.92 -20.13
N GLY A 669 -7.11 4.92 -19.33
CA GLY A 669 -6.68 5.18 -17.97
C GLY A 669 -5.45 6.04 -17.89
N MET A 670 -4.54 5.91 -18.84
CA MET A 670 -3.37 6.79 -18.85
C MET A 670 -3.79 8.25 -19.00
N GLN A 671 -4.73 8.53 -19.91
CA GLN A 671 -5.16 9.90 -20.12
C GLN A 671 -6.09 10.42 -19.03
N LEU A 672 -6.71 9.53 -18.26
CA LEU A 672 -7.52 9.95 -17.13
C LEU A 672 -6.72 10.04 -15.84
N PHE A 673 -6.14 8.93 -15.40
CA PHE A 673 -5.45 8.87 -14.12
C PHE A 673 -3.93 8.93 -14.25
N GLY A 674 -3.44 9.35 -15.41
CA GLY A 674 -2.00 9.42 -15.60
C GLY A 674 -1.32 10.29 -14.55
N GLY A 675 -0.57 9.65 -13.65
CA GLY A 675 0.20 10.40 -12.70
C GLY A 675 -0.61 11.23 -11.74
N LYS A 676 -1.92 10.97 -11.63
CA LYS A 676 -2.76 11.65 -10.67
C LYS A 676 -2.90 10.88 -9.37
N PHE A 677 -2.20 9.75 -9.23
CA PHE A 677 -2.23 8.94 -8.01
C PHE A 677 -1.17 9.36 -7.02
N ASN A 678 -0.73 10.62 -7.07
CA ASN A 678 0.24 11.15 -6.11
C ASN A 678 -0.54 11.75 -4.95
N PHE A 679 -0.59 11.03 -3.83
CA PHE A 679 -1.23 11.50 -2.62
C PHE A 679 -0.21 11.66 -1.52
N ASP A 680 -0.49 12.57 -0.59
CA ASP A 680 0.45 12.80 0.51
C ASP A 680 0.68 11.55 1.34
N GLU A 681 -0.25 10.60 1.33
CA GLU A 681 -0.07 9.36 2.07
C GLU A 681 1.11 8.59 1.49
N MET A 682 1.59 7.63 2.28
CA MET A 682 2.72 6.81 1.85
C MET A 682 2.39 6.13 0.54
N GLN A 683 3.35 6.18 -0.39
CA GLN A 683 3.14 5.68 -1.75
C GLN A 683 3.18 4.16 -1.74
N THR A 684 2.07 3.56 -1.34
CA THR A 684 1.84 2.14 -1.53
C THR A 684 1.01 1.88 -2.77
N ARG A 685 0.77 2.90 -3.59
CA ARG A 685 -0.03 2.78 -4.80
C ARG A 685 0.78 2.13 -5.92
N ARG A 686 1.17 0.88 -5.66
CA ARG A 686 1.91 0.13 -6.68
C ARG A 686 1.06 -0.05 -7.93
N SER A 687 -0.22 -0.36 -7.77
CA SER A 687 -1.13 -0.57 -8.89
C SER A 687 -1.60 0.79 -9.41
N THR A 688 -0.70 1.47 -10.11
CA THR A 688 -0.91 2.82 -10.58
C THR A 688 -1.04 2.86 -12.10
N PHE A 689 -1.33 4.05 -12.61
CA PHE A 689 -1.54 4.26 -14.03
C PHE A 689 -0.41 5.07 -14.67
N ASP A 690 0.73 5.17 -14.02
CA ASP A 690 1.76 6.10 -14.45
C ASP A 690 2.22 5.82 -15.88
N ASN A 691 2.89 4.70 -16.10
CA ASN A 691 3.49 4.40 -17.38
C ASN A 691 2.78 3.22 -18.03
N PHE A 692 2.82 3.19 -19.37
CA PHE A 692 2.05 2.18 -20.08
C PHE A 692 2.35 0.76 -19.65
N PRO A 693 3.61 0.35 -19.45
CA PRO A 693 3.85 -1.04 -19.02
C PRO A 693 3.17 -1.38 -17.72
N GLN A 694 2.91 -0.40 -16.85
CA GLN A 694 2.23 -0.66 -15.59
C GLN A 694 0.74 -0.37 -15.65
N SER A 695 0.30 0.52 -16.54
CA SER A 695 -1.13 0.65 -16.77
C SER A 695 -1.73 -0.67 -17.20
N LEU A 696 -0.98 -1.44 -18.01
CA LEU A 696 -1.46 -2.75 -18.41
C LEU A 696 -1.64 -3.67 -17.21
N LEU A 697 -0.69 -3.66 -16.28
CA LEU A 697 -0.82 -4.51 -15.10
C LEU A 697 -2.00 -4.08 -14.24
N THR A 698 -2.23 -2.77 -14.11
CA THR A 698 -3.40 -2.34 -13.34
C THR A 698 -4.69 -2.74 -14.02
N VAL A 699 -4.78 -2.59 -15.34
CA VAL A 699 -6.01 -2.98 -16.05
C VAL A 699 -6.21 -4.48 -15.92
N PHE A 700 -5.15 -5.26 -16.05
CA PHE A 700 -5.27 -6.69 -15.87
C PHE A 700 -5.77 -7.03 -14.47
N GLN A 701 -5.23 -6.34 -13.46
CA GLN A 701 -5.68 -6.57 -12.09
C GLN A 701 -7.16 -6.28 -11.95
N ILE A 702 -7.63 -5.18 -12.54
CA ILE A 702 -9.05 -4.87 -12.47
C ILE A 702 -9.88 -5.95 -13.17
N LEU A 703 -9.42 -6.42 -14.33
CA LEU A 703 -10.20 -7.43 -15.05
C LEU A 703 -10.45 -8.64 -14.18
N THR A 704 -9.39 -9.21 -13.62
CA THR A 704 -9.55 -10.35 -12.72
C THR A 704 -10.28 -9.93 -11.45
N GLY A 705 -10.18 -8.65 -11.09
CA GLY A 705 -10.88 -8.15 -9.93
C GLY A 705 -10.34 -8.70 -8.63
N GLU A 706 -9.11 -8.32 -8.28
CA GLU A 706 -8.53 -8.69 -6.99
C GLU A 706 -8.72 -7.58 -5.96
N ASP A 707 -8.13 -6.41 -6.20
CA ASP A 707 -8.33 -5.26 -5.34
C ASP A 707 -9.03 -4.17 -6.12
N TRP A 708 -10.09 -4.53 -6.84
CA TRP A 708 -10.84 -3.55 -7.59
C TRP A 708 -11.26 -2.38 -6.72
N ASN A 709 -11.59 -2.63 -5.46
CA ASN A 709 -12.00 -1.57 -4.56
C ASN A 709 -10.89 -0.53 -4.42
N SER A 710 -9.66 -1.00 -4.20
CA SER A 710 -8.57 -0.07 -3.93
C SER A 710 -8.32 0.84 -5.13
N VAL A 711 -8.30 0.28 -6.33
CA VAL A 711 -8.04 1.09 -7.52
C VAL A 711 -9.19 2.07 -7.75
N MET A 712 -10.43 1.61 -7.58
CA MET A 712 -11.56 2.52 -7.77
C MET A 712 -11.49 3.66 -6.77
N TYR A 713 -11.17 3.36 -5.52
CA TYR A 713 -11.10 4.42 -4.51
C TYR A 713 -9.97 5.38 -4.82
N ASP A 714 -8.83 4.87 -5.28
CA ASP A 714 -7.74 5.76 -5.64
C ASP A 714 -8.14 6.68 -6.78
N GLY A 715 -8.83 6.15 -7.79
CA GLY A 715 -9.30 7.01 -8.87
C GLY A 715 -10.28 8.06 -8.38
N ILE A 716 -11.22 7.66 -7.53
CA ILE A 716 -12.20 8.61 -7.00
C ILE A 716 -11.48 9.73 -6.26
N MET A 717 -10.55 9.38 -5.39
CA MET A 717 -9.81 10.39 -4.66
C MET A 717 -8.97 11.27 -5.58
N ALA A 718 -8.37 10.69 -6.61
CA ALA A 718 -7.59 11.50 -7.54
C ALA A 718 -8.45 12.57 -8.19
N TYR A 719 -9.63 12.20 -8.65
CA TYR A 719 -10.54 13.17 -9.25
C TYR A 719 -11.36 13.81 -8.14
N GLY A 720 -10.67 14.60 -7.33
CA GLY A 720 -11.32 15.22 -6.19
C GLY A 720 -11.74 14.17 -5.19
N GLY A 721 -12.59 14.59 -4.26
CA GLY A 721 -13.14 13.70 -3.27
C GLY A 721 -14.46 13.14 -3.74
N PRO A 722 -15.27 12.65 -2.81
CA PRO A 722 -16.65 12.30 -3.15
C PRO A 722 -17.48 13.53 -3.45
N SER A 723 -17.83 13.74 -4.71
CA SER A 723 -18.63 14.88 -5.12
C SER A 723 -19.29 14.55 -6.45
N PHE A 724 -20.04 15.48 -6.99
CA PHE A 724 -20.71 15.23 -8.26
C PHE A 724 -19.73 15.35 -9.43
N PRO A 725 -19.02 16.47 -9.58
CA PRO A 725 -18.13 16.59 -10.75
C PRO A 725 -17.06 15.54 -10.76
N GLY A 726 -16.40 15.32 -9.62
CA GLY A 726 -15.54 14.18 -9.44
C GLY A 726 -16.33 12.96 -9.02
N MET A 727 -15.63 11.86 -8.87
CA MET A 727 -16.24 10.61 -8.40
C MET A 727 -17.18 10.04 -9.46
N LEU A 728 -17.39 10.76 -10.55
CA LEU A 728 -18.01 10.14 -11.70
C LEU A 728 -17.09 9.13 -12.36
N VAL A 729 -15.82 9.08 -11.97
CA VAL A 729 -14.88 8.12 -12.54
C VAL A 729 -15.39 6.70 -12.37
N CYS A 730 -16.20 6.47 -11.34
CA CYS A 730 -16.76 5.13 -11.14
C CYS A 730 -17.29 4.54 -12.43
N ILE A 731 -17.70 5.38 -13.38
CA ILE A 731 -18.17 4.86 -14.66
C ILE A 731 -17.07 4.05 -15.33
N TYR A 732 -15.85 4.57 -15.34
CA TYR A 732 -14.76 3.89 -16.02
C TYR A 732 -14.49 2.53 -15.39
N PHE A 733 -14.37 2.47 -14.07
CA PHE A 733 -14.08 1.20 -13.42
C PHE A 733 -15.22 0.21 -13.58
N ILE A 734 -16.46 0.68 -13.47
CA ILE A 734 -17.60 -0.23 -13.59
C ILE A 734 -17.68 -0.80 -15.00
N ILE A 735 -17.54 0.07 -16.02
CA ILE A 735 -17.57 -0.42 -17.39
C ILE A 735 -16.42 -1.37 -17.65
N LEU A 736 -15.22 -1.02 -17.20
CA LEU A 736 -14.09 -1.91 -17.39
C LEU A 736 -14.37 -3.27 -16.79
N PHE A 737 -14.78 -3.31 -15.53
CA PHE A 737 -15.01 -4.58 -14.85
C PHE A 737 -16.09 -5.39 -15.54
N ILE A 738 -17.20 -4.75 -15.90
CA ILE A 738 -18.32 -5.48 -16.49
C ILE A 738 -17.93 -6.04 -17.85
N CYS A 739 -17.40 -5.20 -18.73
CA CYS A 739 -17.01 -5.68 -20.05
C CYS A 739 -15.94 -6.75 -19.94
N GLY A 740 -14.99 -6.58 -19.04
CA GLY A 740 -13.96 -7.56 -18.85
C GLY A 740 -14.52 -8.91 -18.46
N ASN A 741 -15.12 -8.97 -17.28
CA ASN A 741 -15.66 -10.26 -16.85
C ASN A 741 -16.85 -10.67 -17.63
N TYR A 742 -17.24 -9.97 -18.69
CA TYR A 742 -18.13 -10.52 -19.69
C TYR A 742 -17.39 -10.91 -20.96
N ILE A 743 -16.50 -10.05 -21.45
CA ILE A 743 -15.74 -10.38 -22.65
C ILE A 743 -14.80 -11.54 -22.37
N LEU A 744 -14.16 -11.56 -21.20
CA LEU A 744 -13.36 -12.73 -20.83
C LEU A 744 -14.24 -13.98 -20.77
N LEU A 745 -15.43 -13.86 -20.20
CA LEU A 745 -16.29 -15.01 -20.07
C LEU A 745 -16.65 -15.58 -21.43
N ASN A 746 -16.95 -14.73 -22.40
CA ASN A 746 -17.30 -15.21 -23.73
C ASN A 746 -16.12 -15.89 -24.39
N VAL A 747 -14.97 -15.22 -24.44
CA VAL A 747 -13.83 -15.76 -25.15
C VAL A 747 -13.43 -17.11 -24.56
N PHE A 748 -13.26 -17.15 -23.24
CA PHE A 748 -12.70 -18.34 -22.63
C PHE A 748 -13.70 -19.50 -22.60
N LEU A 749 -14.97 -19.23 -22.29
CA LEU A 749 -15.94 -20.31 -22.40
C LEU A 749 -16.12 -20.76 -23.85
N ALA A 750 -16.11 -19.82 -24.79
CA ALA A 750 -16.24 -20.23 -26.19
C ALA A 750 -15.11 -21.17 -26.57
N ILE A 751 -13.88 -20.80 -26.21
CA ILE A 751 -12.72 -21.61 -26.57
C ILE A 751 -12.74 -22.95 -25.82
N ALA A 752 -13.16 -22.95 -24.58
CA ALA A 752 -13.12 -24.15 -23.75
C ALA A 752 -14.36 -25.03 -23.91
N VAL A 753 -15.36 -24.58 -24.66
CA VAL A 753 -16.55 -25.37 -24.92
C VAL A 753 -16.61 -25.84 -26.37
N ASP A 754 -16.53 -24.90 -27.31
CA ASP A 754 -16.60 -25.31 -28.71
C ASP A 754 -15.46 -26.26 -29.07
N ASN A 755 -14.25 -25.94 -28.64
CA ASN A 755 -13.12 -26.81 -28.92
C ASN A 755 -13.19 -28.09 -28.10
N LEU A 756 -13.45 -27.96 -26.80
CA LEU A 756 -13.51 -29.15 -25.96
C LEU A 756 -14.66 -30.05 -26.36
N ALA A 757 -15.83 -29.47 -26.66
CA ALA A 757 -16.94 -30.28 -27.15
C ALA A 757 -16.56 -31.01 -28.42
N ASP A 758 -15.89 -30.32 -29.34
CA ASP A 758 -15.35 -31.01 -30.51
C ASP A 758 -14.30 -32.03 -30.10
N ALA A 759 -13.40 -31.66 -29.20
CA ALA A 759 -12.37 -32.59 -28.77
C ALA A 759 -12.98 -33.83 -28.13
N GLU A 760 -13.97 -33.65 -27.27
CA GLU A 760 -14.61 -34.79 -26.62
C GLU A 760 -15.30 -35.68 -27.64
N SER A 761 -15.73 -35.11 -28.77
CA SER A 761 -16.42 -35.90 -29.78
C SER A 761 -15.46 -36.77 -30.58
N LEU A 762 -14.18 -36.39 -30.67
CA LEU A 762 -13.20 -37.30 -31.25
C LEU A 762 -13.10 -38.58 -30.42
N THR A 763 -13.10 -38.45 -29.10
CA THR A 763 -13.08 -39.63 -28.26
C THR A 763 -14.32 -40.49 -28.44
N SER A 764 -15.38 -39.95 -29.04
CA SER A 764 -16.60 -40.70 -29.32
C SER A 764 -16.82 -40.99 -30.80
N ALA A 765 -16.13 -40.30 -31.69
CA ALA A 765 -16.33 -40.50 -33.13
C ALA A 765 -15.36 -41.53 -33.69
N GLN A 766 -14.05 -41.27 -33.58
CA GLN A 766 -13.07 -42.17 -34.16
C GLN A 766 -12.78 -43.36 -33.24
N LYS A 767 -12.77 -43.14 -31.93
CA LYS A 767 -12.54 -44.26 -31.02
C LYS A 767 -13.69 -45.25 -31.07
N GLU A 768 -14.93 -44.75 -31.13
CA GLU A 768 -16.09 -45.65 -31.13
C GLU A 768 -16.10 -46.53 -32.37
N GLU A 769 -15.93 -45.93 -33.55
CA GLU A 769 -15.96 -46.73 -34.77
C GLU A 769 -14.81 -47.72 -34.82
N GLU A 770 -13.62 -47.32 -34.37
CA GLU A 770 -12.49 -48.22 -34.39
C GLU A 770 -12.74 -49.44 -33.50
N GLU A 771 -13.44 -49.26 -32.38
CA GLU A 771 -13.79 -50.40 -31.55
C GLU A 771 -14.67 -51.38 -32.34
N GLU A 772 -15.61 -50.86 -33.12
CA GLU A 772 -16.43 -51.72 -33.96
C GLU A 772 -15.58 -52.44 -35.00
N LYS A 773 -14.61 -51.72 -35.61
CA LYS A 773 -13.78 -52.32 -36.64
C LYS A 773 -13.11 -53.58 -36.13
N GLU A 774 -12.55 -53.53 -34.92
CA GLU A 774 -11.99 -54.74 -34.32
C GLU A 774 -13.09 -55.79 -34.14
N ARG A 775 -14.27 -55.37 -33.67
CA ARG A 775 -15.38 -56.30 -33.55
C ARG A 775 -15.77 -56.86 -34.92
N LYS A 776 -15.82 -55.99 -35.94
CA LYS A 776 -16.11 -56.46 -37.29
C LYS A 776 -15.01 -57.42 -37.77
N LYS A 777 -13.75 -57.11 -37.44
CA LYS A 777 -12.66 -58.02 -37.79
C LYS A 777 -12.90 -59.41 -37.20
N LEU A 778 -13.58 -59.48 -36.07
CA LEU A 778 -13.90 -60.76 -35.44
C LEU A 778 -15.35 -61.16 -35.73
N PHE A 889 -23.35 -69.28 15.58
CA PHE A 889 -24.38 -68.26 15.40
C PHE A 889 -25.76 -68.90 15.25
N ARG A 890 -26.79 -68.05 15.25
CA ARG A 890 -28.18 -68.49 15.20
C ARG A 890 -28.90 -67.83 14.04
N LEU A 891 -29.71 -68.61 13.32
CA LEU A 891 -30.60 -68.10 12.27
C LEU A 891 -31.97 -68.72 12.47
N GLN A 892 -32.81 -68.08 13.28
CA GLN A 892 -34.17 -68.54 13.49
C GLN A 892 -34.92 -67.53 14.34
N CYS A 893 -36.18 -67.30 13.99
CA CYS A 893 -37.06 -66.40 14.76
C CYS A 893 -36.43 -65.02 14.93
N HIS A 894 -35.56 -64.63 14.01
CA HIS A 894 -34.98 -63.30 14.06
C HIS A 894 -36.04 -62.25 13.77
N ARG A 895 -35.74 -61.00 14.12
CA ARG A 895 -36.69 -59.90 14.02
C ARG A 895 -36.09 -58.78 13.17
N ILE A 896 -36.29 -58.86 11.86
CA ILE A 896 -36.01 -57.74 10.96
C ILE A 896 -37.18 -56.77 10.91
N VAL A 897 -38.28 -57.07 11.61
CA VAL A 897 -39.42 -56.18 11.61
C VAL A 897 -39.03 -54.83 12.23
N ASN A 898 -39.88 -53.84 12.01
CA ASN A 898 -39.73 -52.46 12.47
C ASN A 898 -38.63 -51.72 11.73
N ASP A 899 -38.01 -52.32 10.73
CA ASP A 899 -37.00 -51.63 9.93
C ASP A 899 -37.61 -50.58 8.99
N THR A 900 -38.91 -50.34 9.05
CA THR A 900 -39.58 -49.35 8.20
C THR A 900 -39.71 -48.00 8.91
N ILE A 901 -40.36 -47.97 10.07
CA ILE A 901 -40.42 -46.74 10.85
C ILE A 901 -39.02 -46.35 11.32
N PHE A 902 -38.20 -47.35 11.66
CA PHE A 902 -36.85 -47.08 12.10
C PHE A 902 -36.02 -46.39 11.03
N THR A 903 -36.40 -46.49 9.76
CA THR A 903 -35.71 -45.69 8.73
C THR A 903 -35.77 -44.21 9.08
N ASN A 904 -36.99 -43.65 9.13
CA ASN A 904 -37.13 -42.25 9.46
C ASN A 904 -36.67 -41.95 10.87
N LEU A 905 -36.84 -42.89 11.81
CA LEU A 905 -36.38 -42.64 13.17
C LEU A 905 -34.87 -42.50 13.24
N ILE A 906 -34.14 -43.36 12.53
CA ILE A 906 -32.69 -43.27 12.49
C ILE A 906 -32.26 -42.02 11.75
N LEU A 907 -33.00 -41.63 10.71
CA LEU A 907 -32.72 -40.35 10.08
C LEU A 907 -32.81 -39.21 11.09
N PHE A 908 -33.88 -39.21 11.89
CA PHE A 908 -34.05 -38.14 12.87
C PHE A 908 -32.95 -38.16 13.91
N PHE A 909 -32.58 -39.35 14.39
CA PHE A 909 -31.51 -39.43 15.37
C PHE A 909 -30.18 -38.98 14.79
N ILE A 910 -29.91 -39.30 13.52
CA ILE A 910 -28.69 -38.81 12.89
C ILE A 910 -28.71 -37.30 12.83
N LEU A 911 -29.84 -36.73 12.42
CA LEU A 911 -29.96 -35.28 12.32
C LEU A 911 -29.69 -34.62 13.66
N LEU A 912 -30.33 -35.10 14.72
CA LEU A 912 -30.18 -34.46 16.02
C LEU A 912 -28.79 -34.72 16.60
N SER A 913 -28.20 -35.88 16.32
CA SER A 913 -26.83 -36.13 16.73
C SER A 913 -25.88 -35.13 16.08
N SER A 914 -26.06 -34.89 14.78
CA SER A 914 -25.25 -33.89 14.10
C SER A 914 -25.42 -32.53 14.74
N ILE A 915 -26.66 -32.14 15.03
CA ILE A 915 -26.88 -30.83 15.66
C ILE A 915 -26.25 -30.79 17.04
N SER A 916 -26.12 -31.94 17.70
CA SER A 916 -25.60 -31.96 19.06
C SER A 916 -24.24 -31.28 19.16
N LEU A 917 -23.22 -31.88 18.53
CA LEU A 917 -21.86 -31.37 18.68
C LEU A 917 -21.70 -29.97 18.10
N ALA A 918 -22.58 -29.55 17.21
CA ALA A 918 -22.43 -28.23 16.61
C ALA A 918 -22.53 -27.14 17.67
N ALA A 919 -23.48 -27.26 18.58
CA ALA A 919 -23.68 -26.26 19.62
C ALA A 919 -22.63 -26.30 20.71
N GLU A 920 -21.60 -27.15 20.59
CA GLU A 920 -20.62 -27.28 21.65
C GLU A 920 -19.85 -25.96 21.83
N ASP A 921 -19.37 -25.75 23.05
CA ASP A 921 -18.58 -24.57 23.37
C ASP A 921 -17.11 -24.89 23.15
N PRO A 922 -16.45 -24.32 22.14
CA PRO A 922 -15.05 -24.70 21.90
C PRO A 922 -14.07 -23.94 22.76
N VAL A 923 -14.45 -22.72 23.17
CA VAL A 923 -13.49 -21.84 23.82
C VAL A 923 -13.45 -22.00 25.34
N GLN A 924 -14.49 -22.56 25.95
CA GLN A 924 -14.54 -22.73 27.40
C GLN A 924 -14.11 -24.15 27.74
N HIS A 925 -12.96 -24.29 28.39
CA HIS A 925 -12.44 -25.61 28.74
C HIS A 925 -13.33 -26.31 29.76
N THR A 926 -13.65 -25.62 30.86
CA THR A 926 -14.57 -26.15 31.87
C THR A 926 -15.98 -25.69 31.53
N SER A 927 -16.49 -26.23 30.42
CA SER A 927 -17.69 -25.71 29.80
C SER A 927 -18.93 -26.08 30.59
N PHE A 928 -19.85 -25.13 30.71
CA PHE A 928 -21.15 -25.39 31.32
C PHE A 928 -22.03 -26.27 30.43
N ARG A 929 -21.68 -26.41 29.15
CA ARG A 929 -22.49 -27.17 28.20
C ARG A 929 -21.83 -28.44 27.70
N ASN A 930 -20.52 -28.59 27.88
CA ASN A 930 -19.85 -29.80 27.39
C ASN A 930 -20.32 -31.04 28.14
N HIS A 931 -20.61 -30.92 29.43
CA HIS A 931 -21.13 -32.08 30.14
C HIS A 931 -22.53 -32.43 29.68
N ILE A 932 -23.33 -31.42 29.36
CA ILE A 932 -24.67 -31.66 28.82
C ILE A 932 -24.57 -32.39 27.49
N LEU A 933 -23.69 -31.91 26.62
CA LEU A 933 -23.46 -32.61 25.36
C LEU A 933 -22.85 -33.98 25.58
N PHE A 934 -22.12 -34.18 26.69
CA PHE A 934 -21.64 -35.51 27.02
C PHE A 934 -22.80 -36.45 27.35
N TYR A 935 -23.80 -35.94 28.06
CA TYR A 935 -25.01 -36.73 28.31
C TYR A 935 -25.70 -37.09 27.00
N PHE A 936 -25.87 -36.10 26.11
CA PHE A 936 -26.43 -36.41 24.80
C PHE A 936 -25.58 -37.43 24.06
N ASP A 937 -24.25 -37.31 24.16
CA ASP A 937 -23.37 -38.24 23.48
C ASP A 937 -23.55 -39.66 24.02
N ILE A 938 -23.70 -39.80 25.33
CA ILE A 938 -23.93 -41.13 25.91
C ILE A 938 -25.25 -41.69 25.39
N VAL A 939 -26.30 -40.89 25.45
CA VAL A 939 -27.61 -41.37 25.03
C VAL A 939 -27.58 -41.80 23.57
N PHE A 940 -26.95 -40.98 22.73
CA PHE A 940 -26.93 -41.25 21.30
C PHE A 940 -25.97 -42.36 20.95
N THR A 941 -24.91 -42.56 21.74
CA THR A 941 -24.07 -43.74 21.57
C THR A 941 -24.87 -45.01 21.83
N THR A 942 -25.66 -45.02 22.90
CA THR A 942 -26.53 -46.17 23.14
C THR A 942 -27.48 -46.38 21.97
N ILE A 943 -28.14 -45.30 21.52
CA ILE A 943 -29.13 -45.41 20.47
C ILE A 943 -28.50 -45.94 19.19
N PHE A 944 -27.32 -45.42 18.83
CA PHE A 944 -26.67 -45.77 17.59
C PHE A 944 -25.88 -47.07 17.68
N THR A 945 -25.69 -47.62 18.88
CA THR A 945 -25.20 -48.98 19.02
C THR A 945 -26.32 -50.01 19.05
N LEU A 946 -27.55 -49.58 19.29
CA LEU A 946 -28.68 -50.51 19.20
C LEU A 946 -28.73 -51.15 17.81
N GLU A 947 -28.61 -50.34 16.76
CA GLU A 947 -28.64 -50.92 15.42
C GLU A 947 -27.37 -51.68 15.08
N ILE A 948 -26.24 -51.36 15.72
CA ILE A 948 -25.05 -52.18 15.55
C ILE A 948 -25.31 -53.58 16.10
N ILE A 949 -25.95 -53.66 17.27
CA ILE A 949 -26.36 -54.96 17.78
C ILE A 949 -27.35 -55.63 16.84
N LEU A 950 -28.27 -54.86 16.28
CA LEU A 950 -29.27 -55.40 15.37
C LEU A 950 -28.63 -56.03 14.13
N LYS A 951 -27.61 -55.37 13.58
CA LYS A 951 -27.06 -55.80 12.29
C LYS A 951 -26.54 -57.22 12.32
N MET A 952 -26.20 -57.75 13.49
CA MET A 952 -25.80 -59.16 13.57
C MET A 952 -26.93 -60.07 13.12
N THR A 953 -28.17 -59.71 13.43
CA THR A 953 -29.30 -60.55 13.05
C THR A 953 -29.40 -60.67 11.53
N ALA A 954 -29.23 -59.56 10.82
CA ALA A 954 -29.29 -59.60 9.37
C ALA A 954 -28.08 -60.32 8.80
N TYR A 955 -28.23 -60.81 7.57
CA TYR A 955 -27.13 -61.51 6.90
C TYR A 955 -25.90 -60.61 6.83
N GLY A 956 -24.76 -61.16 7.21
CA GLY A 956 -23.53 -60.39 7.25
C GLY A 956 -22.59 -60.81 8.36
N ALA A 957 -22.19 -59.87 9.20
CA ALA A 957 -21.24 -60.12 10.27
C ALA A 957 -19.93 -60.67 9.72
N PHE A 958 -19.57 -60.25 8.50
CA PHE A 958 -18.35 -60.68 7.83
C PHE A 958 -18.37 -62.19 7.58
N LEU A 959 -19.55 -62.79 7.70
CA LEU A 959 -19.77 -64.18 7.37
C LEU A 959 -20.95 -64.28 6.40
N HIS A 960 -21.37 -65.50 6.11
CA HIS A 960 -22.49 -65.73 5.19
C HIS A 960 -22.19 -65.12 3.82
N LYS A 961 -21.05 -65.53 3.26
CA LYS A 961 -20.52 -65.00 2.01
C LYS A 961 -20.14 -63.53 2.15
N GLY A 962 -20.02 -63.04 3.37
CA GLY A 962 -19.62 -61.67 3.60
C GLY A 962 -20.61 -60.67 3.04
N SER A 963 -21.90 -60.87 3.30
CA SER A 963 -22.89 -59.87 2.93
C SER A 963 -22.62 -58.55 3.62
N PHE A 964 -21.92 -58.57 4.76
CA PHE A 964 -21.56 -57.34 5.46
C PHE A 964 -20.40 -56.63 4.80
N CYS A 965 -19.46 -57.36 4.22
CA CYS A 965 -18.32 -56.76 3.55
C CYS A 965 -18.62 -56.34 2.12
N ARG A 966 -19.84 -56.58 1.65
CA ARG A 966 -20.25 -56.16 0.32
C ARG A 966 -20.89 -54.77 0.30
N ASN A 967 -21.08 -54.15 1.46
CA ASN A 967 -21.63 -52.79 1.57
C ASN A 967 -20.76 -52.03 2.56
N TYR A 968 -19.71 -51.38 2.05
CA TYR A 968 -18.79 -50.66 2.93
C TYR A 968 -19.49 -49.51 3.65
N PHE A 969 -20.55 -48.96 3.05
CA PHE A 969 -21.29 -47.91 3.73
C PHE A 969 -21.88 -48.40 5.03
N ASN A 970 -22.36 -49.65 5.06
CA ASN A 970 -22.82 -50.25 6.31
C ASN A 970 -21.68 -50.34 7.31
N ILE A 971 -20.49 -50.71 6.85
CA ILE A 971 -19.34 -50.80 7.73
C ILE A 971 -18.99 -49.41 8.27
N LEU A 972 -19.05 -48.40 7.41
CA LEU A 972 -18.73 -47.04 7.84
C LEU A 972 -19.60 -46.60 9.01
N ASP A 973 -20.78 -47.19 9.16
CA ASP A 973 -21.59 -46.90 10.35
C ASP A 973 -20.85 -47.32 11.61
N LEU A 974 -20.21 -48.49 11.59
CA LEU A 974 -19.48 -48.95 12.77
C LEU A 974 -18.27 -48.07 13.04
N LEU A 975 -17.55 -47.67 11.98
CA LEU A 975 -16.30 -46.92 12.17
C LEU A 975 -16.55 -45.66 12.97
N VAL A 976 -17.54 -44.87 12.56
CA VAL A 976 -17.89 -43.67 13.32
C VAL A 976 -18.35 -44.03 14.72
N VAL A 977 -19.16 -45.08 14.85
CA VAL A 977 -19.55 -45.55 16.18
C VAL A 977 -18.33 -46.03 16.95
N SER A 978 -17.42 -46.72 16.27
CA SER A 978 -16.22 -47.22 16.93
C SER A 978 -15.39 -46.06 17.50
N VAL A 979 -15.14 -45.04 16.68
CA VAL A 979 -14.37 -43.89 17.15
C VAL A 979 -15.10 -43.21 18.30
N SER A 980 -16.41 -43.03 18.17
CA SER A 980 -17.19 -42.50 19.28
C SER A 980 -17.00 -43.36 20.52
N LEU A 981 -17.10 -44.67 20.36
CA LEU A 981 -16.84 -45.58 21.47
C LEU A 981 -15.39 -45.49 21.92
N ILE A 982 -14.46 -45.47 20.96
CA ILE A 982 -13.04 -45.45 21.31
C ILE A 982 -12.70 -44.19 22.10
N SER A 983 -13.40 -43.09 21.83
CA SER A 983 -13.16 -41.87 22.59
C SER A 983 -13.35 -42.12 24.08
N PHE A 984 -14.41 -42.81 24.46
CA PHE A 984 -14.66 -43.10 25.87
C PHE A 984 -13.61 -44.07 26.41
N GLY A 985 -13.20 -45.05 25.59
CA GLY A 985 -12.27 -46.05 26.07
C GLY A 985 -10.98 -45.46 26.60
N ILE A 986 -10.46 -44.44 25.90
CA ILE A 986 -9.26 -43.74 26.35
C ILE A 986 -9.58 -42.44 27.05
N GLN A 987 -10.86 -42.11 27.22
CA GLN A 987 -11.23 -40.87 27.90
C GLN A 987 -10.72 -40.88 29.34
N SER A 988 -10.86 -42.01 30.04
CA SER A 988 -10.40 -42.10 31.42
C SER A 988 -8.88 -41.95 31.52
N SER A 989 -8.15 -42.18 30.43
CA SER A 989 -6.70 -42.05 30.47
C SER A 989 -6.25 -40.62 30.71
N ALA A 990 -7.09 -39.63 30.39
CA ALA A 990 -6.74 -38.22 30.52
C ALA A 990 -5.42 -37.94 29.80
N ILE A 991 -5.32 -38.43 28.57
CA ILE A 991 -4.09 -38.41 27.81
C ILE A 991 -4.37 -37.80 26.44
N ASN A 992 -3.30 -37.30 25.81
CA ASN A 992 -3.42 -36.55 24.57
C ASN A 992 -3.92 -37.40 23.40
N VAL A 993 -3.96 -38.72 23.55
CA VAL A 993 -4.40 -39.58 22.45
C VAL A 993 -5.82 -39.22 22.03
N VAL A 994 -6.70 -38.98 23.00
CA VAL A 994 -8.11 -38.74 22.70
C VAL A 994 -8.36 -37.43 21.98
N LYS A 995 -7.35 -36.57 21.86
CA LYS A 995 -7.58 -35.25 21.26
C LYS A 995 -8.03 -35.38 19.81
N ILE A 996 -7.42 -36.28 19.04
CA ILE A 996 -7.80 -36.44 17.65
C ILE A 996 -9.11 -37.20 17.51
N LEU A 997 -9.44 -38.04 18.50
CA LEU A 997 -10.67 -38.82 18.42
C LEU A 997 -11.89 -37.92 18.39
N ARG A 998 -11.89 -36.86 19.21
CA ARG A 998 -12.99 -35.92 19.18
C ARG A 998 -13.12 -35.27 17.80
N VAL A 999 -11.99 -34.88 17.21
CA VAL A 999 -12.01 -34.27 15.90
C VAL A 999 -12.63 -35.21 14.89
N LEU A 1000 -12.26 -36.48 14.94
CA LEU A 1000 -12.72 -37.44 13.93
C LEU A 1000 -14.15 -37.88 14.18
N ARG A 1001 -14.67 -37.72 15.40
CA ARG A 1001 -16.04 -38.13 15.70
C ARG A 1001 -17.07 -37.35 14.90
N VAL A 1002 -16.62 -36.34 14.14
CA VAL A 1002 -17.54 -35.52 13.35
C VAL A 1002 -18.11 -36.23 12.15
N LEU A 1003 -17.77 -37.50 11.93
CA LEU A 1003 -18.27 -38.22 10.75
C LEU A 1003 -19.74 -38.61 10.86
N ARG A 1004 -20.42 -38.25 11.95
CA ARG A 1004 -21.79 -38.69 12.14
C ARG A 1004 -22.72 -38.28 11.01
N PRO A 1005 -22.71 -37.05 10.53
CA PRO A 1005 -23.70 -36.66 9.51
C PRO A 1005 -23.65 -37.55 8.27
N LEU A 1006 -22.46 -37.99 7.87
CA LEU A 1006 -22.36 -38.82 6.67
C LEU A 1006 -23.15 -40.11 6.80
N ARG A 1007 -23.42 -40.55 8.03
CA ARG A 1007 -24.23 -41.76 8.21
C ARG A 1007 -25.57 -41.64 7.51
N ALA A 1008 -26.11 -40.42 7.40
CA ALA A 1008 -27.37 -40.22 6.69
C ALA A 1008 -27.25 -40.63 5.24
N ILE A 1009 -26.06 -40.55 4.65
CA ILE A 1009 -25.89 -40.92 3.25
C ILE A 1009 -26.33 -42.37 3.05
N ASN A 1010 -25.82 -43.28 3.87
CA ASN A 1010 -26.19 -44.68 3.75
C ASN A 1010 -27.65 -44.91 4.10
N ARG A 1011 -28.26 -44.03 4.89
CA ARG A 1011 -29.66 -44.15 5.28
C ARG A 1011 -30.58 -43.30 4.42
N ALA A 1012 -30.06 -42.63 3.41
CA ALA A 1012 -30.84 -41.83 2.48
C ALA A 1012 -30.82 -42.47 1.10
N LYS A 1013 -31.95 -42.40 0.41
CA LYS A 1013 -32.13 -43.07 -0.87
C LYS A 1013 -31.83 -42.18 -2.06
N GLY A 1014 -31.76 -40.86 -1.87
CA GLY A 1014 -31.42 -39.95 -2.94
C GLY A 1014 -30.03 -39.39 -2.76
N LEU A 1015 -29.63 -39.19 -1.51
CA LEU A 1015 -28.29 -38.70 -1.23
C LEU A 1015 -27.24 -39.67 -1.73
N LYS A 1016 -27.52 -40.97 -1.67
CA LYS A 1016 -26.61 -41.95 -2.26
C LYS A 1016 -26.46 -41.70 -3.76
N HIS A 1017 -27.58 -41.45 -4.46
CA HIS A 1017 -27.49 -41.17 -5.88
C HIS A 1017 -26.67 -39.93 -6.14
N VAL A 1018 -26.87 -38.88 -5.34
CA VAL A 1018 -26.12 -37.65 -5.53
C VAL A 1018 -24.63 -37.89 -5.36
N VAL A 1019 -24.25 -38.58 -4.27
CA VAL A 1019 -22.83 -38.75 -3.99
C VAL A 1019 -22.18 -39.66 -5.02
N GLN A 1020 -22.89 -40.70 -5.48
CA GLN A 1020 -22.33 -41.57 -6.51
C GLN A 1020 -22.16 -40.82 -7.83
N CYS A 1021 -23.13 -39.98 -8.19
CA CYS A 1021 -22.98 -39.18 -9.41
C CYS A 1021 -21.81 -38.22 -9.27
N VAL A 1022 -21.61 -37.67 -8.07
CA VAL A 1022 -20.47 -36.78 -7.85
C VAL A 1022 -19.16 -37.54 -8.03
N PHE A 1023 -19.07 -38.76 -7.49
CA PHE A 1023 -17.85 -39.55 -7.68
C PHE A 1023 -17.63 -39.86 -9.16
N VAL A 1024 -18.71 -40.16 -9.88
CA VAL A 1024 -18.59 -40.40 -11.32
C VAL A 1024 -18.05 -39.16 -12.01
N ALA A 1025 -18.56 -37.98 -11.62
CA ALA A 1025 -18.05 -36.74 -12.19
C ALA A 1025 -16.57 -36.59 -11.91
N ILE A 1026 -16.13 -36.92 -10.69
CA ILE A 1026 -14.71 -36.82 -10.35
C ILE A 1026 -13.89 -37.73 -11.26
N ARG A 1027 -14.36 -38.98 -11.43
CA ARG A 1027 -13.64 -39.91 -12.29
C ARG A 1027 -13.55 -39.39 -13.72
N THR A 1028 -14.60 -38.74 -14.20
CA THR A 1028 -14.53 -38.13 -15.52
C THR A 1028 -13.53 -36.98 -15.55
N ILE A 1029 -13.51 -36.17 -14.50
CA ILE A 1029 -12.64 -34.98 -14.46
C ILE A 1029 -11.18 -35.37 -14.38
N GLY A 1030 -10.88 -36.58 -13.91
CA GLY A 1030 -9.51 -37.01 -13.71
C GLY A 1030 -8.50 -36.52 -14.74
N ASN A 1031 -8.82 -36.66 -16.03
CA ASN A 1031 -7.85 -36.30 -17.06
C ASN A 1031 -7.54 -34.81 -17.03
N ILE A 1032 -8.57 -33.96 -17.06
CA ILE A 1032 -8.34 -32.52 -17.07
C ILE A 1032 -7.66 -32.08 -15.79
N VAL A 1033 -8.08 -32.62 -14.65
CA VAL A 1033 -7.47 -32.18 -13.40
C VAL A 1033 -5.99 -32.56 -13.38
N ILE A 1034 -5.64 -33.75 -13.89
CA ILE A 1034 -4.23 -34.12 -13.86
C ILE A 1034 -3.43 -33.26 -14.82
N VAL A 1035 -4.00 -32.92 -15.98
CA VAL A 1035 -3.27 -32.04 -16.90
C VAL A 1035 -3.03 -30.68 -16.25
N THR A 1036 -4.06 -30.13 -15.60
CA THR A 1036 -3.89 -28.84 -14.93
C THR A 1036 -2.83 -28.94 -13.84
N THR A 1037 -2.84 -30.02 -13.06
CA THR A 1037 -1.85 -30.16 -12.00
C THR A 1037 -0.45 -30.25 -12.57
N LEU A 1038 -0.26 -30.99 -13.67
CA LEU A 1038 1.07 -31.09 -14.25
C LEU A 1038 1.55 -29.76 -14.79
N LEU A 1039 0.68 -29.01 -15.44
CA LEU A 1039 1.10 -27.72 -15.98
C LEU A 1039 1.39 -26.73 -14.85
N GLN A 1040 0.60 -26.80 -13.77
CA GLN A 1040 0.90 -26.00 -12.59
C GLN A 1040 2.23 -26.37 -11.99
N PHE A 1041 2.56 -27.66 -11.98
CA PHE A 1041 3.88 -28.07 -11.50
C PHE A 1041 4.98 -27.50 -12.39
N MET A 1042 4.76 -27.50 -13.70
CA MET A 1042 5.69 -26.84 -14.60
C MET A 1042 5.94 -25.40 -14.20
N PHE A 1043 4.85 -24.65 -13.99
CA PHE A 1043 5.01 -23.24 -13.65
C PHE A 1043 5.63 -23.07 -12.27
N ALA A 1044 5.38 -24.00 -11.35
CA ALA A 1044 6.05 -23.94 -10.06
C ALA A 1044 7.55 -24.13 -10.22
N CYS A 1045 7.97 -25.06 -11.08
CA CYS A 1045 9.40 -25.26 -11.29
C CYS A 1045 10.03 -24.02 -11.90
N ILE A 1046 9.36 -23.41 -12.88
CA ILE A 1046 9.91 -22.20 -13.47
C ILE A 1046 9.99 -21.08 -12.43
N GLY A 1047 8.96 -20.96 -11.59
CA GLY A 1047 8.99 -19.95 -10.55
C GLY A 1047 10.10 -20.20 -9.54
N VAL A 1048 10.36 -21.46 -9.22
CA VAL A 1048 11.48 -21.77 -8.34
C VAL A 1048 12.78 -21.32 -8.97
N GLN A 1049 12.93 -21.56 -10.28
CA GLN A 1049 14.15 -21.14 -10.96
C GLN A 1049 14.29 -19.62 -10.95
N LEU A 1050 13.19 -18.88 -11.12
CA LEU A 1050 13.27 -17.43 -11.20
C LEU A 1050 13.47 -16.77 -9.84
N PHE A 1051 12.72 -17.20 -8.84
CA PHE A 1051 12.69 -16.50 -7.55
C PHE A 1051 13.14 -17.40 -6.41
N LYS A 1052 14.23 -18.13 -6.60
CA LYS A 1052 14.70 -19.04 -5.57
C LYS A 1052 15.25 -18.27 -4.38
N GLY A 1053 14.39 -17.56 -3.66
CA GLY A 1053 14.80 -16.84 -2.48
C GLY A 1053 15.08 -15.37 -2.68
N LYS A 1054 14.71 -14.80 -3.82
CA LYS A 1054 14.92 -13.38 -4.08
C LYS A 1054 13.75 -12.52 -3.62
N LEU A 1055 12.95 -13.01 -2.68
CA LEU A 1055 11.77 -12.29 -2.21
C LEU A 1055 11.93 -11.67 -0.84
N TYR A 1056 12.99 -12.00 -0.11
CA TYR A 1056 13.13 -11.50 1.25
C TYR A 1056 13.17 -9.97 1.25
N THR A 1057 12.62 -9.38 2.30
CA THR A 1057 12.64 -7.93 2.47
C THR A 1057 12.80 -7.59 3.93
N CYS A 1058 13.83 -6.82 4.25
CA CYS A 1058 14.02 -6.34 5.61
C CYS A 1058 12.91 -5.36 5.96
N SER A 1059 12.51 -5.36 7.23
CA SER A 1059 11.43 -4.47 7.66
C SER A 1059 11.74 -3.04 7.22
N ASP A 1060 12.94 -2.57 7.51
CA ASP A 1060 13.44 -1.35 6.89
C ASP A 1060 13.72 -1.60 5.42
N SER A 1061 13.41 -0.61 4.58
CA SER A 1061 13.60 -0.76 3.15
C SER A 1061 15.01 -0.43 2.70
N SER A 1062 15.87 0.06 3.59
CA SER A 1062 17.21 0.52 3.23
C SER A 1062 18.30 -0.39 3.80
N LYS A 1063 18.00 -1.67 3.98
CA LYS A 1063 18.96 -2.66 4.43
C LYS A 1063 18.76 -3.91 3.60
N GLN A 1064 19.51 -4.03 2.51
CA GLN A 1064 19.27 -5.09 1.53
C GLN A 1064 20.18 -6.29 1.75
N THR A 1065 20.10 -6.86 2.94
CA THR A 1065 20.75 -8.15 3.20
C THR A 1065 20.44 -8.58 4.63
N GLU A 1066 20.53 -9.88 4.86
CA GLU A 1066 20.23 -10.41 6.18
C GLU A 1066 21.21 -9.90 7.21
N ALA A 1067 22.49 -9.84 6.86
CA ALA A 1067 23.51 -9.46 7.83
C ALA A 1067 23.27 -8.05 8.36
N GLU A 1068 22.89 -7.12 7.49
CA GLU A 1068 22.71 -5.73 7.86
C GLU A 1068 21.26 -5.41 8.17
N CYS A 1069 20.47 -6.41 8.60
CA CYS A 1069 19.08 -6.21 8.98
C CYS A 1069 18.91 -6.80 10.38
N LYS A 1070 19.24 -5.99 11.39
CA LYS A 1070 19.15 -6.42 12.78
C LYS A 1070 19.03 -5.18 13.67
N GLY A 1071 18.57 -5.40 14.89
CA GLY A 1071 18.45 -4.33 15.85
C GLY A 1071 17.28 -3.42 15.54
N ASN A 1072 17.02 -2.45 16.41
CA ASN A 1072 15.87 -1.58 16.24
C ASN A 1072 16.15 -0.54 15.16
N TYR A 1073 15.09 0.13 14.74
CA TYR A 1073 15.19 1.23 13.79
C TYR A 1073 14.04 2.18 14.04
N ILE A 1074 13.95 3.22 13.21
CA ILE A 1074 12.99 4.30 13.42
C ILE A 1074 11.96 4.25 12.30
N THR A 1075 10.69 4.25 12.69
CA THR A 1075 9.58 4.36 11.75
C THR A 1075 8.66 5.48 12.22
N TYR A 1076 8.18 6.27 11.27
CA TYR A 1076 7.45 7.50 11.56
C TYR A 1076 5.97 7.27 11.37
N LYS A 1077 5.16 7.70 12.35
CA LYS A 1077 3.74 7.46 12.32
C LYS A 1077 3.08 8.34 11.27
N ASP A 1078 2.34 7.72 10.35
CA ASP A 1078 1.61 8.42 9.30
C ASP A 1078 2.53 9.30 8.46
N GLY A 1079 3.83 9.06 8.49
CA GLY A 1079 4.77 9.80 7.69
C GLY A 1079 5.14 11.16 8.26
N GLU A 1080 4.57 11.56 9.38
CA GLU A 1080 4.96 12.83 10.00
C GLU A 1080 6.44 12.79 10.34
N VAL A 1081 7.16 13.82 9.92
CA VAL A 1081 8.60 13.83 10.16
C VAL A 1081 8.89 13.77 11.64
N ASP A 1082 8.12 14.49 12.45
CA ASP A 1082 8.22 14.38 13.88
C ASP A 1082 7.47 13.13 14.36
N HIS A 1083 7.53 12.88 15.66
CA HIS A 1083 6.90 11.72 16.26
C HIS A 1083 7.48 10.43 15.69
N PRO A 1084 8.74 10.11 15.96
CA PRO A 1084 9.28 8.80 15.60
C PRO A 1084 8.74 7.68 16.48
N ILE A 1085 8.77 6.47 15.93
CA ILE A 1085 8.43 5.26 16.67
C ILE A 1085 9.53 4.24 16.44
N ILE A 1086 10.05 3.69 17.53
CA ILE A 1086 11.12 2.71 17.46
C ILE A 1086 10.51 1.33 17.24
N GLN A 1087 11.00 0.62 16.24
CA GLN A 1087 10.52 -0.72 15.92
C GLN A 1087 11.69 -1.61 15.57
N PRO A 1088 11.56 -2.92 15.78
CA PRO A 1088 12.64 -3.85 15.45
C PRO A 1088 12.68 -4.13 13.95
N ARG A 1089 13.81 -4.68 13.51
CA ARG A 1089 14.00 -5.11 12.15
C ARG A 1089 13.87 -6.62 12.06
N SER A 1090 13.12 -7.09 11.08
CA SER A 1090 12.92 -8.52 10.87
C SER A 1090 13.17 -8.85 9.40
N TRP A 1091 14.04 -9.82 9.16
CA TRP A 1091 14.39 -10.24 7.80
C TRP A 1091 13.40 -11.31 7.34
N GLU A 1092 12.14 -10.91 7.20
CA GLU A 1092 11.08 -11.85 6.90
C GLU A 1092 10.95 -12.07 5.40
N ASN A 1093 10.55 -13.29 5.04
CA ASN A 1093 10.23 -13.64 3.67
C ASN A 1093 8.84 -13.12 3.32
N SER A 1094 8.47 -13.24 2.04
CA SER A 1094 7.10 -12.97 1.67
C SER A 1094 6.18 -14.03 2.26
N LYS A 1095 4.90 -13.69 2.36
CA LYS A 1095 3.94 -14.64 2.88
C LYS A 1095 4.02 -15.96 2.14
N PHE A 1096 4.08 -15.90 0.81
CA PHE A 1096 4.20 -17.08 -0.03
C PHE A 1096 5.46 -16.94 -0.86
N ASP A 1097 6.32 -17.95 -0.80
CA ASP A 1097 7.65 -17.90 -1.37
C ASP A 1097 7.87 -19.05 -2.31
N PHE A 1098 8.85 -18.90 -3.20
CA PHE A 1098 9.21 -19.94 -4.14
C PHE A 1098 10.48 -20.65 -3.69
N ASP A 1099 10.65 -20.79 -2.38
CA ASP A 1099 11.83 -21.48 -1.87
C ASP A 1099 11.89 -22.92 -2.38
N ASN A 1100 10.76 -23.62 -2.36
CA ASN A 1100 10.68 -25.02 -2.70
C ASN A 1100 9.66 -25.25 -3.79
N VAL A 1101 9.69 -26.42 -4.40
CA VAL A 1101 8.69 -26.77 -5.39
C VAL A 1101 7.32 -26.83 -4.75
N LEU A 1102 7.22 -27.39 -3.54
CA LEU A 1102 5.95 -27.41 -2.84
C LEU A 1102 5.48 -25.99 -2.52
N ALA A 1103 6.36 -25.16 -1.97
CA ALA A 1103 5.97 -23.79 -1.68
C ALA A 1103 5.62 -23.04 -2.95
N ALA A 1104 6.34 -23.30 -4.04
CA ALA A 1104 6.01 -22.65 -5.30
C ALA A 1104 4.64 -23.07 -5.80
N MET A 1105 4.32 -24.36 -5.71
CA MET A 1105 2.98 -24.80 -6.10
C MET A 1105 1.94 -24.15 -5.22
N MET A 1106 2.22 -24.02 -3.92
CA MET A 1106 1.27 -23.39 -3.01
C MET A 1106 1.00 -21.95 -3.43
N ALA A 1107 2.07 -21.16 -3.60
CA ALA A 1107 1.90 -19.77 -3.98
C ALA A 1107 1.18 -19.64 -5.31
N LEU A 1108 1.62 -20.39 -6.32
CA LEU A 1108 0.97 -20.33 -7.62
C LEU A 1108 -0.47 -20.80 -7.55
N PHE A 1109 -0.83 -21.61 -6.56
CA PHE A 1109 -2.23 -21.91 -6.36
C PHE A 1109 -2.98 -20.71 -5.80
N THR A 1110 -2.36 -19.97 -4.87
CA THR A 1110 -3.02 -18.76 -4.40
C THR A 1110 -3.24 -17.78 -5.54
N VAL A 1111 -2.28 -17.69 -6.46
CA VAL A 1111 -2.45 -16.81 -7.61
C VAL A 1111 -3.60 -17.28 -8.48
N SER A 1112 -3.79 -18.59 -8.58
CA SER A 1112 -4.89 -19.12 -9.38
C SER A 1112 -6.25 -18.80 -8.79
N THR A 1113 -6.30 -18.36 -7.53
CA THR A 1113 -7.55 -17.97 -6.91
C THR A 1113 -7.83 -16.48 -6.98
N PHE A 1114 -6.95 -15.70 -7.60
CA PHE A 1114 -7.14 -14.26 -7.72
C PHE A 1114 -7.36 -13.60 -6.36
N GLU A 1115 -6.61 -14.06 -5.37
CA GLU A 1115 -6.63 -13.41 -4.06
C GLU A 1115 -5.23 -13.42 -3.50
N GLY A 1116 -4.76 -12.25 -3.08
CA GLY A 1116 -3.36 -12.11 -2.72
C GLY A 1116 -2.44 -12.07 -3.90
N TRP A 1117 -2.98 -11.88 -5.10
CA TRP A 1117 -2.13 -11.88 -6.30
C TRP A 1117 -1.28 -10.63 -6.38
N PRO A 1118 -1.84 -9.42 -6.45
CA PRO A 1118 -0.99 -8.24 -6.72
C PRO A 1118 0.11 -8.05 -5.70
N GLU A 1119 -0.11 -8.42 -4.44
CA GLU A 1119 0.97 -8.31 -3.46
C GLU A 1119 2.14 -9.18 -3.87
N LEU A 1120 1.87 -10.42 -4.28
CA LEU A 1120 2.93 -11.30 -4.75
C LEU A 1120 3.57 -10.76 -6.02
N LEU A 1121 2.77 -10.23 -6.94
CA LEU A 1121 3.31 -9.72 -8.19
C LEU A 1121 4.27 -8.57 -7.94
N TYR A 1122 3.91 -7.65 -7.05
CA TYR A 1122 4.73 -6.48 -6.79
C TYR A 1122 5.82 -6.74 -5.76
N ARG A 1123 5.80 -7.89 -5.10
CA ARG A 1123 6.98 -8.31 -4.34
C ARG A 1123 7.96 -9.09 -5.21
N SER A 1124 7.48 -9.76 -6.24
CA SER A 1124 8.35 -10.45 -7.17
C SER A 1124 8.98 -9.52 -8.19
N ILE A 1125 8.26 -8.49 -8.64
CA ILE A 1125 8.84 -7.53 -9.57
C ILE A 1125 10.08 -6.90 -8.95
N ASP A 1126 10.09 -6.75 -7.63
CA ASP A 1126 11.21 -6.15 -6.92
C ASP A 1126 12.17 -7.22 -6.43
N SER A 1127 12.56 -8.13 -7.31
CA SER A 1127 13.46 -9.23 -6.96
C SER A 1127 14.80 -8.97 -7.63
N HIS A 1128 15.81 -8.63 -6.82
CA HIS A 1128 17.11 -8.23 -7.35
C HIS A 1128 18.06 -9.41 -7.50
N THR A 1129 18.38 -10.09 -6.42
CA THR A 1129 19.36 -11.16 -6.44
C THR A 1129 19.11 -12.07 -5.26
N GLU A 1130 19.64 -13.29 -5.36
CA GLU A 1130 19.42 -14.27 -4.30
C GLU A 1130 19.93 -13.73 -2.97
N ASP A 1131 19.08 -13.80 -1.95
CA ASP A 1131 19.42 -13.35 -0.61
C ASP A 1131 19.74 -11.85 -0.60
N LYS A 1132 18.80 -11.06 -1.12
CA LYS A 1132 18.94 -9.61 -1.09
C LYS A 1132 17.55 -8.98 -1.15
N GLY A 1133 17.43 -7.79 -0.56
CA GLY A 1133 16.16 -7.14 -0.45
C GLY A 1133 15.66 -6.63 -1.79
N PRO A 1134 14.45 -6.10 -1.79
CA PRO A 1134 13.83 -5.68 -3.04
C PRO A 1134 14.34 -4.32 -3.52
N ILE A 1135 14.15 -4.09 -4.81
CA ILE A 1135 14.50 -2.82 -5.45
C ILE A 1135 13.31 -2.38 -6.30
N TYR A 1136 12.88 -1.14 -6.11
CA TYR A 1136 11.65 -0.68 -6.73
C TYR A 1136 11.69 -0.87 -8.24
N ASN A 1137 10.78 -1.68 -8.76
CA ASN A 1137 10.62 -1.89 -10.20
C ASN A 1137 11.95 -2.25 -10.85
N TYR A 1138 12.70 -3.15 -10.22
CA TYR A 1138 13.94 -3.59 -10.84
C TYR A 1138 13.67 -4.20 -12.19
N ARG A 1139 12.93 -5.31 -12.24
CA ARG A 1139 12.57 -5.98 -13.48
C ARG A 1139 11.06 -6.09 -13.54
N VAL A 1140 10.42 -5.23 -14.33
CA VAL A 1140 8.99 -5.31 -14.54
C VAL A 1140 8.62 -6.29 -15.64
N GLU A 1141 9.61 -6.87 -16.33
CA GLU A 1141 9.33 -7.91 -17.30
C GLU A 1141 8.81 -9.18 -16.64
N ILE A 1142 9.09 -9.35 -15.34
CA ILE A 1142 8.67 -10.57 -14.65
C ILE A 1142 7.17 -10.76 -14.75
N SER A 1143 6.43 -9.67 -14.94
CA SER A 1143 4.98 -9.79 -15.01
C SER A 1143 4.54 -10.73 -16.12
N ILE A 1144 5.39 -10.96 -17.12
CA ILE A 1144 5.05 -11.92 -18.17
C ILE A 1144 4.79 -13.29 -17.57
N PHE A 1145 5.61 -13.70 -16.61
CA PHE A 1145 5.40 -14.99 -15.96
C PHE A 1145 4.03 -15.04 -15.31
N PHE A 1146 3.69 -14.01 -14.54
CA PHE A 1146 2.42 -14.01 -13.84
C PHE A 1146 1.25 -13.82 -14.80
N ILE A 1147 1.42 -13.01 -15.84
CA ILE A 1147 0.35 -12.83 -16.81
C ILE A 1147 0.05 -14.15 -17.50
N ILE A 1148 1.09 -14.83 -17.97
CA ILE A 1148 0.89 -16.09 -18.68
C ILE A 1148 0.30 -17.14 -17.75
N TYR A 1149 0.83 -17.25 -16.54
CA TYR A 1149 0.27 -18.21 -15.59
C TYR A 1149 -1.20 -17.91 -15.35
N ILE A 1150 -1.53 -16.65 -15.05
CA ILE A 1150 -2.91 -16.28 -14.81
C ILE A 1150 -3.77 -16.75 -15.97
N ILE A 1151 -3.51 -16.22 -17.16
CA ILE A 1151 -4.39 -16.57 -18.27
C ILE A 1151 -4.50 -18.07 -18.40
N ILE A 1152 -3.38 -18.77 -18.63
CA ILE A 1152 -3.46 -20.18 -18.95
C ILE A 1152 -4.16 -20.90 -17.81
N ILE A 1153 -3.54 -21.01 -16.65
CA ILE A 1153 -4.13 -21.85 -15.61
C ILE A 1153 -5.49 -21.31 -15.29
N ALA A 1154 -5.57 -20.12 -14.67
CA ALA A 1154 -6.85 -19.73 -14.13
C ALA A 1154 -7.87 -19.69 -15.25
N PHE A 1155 -7.73 -18.74 -16.18
CA PHE A 1155 -8.81 -18.56 -17.13
C PHE A 1155 -9.01 -19.84 -17.94
N PHE A 1156 -8.00 -20.24 -18.70
CA PHE A 1156 -8.21 -21.32 -19.66
C PHE A 1156 -8.59 -22.61 -18.97
N MET A 1157 -7.83 -23.05 -17.98
CA MET A 1157 -8.05 -24.38 -17.44
C MET A 1157 -9.27 -24.45 -16.52
N MET A 1158 -9.55 -23.42 -15.70
CA MET A 1158 -10.80 -23.49 -14.94
C MET A 1158 -12.01 -23.36 -15.85
N ASN A 1159 -11.92 -22.57 -16.93
CA ASN A 1159 -13.02 -22.55 -17.88
C ASN A 1159 -13.13 -23.88 -18.61
N ILE A 1160 -12.02 -24.58 -18.82
CA ILE A 1160 -12.08 -25.93 -19.37
C ILE A 1160 -12.75 -26.87 -18.38
N PHE A 1161 -12.49 -26.69 -17.10
CA PHE A 1161 -13.21 -27.47 -16.09
C PHE A 1161 -14.72 -27.27 -16.23
N VAL A 1162 -15.14 -26.01 -16.29
CA VAL A 1162 -16.58 -25.74 -16.37
C VAL A 1162 -17.15 -26.29 -17.67
N GLY A 1163 -16.48 -26.06 -18.79
CA GLY A 1163 -16.98 -26.57 -20.06
C GLY A 1163 -17.01 -28.09 -20.10
N PHE A 1164 -16.01 -28.73 -19.50
CA PHE A 1164 -15.95 -30.18 -19.48
C PHE A 1164 -17.06 -30.75 -18.62
N VAL A 1165 -17.33 -30.14 -17.47
CA VAL A 1165 -18.46 -30.58 -16.65
C VAL A 1165 -19.76 -30.38 -17.40
N ILE A 1166 -19.89 -29.26 -18.11
CA ILE A 1166 -21.11 -29.01 -18.89
C ILE A 1166 -21.30 -30.09 -19.92
N VAL A 1167 -20.22 -30.42 -20.65
CA VAL A 1167 -20.31 -31.42 -21.70
C VAL A 1167 -20.64 -32.78 -21.10
N THR A 1168 -20.01 -33.14 -19.99
CA THR A 1168 -20.28 -34.42 -19.37
C THR A 1168 -21.72 -34.52 -18.90
N PHE A 1169 -22.25 -33.47 -18.29
CA PHE A 1169 -23.63 -33.51 -17.83
C PHE A 1169 -24.61 -33.53 -19.01
N GLN A 1170 -24.28 -32.83 -20.10
CA GLN A 1170 -25.11 -32.91 -21.28
C GLN A 1170 -25.14 -34.32 -21.84
N GLU A 1171 -23.98 -34.97 -21.89
CA GLU A 1171 -23.93 -36.34 -22.37
C GLU A 1171 -24.73 -37.28 -21.47
N GLN A 1172 -24.60 -37.11 -20.15
CA GLN A 1172 -25.34 -37.97 -19.23
C GLN A 1172 -26.84 -37.75 -19.36
N GLY A 1173 -27.27 -36.49 -19.53
CA GLY A 1173 -28.69 -36.22 -19.66
C GLY A 1173 -29.30 -36.82 -20.90
N GLU A 1174 -28.55 -36.88 -22.00
CA GLU A 1174 -29.01 -37.48 -23.24
C GLU A 1174 -28.74 -38.97 -23.31
N GLN A 1175 -28.62 -39.64 -22.16
CA GLN A 1175 -28.46 -41.08 -22.16
C GLN A 1175 -29.64 -41.76 -22.85
N GLU A 1176 -30.85 -41.30 -22.54
CA GLU A 1176 -32.06 -41.78 -23.21
C GLU A 1176 -32.31 -40.93 -24.46
N TYR A 1177 -31.33 -40.96 -25.37
CA TYR A 1177 -31.36 -40.09 -26.53
C TYR A 1177 -32.58 -40.39 -27.41
N LYS A 1178 -32.87 -41.66 -27.64
CA LYS A 1178 -34.03 -42.08 -28.42
C LYS A 1178 -34.09 -41.33 -29.75
N ASN A 1179 -33.06 -41.55 -30.57
CA ASN A 1179 -33.01 -40.91 -31.87
C ASN A 1179 -34.09 -41.44 -32.82
N CYS A 1180 -34.62 -42.64 -32.57
CA CYS A 1180 -35.65 -43.17 -33.44
C CYS A 1180 -36.91 -42.30 -33.42
N GLU A 1181 -37.32 -41.85 -32.24
CA GLU A 1181 -38.49 -41.00 -32.15
C GLU A 1181 -38.16 -39.59 -32.66
N LEU A 1182 -39.20 -38.80 -32.87
CA LEU A 1182 -39.06 -37.50 -33.50
C LEU A 1182 -38.66 -36.46 -32.46
N ASP A 1183 -38.74 -35.18 -32.82
CA ASP A 1183 -38.27 -34.09 -31.99
C ASP A 1183 -38.86 -34.16 -30.58
N LYS A 1184 -38.19 -33.52 -29.64
CA LYS A 1184 -38.68 -33.46 -28.27
C LYS A 1184 -39.75 -32.39 -28.09
N ASN A 1185 -39.90 -31.48 -29.05
CA ASN A 1185 -41.00 -30.52 -28.99
C ASN A 1185 -42.33 -31.25 -28.97
N GLN A 1186 -42.50 -32.24 -29.85
CA GLN A 1186 -43.72 -33.03 -29.80
C GLN A 1186 -43.81 -33.82 -28.50
N ARG A 1187 -42.68 -34.22 -27.93
CA ARG A 1187 -42.70 -34.90 -26.64
C ARG A 1187 -43.37 -34.01 -25.61
N GLN A 1188 -42.90 -32.77 -25.48
CA GLN A 1188 -43.51 -31.85 -24.53
C GLN A 1188 -44.97 -31.59 -24.85
N CYS A 1189 -45.28 -31.40 -26.14
CA CYS A 1189 -46.65 -31.06 -26.51
C CYS A 1189 -47.61 -32.20 -26.16
N VAL A 1190 -47.26 -33.44 -26.55
CA VAL A 1190 -48.13 -34.57 -26.25
C VAL A 1190 -48.21 -34.84 -24.76
N GLU A 1191 -47.12 -34.62 -24.01
CA GLU A 1191 -47.23 -34.70 -22.56
C GLU A 1191 -48.19 -33.64 -22.03
N TYR A 1192 -48.27 -32.49 -22.70
CA TYR A 1192 -49.27 -31.48 -22.39
C TYR A 1192 -50.63 -31.77 -22.99
N ALA A 1193 -50.77 -32.86 -23.74
CA ALA A 1193 -52.05 -33.16 -24.39
C ALA A 1193 -53.20 -33.24 -23.40
N LEU A 1194 -52.93 -33.24 -22.09
CA LEU A 1194 -53.95 -33.19 -21.07
C LEU A 1194 -54.33 -31.76 -20.68
N LYS A 1195 -54.09 -30.80 -21.55
CA LYS A 1195 -54.36 -29.39 -21.29
C LYS A 1195 -55.78 -29.05 -21.75
N ALA A 1196 -56.10 -27.77 -21.85
CA ALA A 1196 -57.47 -27.28 -22.06
C ALA A 1196 -58.34 -27.61 -20.85
N ARG A 1197 -57.94 -27.04 -19.72
CA ARG A 1197 -58.61 -27.19 -18.43
C ARG A 1197 -59.30 -25.88 -18.06
N PRO A 1198 -60.26 -25.93 -17.13
CA PRO A 1198 -60.95 -24.69 -16.73
C PRO A 1198 -59.98 -23.67 -16.16
N LEU A 1199 -60.25 -22.40 -16.44
CA LEU A 1199 -59.45 -21.29 -15.93
C LEU A 1199 -60.38 -20.28 -15.26
N ARG A 1200 -60.00 -19.85 -14.07
CA ARG A 1200 -60.86 -19.00 -13.26
C ARG A 1200 -60.88 -17.58 -13.82
N ARG A 1201 -62.07 -17.12 -14.22
CA ARG A 1201 -62.27 -15.74 -14.65
C ARG A 1201 -63.30 -15.01 -13.79
N TYR A 1202 -64.46 -15.61 -13.57
CA TYR A 1202 -65.51 -15.06 -12.73
C TYR A 1202 -65.82 -13.60 -13.13
N ILE A 1203 -66.34 -13.46 -14.34
CA ILE A 1203 -66.83 -12.17 -14.79
C ILE A 1203 -67.94 -11.76 -13.83
N PRO A 1204 -67.81 -10.63 -13.14
CA PRO A 1204 -68.84 -10.28 -12.16
C PRO A 1204 -70.22 -10.16 -12.78
N LYS A 1205 -71.22 -10.59 -12.02
CA LYS A 1205 -72.61 -10.52 -12.47
C LYS A 1205 -73.25 -9.18 -12.14
N ASN A 1206 -73.01 -8.65 -10.95
CA ASN A 1206 -73.57 -7.36 -10.58
C ASN A 1206 -72.92 -6.25 -11.41
N GLN A 1207 -73.75 -5.38 -11.98
CA GLN A 1207 -73.23 -4.32 -12.84
C GLN A 1207 -72.35 -3.36 -12.06
N HIS A 1208 -72.73 -3.07 -10.81
CA HIS A 1208 -71.86 -2.25 -9.96
C HIS A 1208 -70.51 -2.92 -9.78
N GLN A 1209 -70.50 -4.24 -9.59
CA GLN A 1209 -69.25 -4.98 -9.57
C GLN A 1209 -68.56 -4.91 -10.93
N TYR A 1210 -69.34 -4.93 -12.01
CA TYR A 1210 -68.75 -4.99 -13.34
C TYR A 1210 -67.99 -3.71 -13.69
N LYS A 1211 -68.50 -2.55 -13.28
CA LYS A 1211 -67.79 -1.31 -13.59
C LYS A 1211 -66.39 -1.31 -12.96
N VAL A 1212 -66.31 -1.62 -11.67
CA VAL A 1212 -65.01 -1.65 -11.00
C VAL A 1212 -64.14 -2.75 -11.57
N TRP A 1213 -64.74 -3.88 -11.96
CA TRP A 1213 -63.96 -4.95 -12.56
C TRP A 1213 -63.35 -4.50 -13.88
N TYR A 1214 -64.14 -3.84 -14.72
CA TYR A 1214 -63.62 -3.39 -16.01
C TYR A 1214 -62.54 -2.34 -15.84
N VAL A 1215 -62.74 -1.37 -14.95
CA VAL A 1215 -61.73 -0.34 -14.78
C VAL A 1215 -60.46 -0.94 -14.17
N VAL A 1216 -60.61 -1.89 -13.25
CA VAL A 1216 -59.45 -2.49 -12.62
C VAL A 1216 -58.68 -3.35 -13.60
N ASN A 1217 -59.39 -4.17 -14.37
CA ASN A 1217 -58.75 -5.13 -15.25
C ASN A 1217 -58.28 -4.53 -16.57
N SER A 1218 -58.59 -3.26 -16.84
CA SER A 1218 -58.08 -2.62 -18.03
C SER A 1218 -56.58 -2.40 -17.91
N THR A 1219 -55.87 -2.57 -19.03
CA THR A 1219 -54.42 -2.41 -19.01
C THR A 1219 -54.02 -1.02 -18.54
N TYR A 1220 -54.88 -0.03 -18.74
CA TYR A 1220 -54.57 1.32 -18.27
C TYR A 1220 -54.37 1.33 -16.77
N PHE A 1221 -55.21 0.62 -16.03
CA PHE A 1221 -55.06 0.56 -14.58
C PHE A 1221 -53.72 -0.06 -14.19
N GLU A 1222 -53.33 -1.14 -14.85
CA GLU A 1222 -52.05 -1.78 -14.54
C GLU A 1222 -50.89 -0.84 -14.82
N TYR A 1223 -50.92 -0.16 -15.96
CA TYR A 1223 -49.86 0.80 -16.26
C TYR A 1223 -49.81 1.89 -15.21
N LEU A 1224 -50.97 2.40 -14.81
CA LEU A 1224 -51.02 3.44 -13.79
C LEU A 1224 -50.42 2.95 -12.49
N MET A 1225 -50.75 1.72 -12.09
CA MET A 1225 -50.25 1.22 -10.82
C MET A 1225 -48.74 1.00 -10.87
N PHE A 1226 -48.22 0.59 -12.03
CA PHE A 1226 -46.77 0.51 -12.20
C PHE A 1226 -46.14 1.88 -12.05
N VAL A 1227 -46.77 2.91 -12.62
CA VAL A 1227 -46.21 4.26 -12.44
C VAL A 1227 -46.25 4.65 -10.97
N LEU A 1228 -47.33 4.29 -10.26
CA LEU A 1228 -47.39 4.59 -8.83
C LEU A 1228 -46.25 3.92 -8.07
N ILE A 1229 -46.00 2.65 -8.33
CA ILE A 1229 -44.93 1.96 -7.60
C ILE A 1229 -43.58 2.54 -7.97
N LEU A 1230 -43.39 2.90 -9.24
CA LEU A 1230 -42.12 3.49 -9.65
C LEU A 1230 -41.88 4.80 -8.93
N LEU A 1231 -42.91 5.65 -8.86
CA LEU A 1231 -42.77 6.91 -8.13
C LEU A 1231 -42.54 6.64 -6.65
N ASN A 1232 -43.16 5.60 -6.10
CA ASN A 1232 -42.93 5.29 -4.69
C ASN A 1232 -41.48 4.92 -4.45
N THR A 1233 -40.88 4.12 -5.33
CA THR A 1233 -39.46 3.81 -5.19
C THR A 1233 -38.59 5.04 -5.37
N ILE A 1234 -38.94 5.93 -6.31
CA ILE A 1234 -38.19 7.16 -6.44
C ILE A 1234 -38.25 7.97 -5.15
N CYS A 1235 -39.42 7.98 -4.50
CA CYS A 1235 -39.52 8.64 -3.20
C CYS A 1235 -38.63 7.96 -2.17
N LEU A 1236 -38.65 6.63 -2.13
CA LEU A 1236 -37.83 5.91 -1.16
C LEU A 1236 -36.36 6.26 -1.32
N ALA A 1237 -35.85 6.22 -2.56
CA ALA A 1237 -34.44 6.44 -2.79
C ALA A 1237 -34.01 7.87 -2.51
N MET A 1238 -34.96 8.81 -2.40
CA MET A 1238 -34.60 10.21 -2.29
C MET A 1238 -33.85 10.51 -1.00
N GLN A 1239 -34.30 9.94 0.12
CA GLN A 1239 -33.78 10.33 1.41
C GLN A 1239 -32.28 10.07 1.49
N HIS A 1240 -31.59 10.95 2.22
CA HIS A 1240 -30.14 10.85 2.36
C HIS A 1240 -29.72 11.43 3.69
N TYR A 1241 -28.49 11.14 4.07
CA TYR A 1241 -27.98 11.54 5.38
C TYR A 1241 -27.93 13.06 5.46
N GLY A 1242 -28.02 13.57 6.68
CA GLY A 1242 -28.09 15.01 6.86
C GLY A 1242 -29.35 15.59 6.25
N GLN A 1243 -30.48 14.94 6.46
CA GLN A 1243 -31.72 15.35 5.81
C GLN A 1243 -32.36 16.52 6.54
N SER A 1244 -33.14 17.30 5.80
CA SER A 1244 -33.84 18.45 6.36
C SER A 1244 -35.16 18.03 6.99
N CYS A 1245 -35.51 18.65 8.11
CA CYS A 1245 -36.75 18.32 8.78
C CYS A 1245 -37.94 18.54 7.86
N LEU A 1246 -37.94 19.64 7.11
CA LEU A 1246 -38.97 19.86 6.11
C LEU A 1246 -38.98 18.73 5.08
N PHE A 1247 -37.79 18.30 4.66
CA PHE A 1247 -37.70 17.21 3.70
C PHE A 1247 -38.27 15.92 4.28
N LYS A 1248 -37.96 15.64 5.54
CA LYS A 1248 -38.52 14.46 6.19
C LYS A 1248 -40.03 14.54 6.26
N ILE A 1249 -40.57 15.72 6.57
CA ILE A 1249 -42.02 15.88 6.61
C ILE A 1249 -42.62 15.63 5.24
N ALA A 1250 -42.00 16.17 4.19
CA ALA A 1250 -42.52 15.97 2.84
C ALA A 1250 -42.51 14.50 2.47
N MET A 1251 -41.44 13.79 2.84
CA MET A 1251 -41.39 12.37 2.55
C MET A 1251 -42.44 11.59 3.33
N ASN A 1252 -42.71 11.99 4.57
CA ASN A 1252 -43.79 11.36 5.31
C ASN A 1252 -45.14 11.59 4.63
N ILE A 1253 -45.36 12.80 4.13
CA ILE A 1253 -46.59 13.10 3.40
C ILE A 1253 -46.71 12.20 2.17
N LEU A 1254 -45.64 12.11 1.39
CA LEU A 1254 -45.69 11.27 0.19
C LEU A 1254 -45.86 9.80 0.56
N ASN A 1255 -45.25 9.37 1.66
CA ASN A 1255 -45.43 8.01 2.13
C ASN A 1255 -46.89 7.71 2.42
N MET A 1256 -47.54 8.60 3.18
CA MET A 1256 -48.96 8.41 3.47
C MET A 1256 -49.78 8.42 2.19
N LEU A 1257 -49.45 9.32 1.26
CA LEU A 1257 -50.19 9.39 0.01
C LEU A 1257 -50.09 8.08 -0.77
N PHE A 1258 -48.88 7.53 -0.87
CA PHE A 1258 -48.69 6.33 -1.67
C PHE A 1258 -49.33 5.12 -1.01
N THR A 1259 -49.19 4.99 0.30
CA THR A 1259 -49.88 3.90 0.98
C THR A 1259 -51.39 4.04 0.83
N GLY A 1260 -51.90 5.28 0.80
CA GLY A 1260 -53.32 5.47 0.54
C GLY A 1260 -53.72 5.01 -0.84
N LEU A 1261 -52.93 5.36 -1.86
CA LEU A 1261 -53.24 4.91 -3.20
C LEU A 1261 -53.22 3.39 -3.29
N PHE A 1262 -52.28 2.74 -2.62
CA PHE A 1262 -52.23 1.28 -2.67
C PHE A 1262 -53.37 0.65 -1.88
N THR A 1263 -53.82 1.30 -0.80
CA THR A 1263 -55.02 0.83 -0.12
C THR A 1263 -56.24 0.96 -1.04
N VAL A 1264 -56.28 2.02 -1.84
CA VAL A 1264 -57.35 2.14 -2.83
C VAL A 1264 -57.25 1.00 -3.84
N GLU A 1265 -56.03 0.69 -4.30
CA GLU A 1265 -55.81 -0.51 -5.09
C GLU A 1265 -56.50 -1.71 -4.47
N MET A 1266 -56.16 -1.98 -3.21
CA MET A 1266 -56.67 -3.15 -2.52
C MET A 1266 -58.20 -3.14 -2.46
N ILE A 1267 -58.77 -2.01 -2.05
CA ILE A 1267 -60.21 -1.96 -1.86
C ILE A 1267 -60.93 -2.14 -3.19
N LEU A 1268 -60.42 -1.50 -4.25
CA LEU A 1268 -61.04 -1.65 -5.56
C LEU A 1268 -60.95 -3.10 -6.03
N LYS A 1269 -59.82 -3.77 -5.79
CA LYS A 1269 -59.73 -5.18 -6.16
C LYS A 1269 -60.72 -6.02 -5.38
N LEU A 1270 -60.86 -5.76 -4.08
CA LEU A 1270 -61.80 -6.52 -3.27
C LEU A 1270 -63.22 -6.33 -3.76
N ILE A 1271 -63.60 -5.09 -4.09
CA ILE A 1271 -64.94 -4.84 -4.61
C ILE A 1271 -65.10 -5.53 -5.97
N ALA A 1272 -64.03 -5.56 -6.76
CA ALA A 1272 -64.08 -6.24 -8.05
C ALA A 1272 -64.39 -7.72 -7.87
N PHE A 1273 -63.76 -8.36 -6.89
CA PHE A 1273 -64.10 -9.74 -6.56
C PHE A 1273 -63.73 -10.04 -5.11
N LYS A 1274 -64.43 -11.02 -4.55
CA LYS A 1274 -64.46 -11.22 -3.11
C LYS A 1274 -63.15 -11.84 -2.61
N PRO A 1275 -62.93 -11.82 -1.30
CA PRO A 1275 -61.67 -12.35 -0.74
C PRO A 1275 -61.30 -13.73 -1.26
N LYS A 1276 -62.26 -14.64 -1.43
CA LYS A 1276 -61.93 -15.98 -1.91
C LYS A 1276 -61.25 -15.91 -3.26
N GLY A 1277 -61.74 -15.06 -4.16
CA GLY A 1277 -61.07 -14.83 -5.43
C GLY A 1277 -59.87 -13.93 -5.31
N TYR A 1278 -59.88 -13.02 -4.32
CA TYR A 1278 -58.74 -12.13 -4.14
C TYR A 1278 -57.48 -12.91 -3.82
N PHE A 1279 -57.58 -13.90 -2.95
CA PHE A 1279 -56.44 -14.72 -2.57
C PHE A 1279 -56.11 -15.77 -3.61
N SER A 1280 -56.69 -15.68 -4.80
CA SER A 1280 -56.47 -16.71 -5.82
C SER A 1280 -54.99 -16.79 -6.20
N ASP A 1281 -54.37 -15.65 -6.51
CA ASP A 1281 -52.96 -15.65 -6.84
C ASP A 1281 -52.15 -15.08 -5.69
N PRO A 1282 -50.96 -15.64 -5.42
CA PRO A 1282 -50.17 -15.13 -4.29
C PRO A 1282 -49.78 -13.68 -4.45
N TRP A 1283 -49.70 -13.17 -5.67
CA TRP A 1283 -49.23 -11.81 -5.87
C TRP A 1283 -50.13 -10.81 -5.15
N ASN A 1284 -51.44 -10.97 -5.26
CA ASN A 1284 -52.34 -10.13 -4.49
C ASN A 1284 -52.24 -10.43 -3.01
N VAL A 1285 -52.01 -11.69 -2.66
CA VAL A 1285 -51.73 -12.02 -1.26
C VAL A 1285 -50.42 -11.38 -0.83
N PHE A 1286 -49.44 -11.33 -1.73
CA PHE A 1286 -48.21 -10.62 -1.44
C PHE A 1286 -48.49 -9.14 -1.22
N ASP A 1287 -49.38 -8.56 -2.03
CA ASP A 1287 -49.77 -7.18 -1.83
C ASP A 1287 -50.47 -7.00 -0.47
N PHE A 1288 -51.17 -8.04 -0.02
CA PHE A 1288 -51.92 -7.95 1.23
C PHE A 1288 -51.01 -7.53 2.39
N LEU A 1289 -49.89 -8.24 2.56
CA LEU A 1289 -49.04 -7.98 3.72
C LEU A 1289 -48.31 -6.65 3.59
N ILE A 1290 -47.98 -6.23 2.37
CA ILE A 1290 -47.24 -4.98 2.19
C ILE A 1290 -48.08 -3.80 2.67
N VAL A 1291 -49.32 -3.71 2.20
CA VAL A 1291 -50.15 -2.54 2.52
C VAL A 1291 -50.44 -2.49 4.01
N ILE A 1292 -50.79 -3.63 4.60
CA ILE A 1292 -51.03 -3.67 6.04
C ILE A 1292 -49.79 -3.26 6.79
N GLY A 1293 -48.63 -3.79 6.40
CA GLY A 1293 -47.39 -3.38 7.03
C GLY A 1293 -47.12 -1.90 6.87
N SER A 1294 -47.38 -1.36 5.68
CA SER A 1294 -47.18 0.06 5.44
C SER A 1294 -48.08 0.89 6.35
N ILE A 1295 -49.36 0.51 6.46
CA ILE A 1295 -50.26 1.23 7.36
C ILE A 1295 -49.82 1.05 8.80
N ILE A 1296 -49.37 -0.16 9.15
CA ILE A 1296 -48.79 -0.38 10.48
C ILE A 1296 -47.62 0.57 10.69
N ASP A 1297 -46.79 0.76 9.66
CA ASP A 1297 -45.71 1.72 9.76
C ASP A 1297 -46.24 3.13 9.99
N VAL A 1298 -47.24 3.54 9.21
CA VAL A 1298 -47.79 4.88 9.36
C VAL A 1298 -48.43 5.05 10.73
N ILE A 1299 -49.21 4.06 11.16
CA ILE A 1299 -49.83 4.12 12.49
C ILE A 1299 -48.75 4.22 13.55
N LEU A 1300 -47.71 3.38 13.44
CA LEU A 1300 -46.60 3.47 14.38
C LEU A 1300 -45.95 4.84 14.33
N SER A 1301 -45.98 5.51 13.17
CA SER A 1301 -45.40 6.82 13.04
C SER A 1301 -46.18 7.90 13.78
N GLU A 1302 -47.39 7.59 14.26
CA GLU A 1302 -48.17 8.60 14.97
C GLU A 1302 -47.46 9.07 16.23
N VAL A 1303 -46.91 8.13 17.01
CA VAL A 1303 -46.07 8.52 18.12
C VAL A 1303 -44.75 9.07 17.60
N ASN A 1304 -44.02 9.77 18.46
CA ASN A 1304 -42.80 10.48 18.09
C ASN A 1304 -41.65 10.03 18.98
N PRO A 1305 -41.10 8.85 18.74
CA PRO A 1305 -39.89 8.45 19.48
C PRO A 1305 -38.72 9.37 19.22
N ALA A 1306 -38.72 10.08 18.10
CA ALA A 1306 -37.71 11.09 17.79
C ALA A 1306 -38.42 12.39 17.42
N GLU A 1307 -37.72 13.50 17.63
CA GLU A 1307 -38.28 14.82 17.43
C GLU A 1307 -37.57 15.52 16.27
N HIS A 1308 -38.34 16.25 15.46
CA HIS A 1308 -37.79 17.00 14.34
C HIS A 1308 -37.20 18.31 14.85
N THR A 1309 -36.11 18.17 15.60
CA THR A 1309 -35.44 19.31 16.20
C THR A 1309 -34.30 19.81 15.31
N SER A 1324 -37.30 0.43 19.71
CA SER A 1324 -38.00 0.78 18.48
C SER A 1324 -37.81 -0.32 17.44
N ILE A 1325 -38.79 -0.46 16.55
CA ILE A 1325 -38.77 -1.48 15.51
C ILE A 1325 -38.69 -0.78 14.16
N THR A 1326 -37.82 -1.29 13.30
CA THR A 1326 -37.59 -0.73 11.96
C THR A 1326 -37.62 -1.84 10.92
N PHE A 1327 -38.62 -2.72 11.00
CA PHE A 1327 -38.70 -3.86 10.11
C PHE A 1327 -39.72 -3.66 9.00
N PHE A 1328 -40.87 -3.08 9.33
CA PHE A 1328 -41.96 -2.95 8.36
C PHE A 1328 -41.67 -1.90 7.29
N ARG A 1329 -40.57 -1.16 7.41
CA ARG A 1329 -40.27 -0.12 6.43
C ARG A 1329 -39.86 -0.73 5.10
N LEU A 1330 -39.37 -1.97 5.13
CA LEU A 1330 -38.82 -2.59 3.92
C LEU A 1330 -39.90 -3.11 2.99
N PHE A 1331 -41.13 -3.26 3.48
CA PHE A 1331 -42.20 -3.75 2.62
C PHE A 1331 -42.46 -2.78 1.48
N ARG A 1332 -42.34 -1.49 1.73
CA ARG A 1332 -42.56 -0.50 0.68
C ARG A 1332 -41.66 -0.76 -0.51
N VAL A 1333 -40.36 -0.95 -0.25
CA VAL A 1333 -39.44 -1.21 -1.35
C VAL A 1333 -39.69 -2.59 -1.94
N MET A 1334 -39.94 -3.59 -1.09
CA MET A 1334 -40.18 -4.93 -1.61
C MET A 1334 -41.37 -4.95 -2.56
N ARG A 1335 -42.31 -4.01 -2.41
CA ARG A 1335 -43.41 -3.92 -3.35
C ARG A 1335 -42.93 -3.66 -4.77
N LEU A 1336 -41.69 -3.16 -4.94
CA LEU A 1336 -41.16 -2.93 -6.28
C LEU A 1336 -41.05 -4.23 -7.07
N VAL A 1337 -40.92 -5.36 -6.39
CA VAL A 1337 -40.76 -6.63 -7.10
C VAL A 1337 -41.93 -6.89 -8.03
N LYS A 1338 -43.11 -6.36 -7.71
CA LYS A 1338 -44.24 -6.50 -8.63
C LYS A 1338 -43.89 -5.98 -10.02
N LEU A 1339 -43.07 -4.93 -10.09
CA LEU A 1339 -42.68 -4.40 -11.39
C LEU A 1339 -41.89 -5.42 -12.20
N LEU A 1340 -41.17 -6.32 -11.52
CA LEU A 1340 -40.43 -7.35 -12.23
C LEU A 1340 -41.36 -8.34 -12.93
N SER A 1341 -42.61 -8.46 -12.48
CA SER A 1341 -43.51 -9.44 -13.06
C SER A 1341 -44.01 -9.01 -14.44
N ARG A 1342 -44.07 -7.71 -14.70
CA ARG A 1342 -44.60 -7.25 -15.99
C ARG A 1342 -43.81 -7.84 -17.15
N GLY A 1343 -42.48 -7.77 -17.07
CA GLY A 1343 -41.68 -8.45 -18.08
C GLY A 1343 -41.95 -9.94 -18.07
N GLU A 1344 -42.17 -10.50 -19.25
CA GLU A 1344 -42.50 -11.92 -19.37
C GLU A 1344 -41.28 -12.79 -19.55
N GLY A 1345 -40.29 -12.35 -20.32
CA GLY A 1345 -39.08 -13.14 -20.46
C GLY A 1345 -38.38 -13.36 -19.13
N ILE A 1346 -38.22 -12.28 -18.36
CA ILE A 1346 -37.61 -12.41 -17.04
C ILE A 1346 -38.47 -13.28 -16.16
N ARG A 1347 -39.79 -13.11 -16.22
CA ARG A 1347 -40.68 -13.92 -15.40
C ARG A 1347 -40.44 -15.40 -15.66
N THR A 1348 -40.48 -15.80 -16.93
CA THR A 1348 -40.30 -17.22 -17.24
C THR A 1348 -38.90 -17.69 -16.87
N LEU A 1349 -37.88 -16.87 -17.12
CA LEU A 1349 -36.52 -17.30 -16.79
C LEU A 1349 -36.38 -17.57 -15.30
N LEU A 1350 -36.77 -16.61 -14.48
CA LEU A 1350 -36.65 -16.79 -13.03
C LEU A 1350 -37.51 -17.95 -12.56
N TRP A 1351 -38.73 -18.08 -13.09
CA TRP A 1351 -39.61 -19.15 -12.63
C TRP A 1351 -39.02 -20.51 -12.95
N THR A 1352 -38.54 -20.70 -14.18
CA THR A 1352 -37.99 -22.01 -14.53
C THR A 1352 -36.74 -22.31 -13.72
N PHE A 1353 -35.86 -21.31 -13.54
CA PHE A 1353 -34.66 -21.57 -12.75
C PHE A 1353 -35.00 -21.91 -11.31
N ILE A 1354 -35.96 -21.20 -10.72
CA ILE A 1354 -36.36 -21.52 -9.36
C ILE A 1354 -36.96 -22.91 -9.28
N LYS A 1355 -37.77 -23.28 -10.27
CA LYS A 1355 -38.34 -24.63 -10.27
C LYS A 1355 -37.26 -25.69 -10.36
N SER A 1356 -36.22 -25.43 -11.16
CA SER A 1356 -35.11 -26.38 -11.24
C SER A 1356 -34.46 -26.57 -9.87
N PHE A 1357 -34.27 -25.47 -9.14
CA PHE A 1357 -33.69 -25.57 -7.80
C PHE A 1357 -34.52 -26.47 -6.91
N GLN A 1358 -35.84 -26.46 -7.07
CA GLN A 1358 -36.69 -27.33 -6.29
C GLN A 1358 -36.42 -28.80 -6.61
N ALA A 1359 -36.19 -29.10 -7.88
CA ALA A 1359 -36.04 -30.49 -8.33
C ALA A 1359 -34.68 -31.08 -7.98
N LEU A 1360 -33.73 -30.27 -7.50
CA LEU A 1360 -32.39 -30.75 -7.15
C LEU A 1360 -32.04 -30.30 -5.73
N PRO A 1361 -32.76 -30.78 -4.73
CA PRO A 1361 -32.50 -30.32 -3.37
C PRO A 1361 -31.36 -31.07 -2.70
N TYR A 1362 -31.09 -32.29 -3.17
CA TYR A 1362 -30.09 -33.10 -2.50
C TYR A 1362 -28.67 -32.59 -2.77
N VAL A 1363 -28.45 -31.94 -3.92
CA VAL A 1363 -27.15 -31.30 -4.15
C VAL A 1363 -26.95 -30.17 -3.15
N ALA A 1364 -27.99 -29.37 -2.93
CA ALA A 1364 -27.90 -28.32 -1.92
C ALA A 1364 -27.65 -28.90 -0.55
N LEU A 1365 -28.34 -30.00 -0.22
CA LEU A 1365 -28.11 -30.64 1.07
C LEU A 1365 -26.69 -31.15 1.18
N LEU A 1366 -26.11 -31.60 0.06
CA LEU A 1366 -24.71 -32.02 0.06
C LEU A 1366 -23.79 -30.84 0.35
N ILE A 1367 -24.05 -29.69 -0.26
CA ILE A 1367 -23.23 -28.51 0.02
C ILE A 1367 -23.35 -28.13 1.48
N VAL A 1368 -24.58 -28.19 2.01
CA VAL A 1368 -24.78 -27.90 3.43
C VAL A 1368 -24.01 -28.88 4.28
N MET A 1369 -23.96 -30.14 3.88
CA MET A 1369 -23.19 -31.14 4.63
C MET A 1369 -21.71 -30.80 4.62
N LEU A 1370 -21.19 -30.39 3.47
CA LEU A 1370 -19.79 -29.96 3.41
C LEU A 1370 -19.56 -28.81 4.38
N PHE A 1371 -20.39 -27.77 4.31
CA PHE A 1371 -20.22 -26.65 5.22
C PHE A 1371 -20.27 -27.09 6.66
N PHE A 1372 -21.20 -27.99 7.00
CA PHE A 1372 -21.34 -28.42 8.38
C PHE A 1372 -20.10 -29.17 8.84
N ILE A 1373 -19.64 -30.14 8.06
CA ILE A 1373 -18.46 -30.92 8.46
C ILE A 1373 -17.26 -30.00 8.61
N TYR A 1374 -17.06 -29.08 7.67
CA TYR A 1374 -15.87 -28.24 7.75
C TYR A 1374 -15.98 -27.21 8.86
N ALA A 1375 -17.18 -26.69 9.11
CA ALA A 1375 -17.34 -25.78 10.23
C ALA A 1375 -17.05 -26.48 11.55
N VAL A 1376 -17.52 -27.72 11.71
CA VAL A 1376 -17.20 -28.45 12.93
C VAL A 1376 -15.71 -28.71 13.04
N ILE A 1377 -15.07 -29.15 11.95
CA ILE A 1377 -13.65 -29.45 12.03
C ILE A 1377 -12.87 -28.19 12.41
N GLY A 1378 -13.19 -27.06 11.79
CA GLY A 1378 -12.52 -25.83 12.14
C GLY A 1378 -12.85 -25.38 13.54
N MET A 1379 -14.02 -25.78 14.05
CA MET A 1379 -14.40 -25.38 15.40
C MET A 1379 -13.48 -25.96 16.45
N GLN A 1380 -13.06 -27.22 16.30
CA GLN A 1380 -12.32 -27.92 17.33
C GLN A 1380 -10.82 -27.72 17.23
N VAL A 1381 -10.27 -27.68 16.02
CA VAL A 1381 -8.82 -27.52 15.85
C VAL A 1381 -8.43 -26.06 16.07
N PHE A 1382 -9.02 -25.15 15.29
CA PHE A 1382 -8.75 -23.72 15.39
C PHE A 1382 -9.69 -23.02 16.36
N GLY A 1383 -10.23 -23.74 17.33
CA GLY A 1383 -11.19 -23.13 18.23
C GLY A 1383 -10.58 -22.07 19.11
N LYS A 1384 -9.52 -22.43 19.84
CA LYS A 1384 -9.00 -21.59 20.90
C LYS A 1384 -7.98 -20.57 20.43
N ILE A 1385 -7.96 -20.23 19.14
CA ILE A 1385 -7.02 -19.21 18.68
C ILE A 1385 -7.35 -17.90 19.35
N ALA A 1386 -6.31 -17.18 19.78
CA ALA A 1386 -6.50 -15.94 20.50
C ALA A 1386 -7.05 -14.87 19.57
N LEU A 1387 -8.20 -14.30 19.93
CA LEU A 1387 -8.75 -13.19 19.16
C LEU A 1387 -7.89 -11.95 19.33
N ASN A 1388 -7.72 -11.22 18.23
CA ASN A 1388 -7.00 -9.96 18.28
C ASN A 1388 -7.14 -9.27 16.93
N ASP A 1389 -7.30 -7.95 16.98
CA ASP A 1389 -7.29 -7.16 15.76
C ASP A 1389 -5.87 -7.16 15.18
N THR A 1390 -5.70 -6.49 14.05
CA THR A 1390 -4.45 -6.51 13.30
C THR A 1390 -4.12 -7.89 12.76
N THR A 1391 -5.07 -8.82 12.84
CA THR A 1391 -4.90 -10.17 12.33
C THR A 1391 -6.23 -10.63 11.77
N GLU A 1392 -6.17 -11.63 10.88
CA GLU A 1392 -7.41 -12.07 10.23
C GLU A 1392 -8.39 -12.66 11.22
N ILE A 1393 -7.93 -13.52 12.11
CA ILE A 1393 -8.79 -14.09 13.15
C ILE A 1393 -9.05 -13.00 14.18
N ASN A 1394 -10.25 -12.46 14.17
CA ASN A 1394 -10.57 -11.29 14.98
C ASN A 1394 -11.96 -11.49 15.58
N ARG A 1395 -12.47 -10.42 16.19
CA ARG A 1395 -13.81 -10.45 16.76
C ARG A 1395 -14.87 -10.76 15.73
N ASN A 1396 -14.60 -10.50 14.45
CA ASN A 1396 -15.57 -10.69 13.39
C ASN A 1396 -15.40 -11.98 12.61
N ASN A 1397 -14.24 -12.63 12.70
CA ASN A 1397 -14.03 -13.94 12.10
C ASN A 1397 -13.28 -14.81 13.09
N ASN A 1398 -13.84 -15.97 13.40
CA ASN A 1398 -13.23 -16.86 14.38
C ASN A 1398 -14.05 -18.14 14.42
N PHE A 1399 -13.39 -19.21 14.83
CA PHE A 1399 -14.06 -20.50 15.01
C PHE A 1399 -14.45 -20.70 16.48
N GLN A 1400 -15.31 -19.81 16.96
CA GLN A 1400 -15.78 -19.86 18.34
C GLN A 1400 -17.22 -20.31 18.45
N THR A 1401 -18.11 -19.72 17.66
CA THR A 1401 -19.51 -20.11 17.61
C THR A 1401 -19.83 -20.62 16.22
N PHE A 1402 -20.69 -21.63 16.14
CA PHE A 1402 -21.01 -22.22 14.85
C PHE A 1402 -21.41 -21.18 13.81
N PRO A 1403 -22.26 -20.21 14.10
CA PRO A 1403 -22.55 -19.19 13.08
C PRO A 1403 -21.31 -18.48 12.60
N GLN A 1404 -20.38 -18.17 13.49
CA GLN A 1404 -19.16 -17.49 13.07
C GLN A 1404 -18.29 -18.38 12.21
N ALA A 1405 -18.20 -19.67 12.55
CA ALA A 1405 -17.44 -20.59 11.73
C ALA A 1405 -18.03 -20.71 10.34
N VAL A 1406 -19.36 -20.82 10.25
CA VAL A 1406 -19.99 -20.91 8.94
C VAL A 1406 -19.77 -19.62 8.17
N LEU A 1407 -19.81 -18.48 8.84
CA LEU A 1407 -19.58 -17.22 8.15
C LEU A 1407 -18.16 -17.15 7.61
N LEU A 1408 -17.17 -17.57 8.40
CA LEU A 1408 -15.79 -17.56 7.92
C LEU A 1408 -15.61 -18.51 6.74
N LEU A 1409 -16.19 -19.70 6.82
CA LEU A 1409 -16.06 -20.63 5.69
C LEU A 1409 -16.76 -20.08 4.46
N PHE A 1410 -17.90 -19.42 4.64
CA PHE A 1410 -18.55 -18.77 3.50
C PHE A 1410 -17.65 -17.69 2.91
N ARG A 1411 -17.02 -16.89 3.77
CA ARG A 1411 -16.08 -15.88 3.29
C ARG A 1411 -14.99 -16.52 2.45
N CYS A 1412 -14.41 -17.61 2.94
CA CYS A 1412 -13.38 -18.31 2.18
C CYS A 1412 -13.94 -18.84 0.87
N ALA A 1413 -15.21 -19.24 0.86
CA ALA A 1413 -15.82 -19.75 -0.37
C ALA A 1413 -15.84 -18.68 -1.45
N THR A 1414 -16.18 -17.45 -1.09
CA THR A 1414 -16.25 -16.37 -2.05
C THR A 1414 -14.89 -15.84 -2.46
N GLY A 1415 -13.81 -16.53 -2.10
CA GLY A 1415 -12.48 -16.10 -2.48
C GLY A 1415 -12.20 -14.70 -1.98
N GLU A 1416 -12.20 -14.52 -0.66
CA GLU A 1416 -12.03 -13.21 -0.04
C GLU A 1416 -10.85 -13.31 0.92
N ALA A 1417 -9.64 -13.14 0.39
CA ALA A 1417 -8.43 -13.10 1.20
C ALA A 1417 -8.33 -14.31 2.12
N TRP A 1418 -8.77 -15.47 1.61
CA TRP A 1418 -8.68 -16.67 2.43
C TRP A 1418 -7.24 -17.05 2.74
N GLN A 1419 -6.28 -16.63 1.89
CA GLN A 1419 -4.89 -16.96 2.16
C GLN A 1419 -4.42 -16.34 3.46
N ASP A 1420 -4.85 -15.11 3.75
CA ASP A 1420 -4.45 -14.49 5.00
C ASP A 1420 -5.12 -15.18 6.19
N ILE A 1421 -6.37 -15.62 6.04
CA ILE A 1421 -6.97 -16.42 7.10
C ILE A 1421 -6.11 -17.64 7.35
N MET A 1422 -5.71 -18.33 6.28
CA MET A 1422 -4.87 -19.51 6.43
C MET A 1422 -3.60 -19.18 7.20
N LEU A 1423 -2.89 -18.15 6.77
CA LEU A 1423 -1.67 -17.76 7.49
C LEU A 1423 -1.96 -17.35 8.93
N ALA A 1424 -3.19 -16.97 9.25
CA ALA A 1424 -3.51 -16.63 10.63
C ALA A 1424 -3.62 -17.87 11.49
N CYS A 1425 -4.15 -18.96 10.95
CA CYS A 1425 -4.39 -20.18 11.73
C CYS A 1425 -3.19 -21.12 11.74
N MET A 1426 -2.14 -20.81 10.98
CA MET A 1426 -0.94 -21.65 11.03
C MET A 1426 -0.32 -21.58 12.42
N PRO A 1427 0.42 -22.61 12.81
CA PRO A 1427 0.75 -22.76 14.24
C PRO A 1427 1.66 -21.64 14.73
N GLY A 1428 1.94 -21.70 16.04
CA GLY A 1428 2.70 -20.67 16.70
C GLY A 1428 1.89 -19.50 17.20
N LYS A 1429 0.56 -19.55 17.07
CA LYS A 1429 -0.26 -18.43 17.48
C LYS A 1429 -0.64 -18.54 18.95
N LYS A 1430 -0.66 -17.40 19.63
CA LYS A 1430 -1.04 -17.38 21.04
C LYS A 1430 -2.47 -17.86 21.21
N CYS A 1431 -2.72 -18.60 22.29
CA CYS A 1431 -4.02 -19.17 22.56
C CYS A 1431 -4.86 -18.18 23.38
N ALA A 1432 -6.17 -18.30 23.24
CA ALA A 1432 -7.08 -17.33 23.82
C ALA A 1432 -7.02 -17.37 25.35
N PRO A 1433 -7.38 -16.28 26.02
CA PRO A 1433 -7.35 -16.26 27.49
C PRO A 1433 -8.21 -17.33 28.13
N GLU A 1434 -9.29 -17.75 27.48
CA GLU A 1434 -10.15 -18.77 28.05
C GLU A 1434 -9.41 -20.06 28.34
N SER A 1435 -8.29 -20.30 27.65
CA SER A 1435 -7.49 -21.47 27.92
C SER A 1435 -6.90 -21.40 29.33
N GLU A 1436 -6.94 -22.53 30.02
CA GLU A 1436 -6.42 -22.63 31.38
C GLU A 1436 -5.19 -23.53 31.39
N PRO A 1446 1.95 -22.42 21.11
CA PRO A 1446 0.64 -22.53 21.75
C PRO A 1446 -0.44 -23.04 20.80
N CYS A 1447 -1.65 -22.50 20.91
CA CYS A 1447 -2.75 -22.90 20.05
C CYS A 1447 -2.42 -22.56 18.59
N GLY A 1448 -3.23 -23.07 17.68
CA GLY A 1448 -2.98 -22.91 16.26
C GLY A 1448 -2.22 -24.10 15.70
N SER A 1449 -2.79 -24.75 14.68
CA SER A 1449 -2.25 -25.98 14.14
C SER A 1449 -1.53 -25.75 12.83
N SER A 1450 -0.80 -26.77 12.39
CA SER A 1450 -0.25 -26.83 11.05
C SER A 1450 -1.19 -27.52 10.07
N PHE A 1451 -2.35 -27.97 10.54
CA PHE A 1451 -3.35 -28.58 9.69
C PHE A 1451 -4.08 -27.55 8.83
N ALA A 1452 -3.84 -26.26 9.07
CA ALA A 1452 -4.63 -25.22 8.41
C ALA A 1452 -4.47 -25.29 6.90
N VAL A 1453 -3.25 -25.44 6.41
CA VAL A 1453 -3.01 -25.34 4.97
C VAL A 1453 -3.87 -26.38 4.25
N PHE A 1454 -3.80 -27.63 4.68
CA PHE A 1454 -4.62 -28.65 4.05
C PHE A 1454 -6.09 -28.33 4.24
N TYR A 1455 -6.48 -27.89 5.44
CA TYR A 1455 -7.89 -27.61 5.68
C TYR A 1455 -8.43 -26.61 4.68
N PHE A 1456 -7.76 -25.46 4.54
CA PHE A 1456 -8.31 -24.40 3.70
C PHE A 1456 -8.18 -24.75 2.22
N ILE A 1457 -7.08 -25.36 1.80
CA ILE A 1457 -6.95 -25.72 0.39
C ILE A 1457 -8.00 -26.75 0.01
N SER A 1458 -8.16 -27.78 0.84
CA SER A 1458 -9.16 -28.80 0.59
C SER A 1458 -10.55 -28.18 0.58
N PHE A 1459 -10.84 -27.30 1.53
CA PHE A 1459 -12.16 -26.67 1.55
C PHE A 1459 -12.38 -25.88 0.28
N TYR A 1460 -11.39 -25.10 -0.15
CA TYR A 1460 -11.59 -24.29 -1.33
C TYR A 1460 -11.87 -25.17 -2.53
N MET A 1461 -11.04 -26.20 -2.75
CA MET A 1461 -11.29 -27.05 -3.90
C MET A 1461 -12.66 -27.72 -3.81
N LEU A 1462 -13.00 -28.27 -2.66
CA LEU A 1462 -14.25 -29.03 -2.55
C LEU A 1462 -15.46 -28.11 -2.70
N CYS A 1463 -15.44 -26.96 -2.03
CA CYS A 1463 -16.57 -26.04 -2.13
C CYS A 1463 -16.70 -25.49 -3.55
N ALA A 1464 -15.58 -25.15 -4.18
CA ALA A 1464 -15.65 -24.71 -5.57
C ALA A 1464 -16.21 -25.82 -6.45
N PHE A 1465 -15.79 -27.06 -6.21
CA PHE A 1465 -16.27 -28.15 -7.03
C PHE A 1465 -17.75 -28.37 -6.86
N LEU A 1466 -18.24 -28.34 -5.63
CA LEU A 1466 -19.67 -28.59 -5.43
C LEU A 1466 -20.50 -27.41 -5.91
N ILE A 1467 -19.98 -26.19 -5.81
CA ILE A 1467 -20.70 -25.06 -6.39
C ILE A 1467 -20.79 -25.21 -7.90
N ILE A 1468 -19.69 -25.60 -8.54
CA ILE A 1468 -19.72 -25.86 -9.97
C ILE A 1468 -20.72 -26.98 -10.26
N ASN A 1469 -20.74 -28.00 -9.42
CA ASN A 1469 -21.62 -29.14 -9.64
C ASN A 1469 -23.08 -28.73 -9.55
N LEU A 1470 -23.43 -27.92 -8.56
CA LEU A 1470 -24.80 -27.42 -8.45
C LEU A 1470 -25.16 -26.58 -9.66
N PHE A 1471 -24.27 -25.67 -10.05
CA PHE A 1471 -24.54 -24.81 -11.20
C PHE A 1471 -24.81 -25.66 -12.44
N VAL A 1472 -23.92 -26.60 -12.74
CA VAL A 1472 -24.08 -27.39 -13.95
C VAL A 1472 -25.24 -28.38 -13.84
N ALA A 1473 -25.59 -28.84 -12.65
CA ALA A 1473 -26.78 -29.66 -12.51
C ALA A 1473 -28.03 -28.88 -12.85
N VAL A 1474 -28.13 -27.63 -12.36
CA VAL A 1474 -29.28 -26.81 -12.72
C VAL A 1474 -29.27 -26.50 -14.20
N ILE A 1475 -28.09 -26.23 -14.78
CA ILE A 1475 -28.00 -26.00 -16.21
C ILE A 1475 -28.49 -27.24 -16.96
N MET A 1476 -28.09 -28.43 -16.51
CA MET A 1476 -28.57 -29.65 -17.15
C MET A 1476 -30.09 -29.75 -17.06
N ASP A 1477 -30.64 -29.47 -15.88
CA ASP A 1477 -32.08 -29.62 -15.69
C ASP A 1477 -32.88 -28.63 -16.52
N ASN A 1478 -32.34 -27.44 -16.77
CA ASN A 1478 -33.04 -26.42 -17.54
C ASN A 1478 -32.51 -26.34 -18.98
N PHE A 1479 -31.67 -27.30 -19.38
CA PHE A 1479 -31.07 -27.30 -20.70
C PHE A 1479 -32.11 -27.12 -21.80
N ASP A 1480 -33.27 -27.76 -21.64
CA ASP A 1480 -34.29 -27.68 -22.69
C ASP A 1480 -34.61 -26.23 -23.04
N TYR A 1481 -34.94 -25.43 -22.03
CA TYR A 1481 -35.31 -24.04 -22.28
C TYR A 1481 -34.09 -23.17 -22.54
N LEU A 1482 -32.99 -23.42 -21.83
CA LEU A 1482 -31.78 -22.65 -22.07
C LEU A 1482 -31.26 -22.83 -23.48
N THR A 1483 -31.55 -23.97 -24.11
CA THR A 1483 -31.27 -24.22 -25.52
C THR A 1483 -32.61 -24.37 -26.22
N ARG A 1484 -33.18 -23.23 -26.61
CA ARG A 1484 -34.45 -23.21 -27.33
C ARG A 1484 -34.40 -22.05 -28.30
N ASP A 1485 -34.43 -22.35 -29.60
CA ASP A 1485 -34.27 -21.33 -30.62
C ASP A 1485 -35.40 -20.32 -30.63
N TRP A 1486 -36.51 -20.60 -29.94
CA TRP A 1486 -37.68 -19.73 -29.91
C TRP A 1486 -38.32 -19.57 -31.28
N SER A 1487 -37.91 -20.37 -32.26
CA SER A 1487 -38.52 -20.36 -33.58
C SER A 1487 -39.65 -21.38 -33.66
N ILE A 1488 -39.38 -22.62 -33.27
CA ILE A 1488 -40.43 -23.61 -33.18
C ILE A 1488 -41.39 -23.22 -32.06
N LEU A 1489 -42.65 -23.65 -32.18
CA LEU A 1489 -43.64 -23.35 -31.16
C LEU A 1489 -43.21 -23.94 -29.83
N GLY A 1490 -43.58 -23.24 -28.76
CA GLY A 1490 -43.25 -23.68 -27.43
C GLY A 1490 -44.44 -23.60 -26.49
N PRO A 1491 -44.26 -24.04 -25.25
CA PRO A 1491 -45.38 -24.01 -24.29
C PRO A 1491 -45.92 -22.61 -24.05
N HIS A 1492 -45.13 -21.57 -24.31
CA HIS A 1492 -45.65 -20.21 -24.21
C HIS A 1492 -46.76 -19.98 -25.23
N HIS A 1493 -46.61 -20.53 -26.44
CA HIS A 1493 -47.67 -20.43 -27.43
C HIS A 1493 -48.94 -21.11 -26.92
N LEU A 1494 -48.80 -22.29 -26.31
CA LEU A 1494 -49.95 -22.98 -25.76
C LEU A 1494 -50.58 -22.16 -24.64
N ASP A 1495 -49.76 -21.50 -23.83
CA ASP A 1495 -50.29 -20.72 -22.72
C ASP A 1495 -51.09 -19.52 -23.23
N GLU A 1496 -50.56 -18.81 -24.22
CA GLU A 1496 -51.29 -17.66 -24.76
C GLU A 1496 -52.56 -18.11 -25.49
N PHE A 1497 -52.50 -19.26 -26.18
CA PHE A 1497 -53.71 -19.82 -26.77
C PHE A 1497 -54.74 -20.15 -25.70
N LYS A 1498 -54.28 -20.72 -24.58
CA LYS A 1498 -55.17 -21.02 -23.47
C LYS A 1498 -55.81 -19.75 -22.94
N ARG A 1499 -55.02 -18.69 -22.79
CA ARG A 1499 -55.55 -17.44 -22.24
C ARG A 1499 -56.57 -16.80 -23.19
N ILE A 1500 -56.28 -16.78 -24.49
CA ILE A 1500 -57.22 -16.19 -25.43
C ILE A 1500 -58.50 -17.02 -25.48
N TRP A 1501 -58.38 -18.35 -25.42
CA TRP A 1501 -59.58 -19.19 -25.38
C TRP A 1501 -60.37 -18.96 -24.10
N ALA A 1502 -59.68 -18.80 -22.97
CA ALA A 1502 -60.36 -18.51 -21.71
C ALA A 1502 -61.12 -17.21 -21.80
N GLU A 1503 -60.52 -16.19 -22.40
CA GLU A 1503 -61.26 -14.97 -22.68
C GLU A 1503 -62.47 -15.26 -23.56
N TYR A 1504 -62.30 -16.13 -24.55
CA TYR A 1504 -63.41 -16.53 -25.40
C TYR A 1504 -64.31 -17.52 -24.69
N ASP A 1505 -63.83 -18.16 -23.63
CA ASP A 1505 -64.59 -19.23 -22.98
C ASP A 1505 -64.22 -19.37 -21.50
N PRO A 1506 -65.12 -19.11 -20.56
CA PRO A 1506 -64.81 -19.38 -19.16
C PRO A 1506 -64.68 -20.87 -18.87
N GLU A 1507 -64.52 -21.21 -17.59
CA GLU A 1507 -64.12 -22.53 -17.13
C GLU A 1507 -64.78 -23.66 -17.91
N ALA A 1508 -63.95 -24.53 -18.50
CA ALA A 1508 -64.36 -25.80 -19.06
C ALA A 1508 -65.71 -25.73 -19.77
N LYS A 1509 -65.86 -24.75 -20.66
CA LYS A 1509 -67.13 -24.53 -21.34
C LYS A 1509 -66.94 -24.58 -22.86
N GLY A 1510 -65.95 -25.33 -23.33
CA GLY A 1510 -65.72 -25.46 -24.75
C GLY A 1510 -65.63 -26.90 -25.23
N ARG A 1511 -66.58 -27.34 -26.05
CA ARG A 1511 -66.52 -28.63 -26.71
C ARG A 1511 -66.37 -28.48 -28.22
N ILE A 1512 -67.33 -27.84 -28.89
CA ILE A 1512 -67.09 -27.31 -30.22
C ILE A 1512 -67.46 -25.84 -30.24
N LYS A 1513 -68.76 -25.56 -30.13
CA LYS A 1513 -69.27 -24.22 -29.85
C LYS A 1513 -68.69 -23.15 -30.77
N HIS A 1514 -68.06 -23.53 -31.87
CA HIS A 1514 -67.24 -22.63 -32.66
C HIS A 1514 -67.97 -22.23 -33.93
N LEU A 1515 -68.19 -20.93 -34.10
CA LEU A 1515 -68.77 -20.41 -35.32
C LEU A 1515 -68.12 -19.09 -35.76
N ASP A 1516 -67.04 -18.67 -35.10
CA ASP A 1516 -66.41 -17.38 -35.37
C ASP A 1516 -64.93 -17.58 -35.62
N VAL A 1517 -64.28 -16.50 -36.06
CA VAL A 1517 -62.85 -16.51 -36.34
C VAL A 1517 -62.17 -15.46 -35.44
N VAL A 1518 -62.77 -15.18 -34.29
CA VAL A 1518 -62.17 -14.25 -33.34
C VAL A 1518 -60.84 -14.77 -32.84
N THR A 1519 -60.58 -16.06 -32.98
CA THR A 1519 -59.30 -16.64 -32.58
C THR A 1519 -58.25 -16.41 -33.66
N LEU A 1520 -58.07 -15.15 -34.07
CA LEU A 1520 -57.03 -14.78 -35.02
C LEU A 1520 -55.82 -14.18 -34.33
N LEU A 1521 -55.77 -14.24 -32.99
CA LEU A 1521 -54.59 -13.77 -32.28
C LEU A 1521 -53.33 -14.52 -32.70
N ARG A 1522 -53.49 -15.73 -33.22
CA ARG A 1522 -52.38 -16.46 -33.80
C ARG A 1522 -51.75 -15.61 -34.90
N ARG A 1523 -50.52 -15.15 -34.67
CA ARG A 1523 -49.84 -14.32 -35.65
C ARG A 1523 -49.08 -15.22 -36.62
N ILE A 1524 -48.19 -14.63 -37.43
CA ILE A 1524 -47.45 -15.40 -38.42
C ILE A 1524 -46.88 -16.67 -37.81
N GLN A 1525 -46.53 -16.64 -36.53
CA GLN A 1525 -46.10 -17.86 -35.85
C GLN A 1525 -47.32 -18.75 -35.62
N PRO A 1526 -47.34 -19.98 -36.13
CA PRO A 1526 -48.51 -20.85 -35.90
C PRO A 1526 -48.76 -21.13 -34.43
N CYS A 1534 -56.48 -14.82 -43.20
CA CYS A 1534 -56.35 -16.24 -43.52
C CYS A 1534 -55.38 -16.44 -44.68
N PRO A 1535 -54.12 -16.80 -44.38
CA PRO A 1535 -53.14 -16.97 -45.46
C PRO A 1535 -53.42 -18.21 -46.29
N HIS A 1536 -53.88 -18.03 -47.53
CA HIS A 1536 -54.25 -19.13 -48.41
C HIS A 1536 -55.31 -20.02 -47.78
N ARG A 1537 -56.10 -19.44 -46.85
CA ARG A 1537 -57.20 -20.14 -46.20
C ARG A 1537 -56.76 -21.43 -45.52
N VAL A 1538 -55.45 -21.59 -45.26
CA VAL A 1538 -54.98 -22.76 -44.53
C VAL A 1538 -55.54 -22.80 -43.12
N ALA A 1539 -55.82 -21.64 -42.53
CA ALA A 1539 -56.40 -21.61 -41.19
C ALA A 1539 -57.78 -22.27 -41.18
N CYS A 1540 -58.59 -22.02 -42.22
CA CYS A 1540 -59.90 -22.67 -42.30
C CYS A 1540 -59.74 -24.17 -42.47
N LYS A 1541 -58.81 -24.61 -43.32
CA LYS A 1541 -58.58 -26.03 -43.50
C LYS A 1541 -58.11 -26.68 -42.21
N ARG A 1542 -57.21 -26.00 -41.48
CA ARG A 1542 -56.73 -26.54 -40.21
C ARG A 1542 -57.85 -26.59 -39.18
N LEU A 1543 -58.73 -25.59 -39.15
CA LEU A 1543 -59.88 -25.64 -38.25
C LEU A 1543 -60.79 -26.82 -38.59
N VAL A 1544 -61.02 -27.05 -39.88
CA VAL A 1544 -61.86 -28.17 -40.29
C VAL A 1544 -61.22 -29.48 -39.85
N SER A 1545 -59.92 -29.61 -40.08
CA SER A 1545 -59.19 -30.84 -39.75
C SER A 1545 -58.60 -30.77 -38.35
N ASN A 1559 -59.76 -29.67 -25.79
CA ASN A 1559 -58.48 -30.36 -25.96
C ASN A 1559 -58.28 -30.77 -27.42
N ALA A 1560 -59.40 -31.03 -28.12
CA ALA A 1560 -59.30 -31.42 -29.52
C ALA A 1560 -58.67 -30.32 -30.36
N THR A 1561 -59.07 -29.07 -30.12
CA THR A 1561 -58.49 -27.97 -30.87
C THR A 1561 -57.00 -27.86 -30.62
N LEU A 1562 -56.58 -28.01 -29.35
CA LEU A 1562 -55.16 -27.96 -29.03
C LEU A 1562 -54.41 -29.09 -29.73
N PHE A 1563 -54.97 -30.30 -29.70
CA PHE A 1563 -54.31 -31.43 -30.36
C PHE A 1563 -54.17 -31.18 -31.85
N ALA A 1564 -55.24 -30.72 -32.50
CA ALA A 1564 -55.20 -30.46 -33.93
C ALA A 1564 -54.18 -29.39 -34.26
N LEU A 1565 -54.12 -28.33 -33.47
CA LEU A 1565 -53.13 -27.29 -33.69
C LEU A 1565 -51.72 -27.85 -33.53
N VAL A 1566 -51.50 -28.67 -32.50
CA VAL A 1566 -50.17 -29.21 -32.26
C VAL A 1566 -49.72 -30.07 -33.43
N ARG A 1567 -50.56 -31.01 -33.85
CA ARG A 1567 -50.16 -31.92 -34.92
C ARG A 1567 -49.97 -31.19 -36.24
N THR A 1568 -50.70 -30.11 -36.47
CA THR A 1568 -50.69 -29.42 -37.75
C THR A 1568 -49.90 -28.12 -37.74
N ALA A 1569 -49.73 -27.49 -36.58
CA ALA A 1569 -48.89 -26.30 -36.52
C ALA A 1569 -47.46 -26.62 -36.91
N LEU A 1570 -46.94 -27.77 -36.46
CA LEU A 1570 -45.62 -28.21 -36.87
C LEU A 1570 -45.60 -28.67 -38.32
N ARG A 1571 -46.76 -28.99 -38.90
CA ARG A 1571 -46.84 -29.54 -40.25
C ARG A 1571 -45.96 -30.78 -40.38
N ILE A 1572 -46.19 -31.74 -39.49
CA ILE A 1572 -45.31 -32.90 -39.39
C ILE A 1572 -45.27 -33.65 -40.71
N LYS A 1573 -46.42 -34.15 -41.16
CA LYS A 1573 -46.51 -34.87 -42.42
C LYS A 1573 -47.82 -34.50 -43.12
N THR A 1574 -47.79 -34.52 -44.45
CA THR A 1574 -48.95 -34.15 -45.27
C THR A 1574 -49.15 -35.26 -46.31
N GLU A 1575 -49.91 -36.29 -45.94
CA GLU A 1575 -50.25 -37.37 -46.85
C GLU A 1575 -51.73 -37.78 -46.73
N GLY A 1576 -52.55 -36.96 -46.08
CA GLY A 1576 -53.94 -37.30 -45.90
C GLY A 1576 -54.18 -38.40 -44.90
N ASN A 1577 -53.16 -38.79 -44.12
CA ASN A 1577 -53.28 -39.91 -43.20
C ASN A 1577 -52.64 -39.63 -41.85
N LEU A 1578 -52.34 -38.36 -41.52
CA LEU A 1578 -51.72 -38.08 -40.23
C LEU A 1578 -52.62 -38.46 -39.08
N GLU A 1579 -53.94 -38.25 -39.23
CA GLU A 1579 -54.87 -38.66 -38.20
C GLU A 1579 -54.78 -40.16 -37.95
N GLN A 1580 -54.77 -40.95 -39.02
CA GLN A 1580 -54.55 -42.38 -38.88
C GLN A 1580 -53.16 -42.67 -38.32
N ALA A 1581 -52.14 -42.03 -38.90
CA ALA A 1581 -50.79 -42.24 -38.41
C ALA A 1581 -50.66 -41.80 -36.96
N ASN A 1582 -51.20 -40.64 -36.61
CA ASN A 1582 -51.18 -40.19 -35.22
C ASN A 1582 -52.11 -41.04 -34.36
N GLU A 1583 -53.22 -41.51 -34.92
CA GLU A 1583 -54.09 -42.41 -34.17
C GLU A 1583 -53.33 -43.66 -33.72
N GLU A 1584 -52.33 -44.07 -34.50
CA GLU A 1584 -51.47 -45.18 -34.12
C GLU A 1584 -50.25 -44.72 -33.32
N LEU A 1585 -50.13 -43.43 -33.06
CA LEU A 1585 -49.06 -42.89 -32.22
C LEU A 1585 -49.52 -42.67 -30.79
N ARG A 1586 -50.61 -41.92 -30.58
CA ARG A 1586 -51.06 -41.66 -29.22
C ARG A 1586 -51.36 -42.95 -28.46
N ALA A 1587 -51.65 -44.05 -29.16
CA ALA A 1587 -51.86 -45.32 -28.46
C ALA A 1587 -50.57 -45.83 -27.84
N ILE A 1588 -49.46 -45.70 -28.56
CA ILE A 1588 -48.18 -46.18 -28.05
C ILE A 1588 -47.51 -45.16 -27.13
N ILE A 1589 -47.69 -43.87 -27.41
CA ILE A 1589 -47.02 -42.84 -26.62
C ILE A 1589 -47.57 -42.80 -25.20
N LYS A 1590 -48.90 -42.86 -25.07
CA LYS A 1590 -49.53 -42.87 -23.76
C LYS A 1590 -49.17 -44.13 -22.98
N LYS A 1599 -53.84 -44.22 -21.69
CA LYS A 1599 -53.76 -43.66 -20.34
C LYS A 1599 -55.04 -42.91 -20.01
N LEU A 1600 -55.21 -41.75 -20.64
CA LEU A 1600 -56.34 -40.86 -20.37
C LEU A 1600 -57.32 -40.91 -21.54
N LEU A 1601 -58.42 -40.18 -21.40
CA LEU A 1601 -59.51 -40.21 -22.36
C LEU A 1601 -59.03 -39.89 -23.77
N ASP A 1602 -59.17 -40.85 -24.68
CA ASP A 1602 -58.76 -40.70 -26.07
C ASP A 1602 -59.96 -40.71 -27.03
N GLN A 1603 -61.17 -40.50 -26.51
CA GLN A 1603 -62.35 -40.42 -27.36
C GLN A 1603 -62.53 -39.03 -27.96
N VAL A 1604 -61.62 -38.10 -27.68
CA VAL A 1604 -61.65 -36.78 -28.28
C VAL A 1604 -60.39 -36.50 -29.10
N VAL A 1605 -59.33 -37.28 -28.91
CA VAL A 1605 -58.08 -37.02 -29.63
C VAL A 1605 -58.24 -37.16 -31.14
N PRO A 1606 -58.85 -38.20 -31.67
CA PRO A 1606 -58.87 -38.40 -33.13
C PRO A 1606 -59.39 -37.18 -33.86
N PRO A 1607 -60.45 -36.53 -33.35
CA PRO A 1607 -60.91 -35.29 -34.00
C PRO A 1607 -59.95 -34.13 -33.77
N PHE B 27 -8.18 74.19 37.78
CA PHE B 27 -7.55 75.55 37.87
C PHE B 27 -6.04 75.45 38.07
N PRO B 28 -5.28 75.50 36.97
CA PRO B 28 -3.83 75.37 37.07
C PRO B 28 -3.17 76.69 37.41
N SER B 29 -2.45 76.73 38.53
CA SER B 29 -1.70 77.90 38.94
C SER B 29 -0.22 77.50 39.02
N ALA B 30 0.59 78.03 38.11
CA ALA B 30 1.96 77.56 37.99
C ALA B 30 2.74 77.76 39.28
N VAL B 31 2.59 78.93 39.90
CA VAL B 31 3.34 79.20 41.13
C VAL B 31 2.96 78.22 42.22
N THR B 32 1.66 77.97 42.40
CA THR B 32 1.23 77.04 43.43
C THR B 32 1.64 75.62 43.09
N ILE B 33 1.63 75.27 41.80
CA ILE B 33 2.08 73.94 41.40
C ILE B 33 3.55 73.75 41.77
N LYS B 34 4.37 74.75 41.48
CA LYS B 34 5.79 74.65 41.84
C LYS B 34 5.96 74.63 43.35
N SER B 35 5.13 75.35 44.09
CA SER B 35 5.19 75.27 45.55
C SER B 35 4.87 73.87 46.04
N TRP B 36 3.83 73.25 45.46
CA TRP B 36 3.49 71.88 45.82
C TRP B 36 4.66 70.94 45.51
N VAL B 37 5.28 71.11 44.36
CA VAL B 37 6.40 70.26 43.99
C VAL B 37 7.56 70.45 44.95
N ASP B 38 7.85 71.70 45.32
CA ASP B 38 8.92 71.96 46.27
C ASP B 38 8.64 71.26 47.59
N LYS B 39 7.41 71.40 48.09
CA LYS B 39 7.07 70.75 49.36
C LYS B 39 7.21 69.24 49.25
N MET B 40 6.70 68.66 48.15
CA MET B 40 6.75 67.21 48.00
C MET B 40 8.18 66.71 47.92
N GLN B 41 9.01 67.35 47.08
CA GLN B 41 10.39 66.90 46.94
C GLN B 41 11.15 67.08 48.24
N GLU B 42 10.90 68.17 48.97
CA GLU B 42 11.54 68.33 50.26
C GLU B 42 11.13 67.21 51.21
N ASP B 43 9.84 66.87 51.24
CA ASP B 43 9.39 65.80 52.12
C ASP B 43 10.06 64.49 51.76
N LEU B 44 10.06 64.14 50.47
CA LEU B 44 10.64 62.86 50.04
C LEU B 44 12.13 62.81 50.36
N VAL B 45 12.88 63.84 49.96
CA VAL B 45 14.31 63.83 50.14
C VAL B 45 14.65 63.81 51.62
N THR B 46 13.96 64.61 52.44
CA THR B 46 14.24 64.61 53.87
C THR B 46 13.92 63.25 54.48
N LEU B 47 12.81 62.63 54.11
CA LEU B 47 12.46 61.33 54.65
C LEU B 47 13.53 60.31 54.31
N ALA B 48 13.90 60.23 53.03
CA ALA B 48 14.90 59.25 52.61
C ALA B 48 16.24 59.51 53.29
N LYS B 49 16.62 60.79 53.41
CA LYS B 49 17.91 61.13 53.98
C LYS B 49 17.95 60.77 55.47
N THR B 50 16.94 61.18 56.22
CA THR B 50 16.94 60.95 57.66
C THR B 50 16.76 59.48 57.98
N ALA B 51 15.83 58.81 57.30
CA ALA B 51 15.57 57.41 57.61
C ALA B 51 16.77 56.53 57.28
N SER B 52 17.15 56.49 56.00
CA SER B 52 18.27 55.64 55.59
C SER B 52 19.57 56.11 56.24
N GLY B 53 19.82 57.41 56.24
CA GLY B 53 21.03 57.93 56.83
C GLY B 53 22.25 57.73 55.94
N VAL B 54 22.22 58.31 54.75
CA VAL B 54 23.33 58.14 53.82
C VAL B 54 24.62 58.70 54.42
N ASN B 55 24.56 59.94 54.91
CA ASN B 55 25.75 60.53 55.50
C ASN B 55 26.25 59.73 56.69
N GLN B 56 25.34 59.07 57.41
CA GLN B 56 25.76 58.24 58.53
C GLN B 56 26.63 57.08 58.04
N LEU B 57 26.21 56.42 56.97
CA LEU B 57 27.02 55.35 56.39
C LEU B 57 28.34 55.90 55.85
N VAL B 58 28.30 57.10 55.25
CA VAL B 58 29.53 57.68 54.72
C VAL B 58 30.51 57.92 55.85
N ASP B 59 30.03 58.48 56.97
CA ASP B 59 30.90 58.71 58.10
C ASP B 59 31.42 57.40 58.68
N ILE B 60 30.58 56.36 58.73
CA ILE B 60 31.02 55.08 59.24
C ILE B 60 32.17 54.55 58.38
N TYR B 61 32.01 54.63 57.06
CA TYR B 61 33.09 54.21 56.17
C TYR B 61 34.35 55.05 56.36
N GLU B 62 34.18 56.37 56.47
CA GLU B 62 35.33 57.26 56.51
C GLU B 62 36.14 57.07 57.78
N LYS B 63 35.47 56.99 58.94
CA LYS B 63 36.20 56.96 60.20
C LYS B 63 37.16 55.78 60.26
N TYR B 64 36.82 54.67 59.61
CA TYR B 64 37.71 53.51 59.54
C TYR B 64 38.55 53.60 58.26
N GLN B 65 39.41 54.62 58.23
CA GLN B 65 40.34 54.74 57.11
C GLN B 65 41.20 53.50 56.95
N ASP B 66 41.43 52.78 58.05
CA ASP B 66 42.12 51.49 58.00
C ASP B 66 41.13 50.42 57.55
N LEU B 67 41.55 49.16 57.59
CA LEU B 67 40.72 48.04 57.15
C LEU B 67 40.41 48.11 55.66
N TYR B 68 41.01 49.07 54.95
CA TYR B 68 40.77 49.29 53.54
C TYR B 68 42.07 49.21 52.77
N THR B 69 41.94 48.86 51.49
CA THR B 69 43.04 49.03 50.53
C THR B 69 42.36 49.19 49.17
N VAL B 70 42.19 50.43 48.73
CA VAL B 70 41.36 50.73 47.56
C VAL B 70 42.26 50.54 46.35
N GLU B 71 42.41 49.29 45.96
CA GLU B 71 43.22 49.02 44.78
C GLU B 71 42.46 49.40 43.51
N PRO B 72 43.17 49.86 42.48
CA PRO B 72 42.48 50.24 41.25
C PRO B 72 42.38 49.07 40.27
N ASN B 73 41.19 48.81 39.77
CA ASN B 73 41.05 47.91 38.63
C ASN B 73 41.70 48.59 37.44
N ASN B 74 42.89 48.12 37.05
CA ASN B 74 43.59 48.76 35.95
C ASN B 74 42.76 48.78 34.68
N ALA B 75 41.86 47.82 34.51
CA ALA B 75 40.94 47.79 33.38
C ALA B 75 41.65 47.49 32.07
N ARG B 76 42.97 47.42 32.10
CA ARG B 76 43.77 46.92 30.99
C ARG B 76 44.62 45.73 31.38
N GLN B 77 45.32 45.83 32.51
CA GLN B 77 46.04 44.67 33.03
C GLN B 77 45.07 43.56 33.40
N LEU B 78 43.91 43.93 33.97
CA LEU B 78 42.91 42.92 34.31
C LEU B 78 42.42 42.20 33.06
N VAL B 79 42.11 42.95 32.01
CA VAL B 79 41.67 42.34 30.77
C VAL B 79 42.77 41.44 30.22
N GLU B 80 44.01 41.91 30.22
CA GLU B 80 45.09 41.10 29.66
C GLU B 80 45.26 39.81 30.45
N ILE B 81 45.19 39.87 31.78
CA ILE B 81 45.44 38.66 32.57
C ILE B 81 44.27 37.69 32.40
N ALA B 82 43.05 38.19 32.33
CA ALA B 82 41.93 37.29 32.06
C ALA B 82 42.06 36.66 30.69
N ALA B 83 42.50 37.43 29.70
CA ALA B 83 42.71 36.89 28.37
C ALA B 83 43.76 35.80 28.38
N ARG B 84 44.85 36.02 29.10
CA ARG B 84 45.90 35.01 29.19
C ARG B 84 45.39 33.76 29.88
N ASP B 85 44.58 33.91 30.93
CA ASP B 85 44.08 32.74 31.62
C ASP B 85 43.14 31.93 30.74
N ILE B 86 42.23 32.60 30.02
CA ILE B 86 41.34 31.85 29.13
C ILE B 86 42.14 31.20 28.01
N GLU B 87 43.15 31.89 27.48
CA GLU B 87 43.99 31.29 26.47
C GLU B 87 44.69 30.05 27.02
N LYS B 88 45.17 30.12 28.26
CA LYS B 88 45.83 28.98 28.87
C LYS B 88 44.87 27.80 29.01
N LEU B 89 43.63 28.08 29.41
CA LEU B 89 42.64 27.01 29.51
C LEU B 89 42.41 26.35 28.16
N LEU B 90 42.17 27.16 27.13
CA LEU B 90 41.94 26.60 25.81
C LEU B 90 43.17 25.87 25.30
N SER B 91 44.37 26.29 25.73
CA SER B 91 45.58 25.59 25.33
C SER B 91 45.68 24.23 26.01
N ASN B 92 45.32 24.15 27.30
CA ASN B 92 45.21 22.85 27.95
C ASN B 92 44.31 21.92 27.15
N ARG B 93 43.12 22.42 26.79
CA ARG B 93 42.20 21.57 26.06
C ARG B 93 42.77 21.17 24.71
N SER B 94 43.43 22.10 24.02
CA SER B 94 44.03 21.79 22.73
C SER B 94 45.10 20.72 22.86
N LYS B 95 45.91 20.80 23.92
CA LYS B 95 46.94 19.79 24.13
C LYS B 95 46.31 18.42 24.35
N ALA B 96 45.27 18.36 25.17
CA ALA B 96 44.57 17.09 25.37
C ALA B 96 44.05 16.55 24.04
N LEU B 97 43.46 17.42 23.24
CA LEU B 97 42.92 17.01 21.95
C LEU B 97 44.03 16.46 21.05
N VAL B 98 45.17 17.16 21.01
CA VAL B 98 46.25 16.74 20.13
C VAL B 98 46.74 15.36 20.52
N ARG B 99 46.98 15.14 21.82
CA ARG B 99 47.49 13.83 22.22
C ARG B 99 46.47 12.75 21.93
N LEU B 100 45.18 13.01 22.19
CA LEU B 100 44.17 12.01 21.88
C LEU B 100 44.15 11.69 20.40
N ALA B 101 44.25 12.72 19.55
CA ALA B 101 44.19 12.49 18.11
C ALA B 101 45.35 11.64 17.64
N LEU B 102 46.56 11.95 18.11
CA LEU B 102 47.72 11.15 17.73
C LEU B 102 47.54 9.71 18.18
N GLU B 103 47.08 9.50 19.42
CA GLU B 103 46.91 8.14 19.91
C GLU B 103 45.89 7.39 19.08
N ALA B 104 44.78 8.03 18.73
CA ALA B 104 43.75 7.37 17.94
C ALA B 104 44.28 7.00 16.56
N GLU B 105 45.01 7.91 15.92
CA GLU B 105 45.59 7.58 14.62
C GLU B 105 46.52 6.38 14.75
N LYS B 106 47.40 6.39 15.75
CA LYS B 106 48.36 5.31 15.91
C LYS B 106 47.66 3.98 16.12
N VAL B 107 46.66 3.94 16.99
CA VAL B 107 45.99 2.67 17.27
C VAL B 107 45.22 2.18 16.04
N GLN B 108 44.52 3.08 15.36
CA GLN B 108 43.81 2.66 14.15
C GLN B 108 44.79 2.09 13.13
N ALA B 109 45.99 2.65 13.06
CA ALA B 109 46.93 2.20 12.04
C ALA B 109 47.18 0.70 12.12
N ALA B 110 47.11 0.13 13.32
CA ALA B 110 47.36 -1.30 13.54
C ALA B 110 46.10 -1.94 14.09
N HIS B 111 45.26 -2.46 13.21
CA HIS B 111 44.01 -3.08 13.62
C HIS B 111 43.81 -4.48 13.04
N GLN B 112 44.25 -4.72 11.81
CA GLN B 112 44.20 -6.04 11.18
C GLN B 112 42.78 -6.42 10.75
N TRP B 113 41.79 -5.62 11.10
CA TRP B 113 40.42 -5.77 10.59
C TRP B 113 39.90 -7.20 10.81
N ARG B 114 39.77 -7.56 12.08
CA ARG B 114 39.16 -8.83 12.42
C ARG B 114 37.73 -8.88 11.90
N GLU B 115 37.22 -10.11 11.74
CA GLU B 115 35.87 -10.29 11.23
C GLU B 115 35.11 -11.40 11.94
N ASP B 116 35.63 -11.93 13.05
CA ASP B 116 35.02 -13.04 13.77
C ASP B 116 35.07 -12.70 15.26
N PHE B 117 34.06 -11.97 15.74
CA PHE B 117 34.04 -11.47 17.10
C PHE B 117 33.18 -12.33 18.03
N ALA B 118 32.72 -13.49 17.56
CA ALA B 118 32.04 -14.41 18.46
C ALA B 118 32.96 -14.86 19.57
N SER B 119 34.23 -15.10 19.25
CA SER B 119 35.26 -15.42 20.23
C SER B 119 36.10 -14.16 20.50
N ASN B 120 36.60 -14.07 21.73
CA ASN B 120 37.32 -12.88 22.18
C ASN B 120 36.42 -11.65 22.11
N GLU B 121 35.30 -11.74 22.83
CA GLU B 121 34.27 -10.71 22.72
C GLU B 121 34.81 -9.35 23.14
N VAL B 122 34.37 -8.31 22.46
CA VAL B 122 34.72 -6.94 22.81
C VAL B 122 33.90 -6.52 24.01
N VAL B 123 34.58 -5.96 25.01
CA VAL B 123 33.96 -5.56 26.27
C VAL B 123 33.86 -4.05 26.30
N TYR B 124 32.66 -3.54 26.54
CA TYR B 124 32.42 -2.11 26.61
C TYR B 124 31.17 -1.86 27.43
N TYR B 125 30.87 -0.60 27.66
CA TYR B 125 29.69 -0.19 28.41
C TYR B 125 28.77 0.60 27.48
N ASN B 126 27.70 -0.04 27.01
CA ASN B 126 26.69 0.69 26.27
C ASN B 126 25.97 1.67 27.20
N ALA B 127 25.71 2.87 26.68
CA ALA B 127 25.08 3.90 27.49
C ALA B 127 23.60 3.64 27.72
N LYS B 128 22.88 3.19 26.70
CA LYS B 128 21.44 2.97 26.81
C LYS B 128 21.15 1.59 27.40
N ASP B 129 21.65 1.39 28.62
CA ASP B 129 21.51 0.11 29.30
C ASP B 129 20.32 0.14 30.25
N GLN B 143 30.15 -7.77 24.86
CA GLN B 143 29.59 -8.04 26.17
C GLN B 143 29.59 -6.79 27.04
N ARG B 144 28.42 -6.41 27.55
CA ARG B 144 28.28 -5.17 28.29
C ARG B 144 28.99 -5.28 29.64
N ILE B 145 29.36 -4.12 30.18
CA ILE B 145 30.01 -4.01 31.46
C ILE B 145 28.99 -3.62 32.51
N LYS B 146 29.22 -4.06 33.74
CA LYS B 146 28.39 -3.66 34.86
C LYS B 146 29.09 -2.53 35.60
N PRO B 147 28.62 -1.29 35.51
CA PRO B 147 29.36 -0.18 36.10
C PRO B 147 28.89 0.16 37.52
N VAL B 148 29.75 0.91 38.21
CA VAL B 148 29.45 1.52 39.49
C VAL B 148 29.67 3.01 39.36
N PHE B 149 28.69 3.81 39.78
CA PHE B 149 28.66 5.23 39.49
C PHE B 149 28.93 6.04 40.74
N ILE B 150 29.84 6.99 40.62
CA ILE B 150 30.14 7.95 41.69
C ILE B 150 29.33 9.21 41.41
N GLU B 151 28.51 9.61 42.37
CA GLU B 151 27.61 10.75 42.18
C GLU B 151 28.38 12.05 42.41
N ASP B 152 29.39 12.26 41.57
CA ASP B 152 30.18 13.47 41.67
C ASP B 152 29.36 14.70 41.30
N ALA B 153 29.63 15.81 41.97
CA ALA B 153 28.87 17.04 41.79
C ALA B 153 29.40 17.91 40.66
N ASN B 154 30.55 17.55 40.07
CA ASN B 154 31.08 18.37 38.98
C ASN B 154 30.15 18.35 37.77
N PHE B 155 29.62 17.18 37.42
CA PHE B 155 28.75 17.04 36.27
C PHE B 155 27.27 17.03 36.62
N GLY B 156 26.93 16.82 37.89
CA GLY B 156 25.54 16.77 38.30
C GLY B 156 24.83 15.48 37.96
N ARG B 157 25.56 14.43 37.62
CA ARG B 157 24.95 13.14 37.28
C ARG B 157 25.92 12.05 37.70
N GLN B 158 25.72 10.85 37.18
CA GLN B 158 26.54 9.70 37.55
C GLN B 158 27.82 9.65 36.71
N ILE B 159 28.92 9.30 37.35
CA ILE B 159 30.22 9.18 36.70
C ILE B 159 30.93 7.93 37.21
N SER B 160 31.86 7.43 36.42
CA SER B 160 32.59 6.20 36.72
C SER B 160 34.10 6.37 36.74
N TYR B 161 34.66 7.15 35.82
CA TYR B 161 36.09 7.44 35.82
C TYR B 161 36.96 6.22 35.61
N GLN B 162 36.37 5.06 35.29
CA GLN B 162 37.19 3.86 35.11
C GLN B 162 36.74 3.03 33.91
N HIS B 163 35.97 3.61 32.99
CA HIS B 163 35.65 2.97 31.72
C HIS B 163 34.83 3.94 30.88
N ALA B 164 35.11 3.98 29.59
CA ALA B 164 34.53 4.97 28.69
C ALA B 164 33.22 4.45 28.12
N ALA B 165 32.13 5.15 28.39
CA ALA B 165 30.84 4.75 27.88
C ALA B 165 30.85 4.78 26.37
N VAL B 166 29.76 4.28 25.78
CA VAL B 166 29.54 4.32 24.34
C VAL B 166 28.09 4.67 24.10
N HIS B 167 27.82 5.30 22.97
CA HIS B 167 26.45 5.67 22.60
C HIS B 167 26.24 5.31 21.14
N ILE B 168 25.71 4.12 20.89
CA ILE B 168 25.37 3.69 19.54
C ILE B 168 23.97 4.23 19.22
N PRO B 169 23.81 5.08 18.21
CA PRO B 169 22.48 5.62 17.93
C PRO B 169 21.48 4.52 17.67
N THR B 170 20.22 4.81 17.98
CA THR B 170 19.21 3.76 18.07
C THR B 170 19.14 2.94 16.79
N ASP B 171 19.28 3.58 15.63
CA ASP B 171 19.07 2.89 14.36
C ASP B 171 20.30 2.13 13.88
N ILE B 172 21.39 2.16 14.62
CA ILE B 172 22.58 1.38 14.29
C ILE B 172 22.56 0.09 15.10
N TYR B 173 22.98 -1.01 14.48
CA TYR B 173 22.99 -2.30 15.15
C TYR B 173 24.18 -2.40 16.08
N GLU B 174 23.95 -2.98 17.27
CA GLU B 174 24.99 -3.02 18.28
C GLU B 174 26.22 -3.77 17.79
N GLY B 175 26.03 -4.93 17.16
CA GLY B 175 27.13 -5.84 16.91
C GLY B 175 27.42 -6.14 15.46
N SER B 176 27.26 -5.15 14.59
CA SER B 176 27.62 -5.35 13.19
C SER B 176 29.11 -5.62 13.07
N THR B 177 29.56 -5.85 11.85
CA THR B 177 30.98 -6.08 11.60
C THR B 177 31.77 -4.79 11.52
N ILE B 178 31.10 -3.63 11.58
CA ILE B 178 31.78 -2.34 11.58
C ILE B 178 31.80 -1.72 12.97
N VAL B 179 30.67 -1.77 13.68
CA VAL B 179 30.63 -1.22 15.04
C VAL B 179 31.58 -2.00 15.93
N LEU B 180 31.60 -3.33 15.80
CA LEU B 180 32.46 -4.13 16.66
C LEU B 180 33.93 -3.78 16.45
N ASN B 181 34.33 -3.59 15.20
CA ASN B 181 35.71 -3.18 14.94
C ASN B 181 36.00 -1.81 15.52
N GLU B 182 35.06 -0.87 15.37
CA GLU B 182 35.26 0.44 15.98
C GLU B 182 35.47 0.32 17.48
N LEU B 183 34.65 -0.49 18.15
CA LEU B 183 34.78 -0.67 19.58
C LEU B 183 36.13 -1.28 19.93
N ASN B 184 36.54 -2.30 19.21
CA ASN B 184 37.79 -2.88 19.61
C ASN B 184 38.78 -1.77 19.48
N TRP B 185 39.04 -1.33 18.29
CA TRP B 185 40.20 -0.49 18.09
C TRP B 185 40.14 0.82 18.85
N THR B 186 38.97 1.25 19.31
CA THR B 186 38.89 2.40 20.20
C THR B 186 39.06 2.02 21.65
N SER B 187 39.01 0.74 21.98
CA SER B 187 39.21 0.35 23.37
C SER B 187 40.56 0.81 23.91
N ALA B 188 41.52 1.09 23.04
CA ALA B 188 42.78 1.66 23.50
C ALA B 188 42.66 3.13 23.88
N LEU B 189 41.64 3.83 23.38
CA LEU B 189 41.48 5.24 23.72
C LEU B 189 41.21 5.45 25.21
N ASP B 190 40.76 4.40 25.90
CA ASP B 190 40.41 4.57 27.31
C ASP B 190 41.61 4.98 28.14
N GLU B 191 42.77 4.39 27.86
CA GLU B 191 43.96 4.72 28.64
C GLU B 191 44.33 6.19 28.50
N VAL B 192 44.31 6.72 27.28
CA VAL B 192 44.65 8.11 27.09
C VAL B 192 43.56 9.02 27.65
N PHE B 193 42.29 8.61 27.58
CA PHE B 193 41.24 9.36 28.25
C PHE B 193 41.56 9.50 29.73
N LYS B 194 41.91 8.39 30.38
CA LYS B 194 42.22 8.43 31.79
C LYS B 194 43.44 9.31 32.05
N LYS B 195 44.45 9.22 31.20
CA LYS B 195 45.64 10.04 31.38
C LYS B 195 45.29 11.52 31.32
N ASN B 196 44.46 11.91 30.35
CA ASN B 196 44.04 13.30 30.25
C ASN B 196 43.32 13.73 31.52
N ARG B 197 42.30 12.95 31.91
CA ARG B 197 41.52 13.36 33.07
C ARG B 197 42.31 13.32 34.36
N GLU B 198 43.45 12.62 34.38
CA GLU B 198 44.27 12.52 35.59
C GLU B 198 45.33 13.60 35.66
N GLU B 199 45.98 13.93 34.56
CA GLU B 199 47.02 14.96 34.61
C GLU B 199 46.46 16.32 34.99
N ASP B 200 45.16 16.53 34.86
CA ASP B 200 44.50 17.72 35.39
C ASP B 200 43.01 17.45 35.53
N PRO B 201 42.45 17.56 36.73
CA PRO B 201 40.99 17.37 36.86
C PRO B 201 40.23 18.54 36.27
N SER B 202 38.92 18.57 36.47
CA SER B 202 38.06 19.65 36.00
C SER B 202 37.97 19.69 34.49
N LEU B 203 38.14 18.55 33.84
CA LEU B 203 37.98 18.41 32.40
C LEU B 203 36.71 17.60 32.16
N LEU B 204 35.72 18.21 31.51
CA LEU B 204 34.39 17.63 31.56
C LEU B 204 34.23 16.38 30.70
N TRP B 205 34.27 16.53 29.38
CA TRP B 205 34.04 15.41 28.49
C TRP B 205 35.12 15.35 27.42
N GLN B 206 35.60 14.15 27.15
CA GLN B 206 36.30 13.85 25.91
C GLN B 206 35.39 12.95 25.10
N VAL B 207 35.06 13.37 23.89
CA VAL B 207 34.15 12.62 23.03
C VAL B 207 34.92 12.23 21.78
N PHE B 208 34.51 11.12 21.18
CA PHE B 208 35.10 10.66 19.92
C PHE B 208 33.97 10.24 19.00
N GLY B 209 33.56 11.16 18.12
CA GLY B 209 32.43 10.89 17.25
C GLY B 209 32.82 10.17 15.98
N SER B 210 33.32 8.95 16.11
CA SER B 210 33.79 8.22 14.95
C SER B 210 32.71 8.19 13.87
N ALA B 211 33.16 8.08 12.62
CA ALA B 211 32.23 8.16 11.50
C ALA B 211 31.53 6.84 11.27
N THR B 212 30.96 6.27 12.34
CA THR B 212 30.09 5.11 12.22
C THR B 212 28.92 5.21 13.19
N GLY B 213 28.69 6.38 13.76
CA GLY B 213 27.62 6.60 14.72
C GLY B 213 28.05 6.52 16.17
N LEU B 214 29.19 5.90 16.45
CA LEU B 214 29.61 5.73 17.83
C LEU B 214 29.85 7.07 18.50
N ALA B 215 30.02 7.02 19.82
CA ALA B 215 30.38 8.19 20.60
C ALA B 215 30.99 7.67 21.89
N ARG B 216 32.31 7.69 21.98
CA ARG B 216 33.02 7.11 23.11
C ARG B 216 33.47 8.25 24.02
N TYR B 217 32.60 8.64 24.96
CA TYR B 217 32.93 9.69 25.91
C TYR B 217 33.36 9.09 27.23
N TYR B 218 34.42 9.64 27.81
CA TYR B 218 35.14 8.92 28.86
C TYR B 218 34.39 8.85 30.18
N PRO B 219 33.95 9.96 30.75
CA PRO B 219 33.20 9.83 32.00
C PRO B 219 31.88 9.14 31.72
N ALA B 220 31.78 7.87 32.07
CA ALA B 220 30.66 7.05 31.66
C ALA B 220 29.45 7.39 32.51
N SER B 221 28.46 8.03 31.90
CA SER B 221 27.20 8.31 32.55
C SER B 221 26.07 7.74 31.72
N PRO B 222 24.98 7.28 32.35
CA PRO B 222 23.85 6.79 31.57
C PRO B 222 23.37 7.87 30.61
N TRP B 223 23.05 7.45 29.39
CA TRP B 223 22.57 8.41 28.42
C TRP B 223 21.30 9.08 28.95
N VAL B 224 21.20 10.39 28.74
CA VAL B 224 20.05 11.14 29.20
C VAL B 224 18.76 10.54 28.65
N LYS B 232 10.23 8.83 25.09
CA LYS B 232 11.60 9.25 24.85
C LYS B 232 12.24 8.37 23.78
N ILE B 233 12.69 9.00 22.70
CA ILE B 233 13.32 8.31 21.58
C ILE B 233 14.68 8.95 21.36
N ASP B 234 15.74 8.17 21.51
CA ASP B 234 17.09 8.70 21.36
C ASP B 234 17.38 8.95 19.89
N LEU B 235 17.33 10.22 19.50
CA LEU B 235 17.62 10.62 18.12
C LEU B 235 19.03 11.15 17.95
N TYR B 236 19.83 11.15 19.00
CA TYR B 236 21.20 11.65 18.90
C TYR B 236 21.94 10.91 17.80
N ASP B 237 22.79 11.63 17.08
CA ASP B 237 23.59 11.03 16.01
C ASP B 237 24.82 11.92 15.85
N VAL B 238 25.96 11.43 16.35
CA VAL B 238 27.12 12.30 16.51
C VAL B 238 27.46 13.01 15.22
N ARG B 239 27.24 12.36 14.08
CA ARG B 239 27.67 12.97 12.83
C ARG B 239 26.83 14.18 12.44
N ARG B 240 25.95 14.64 13.31
CA ARG B 240 25.07 15.77 12.98
C ARG B 240 25.28 16.88 13.99
N ARG B 241 25.99 16.63 15.09
CA ARG B 241 26.16 17.65 16.11
C ARG B 241 27.02 18.79 15.59
N PRO B 242 26.83 20.01 16.09
CA PRO B 242 27.65 21.13 15.61
C PRO B 242 29.13 20.88 15.77
N TRP B 243 29.55 20.23 16.84
CA TRP B 243 30.97 20.06 17.08
C TRP B 243 31.59 18.96 16.21
N TYR B 244 30.78 18.22 15.47
CA TYR B 244 31.34 17.27 14.51
C TYR B 244 31.49 17.90 13.12
N ILE B 245 30.46 18.60 12.66
CA ILE B 245 30.56 19.24 11.35
C ILE B 245 31.67 20.28 11.34
N GLN B 246 31.85 21.00 12.45
CA GLN B 246 32.91 21.99 12.52
C GLN B 246 34.28 21.36 12.28
N GLY B 247 34.42 20.07 12.58
CA GLY B 247 35.68 19.40 12.43
C GLY B 247 35.79 18.61 11.14
N ALA B 248 34.69 18.00 10.71
CA ALA B 248 34.74 17.11 9.57
C ALA B 248 34.93 17.83 8.25
N ALA B 249 34.67 19.14 8.17
CA ALA B 249 34.71 19.83 6.90
C ALA B 249 35.01 21.30 7.10
N SER B 250 35.51 21.91 6.04
CA SER B 250 35.69 23.34 5.96
C SER B 250 34.37 24.04 5.68
N PRO B 251 34.30 25.36 5.87
CA PRO B 251 33.07 26.09 5.54
C PRO B 251 32.59 25.78 4.13
N LYS B 252 31.33 26.15 3.87
CA LYS B 252 30.67 25.82 2.61
C LYS B 252 29.97 27.05 2.07
N ASP B 253 29.63 26.99 0.78
CA ASP B 253 28.72 27.96 0.15
C ASP B 253 27.69 27.14 -0.62
N MET B 254 26.70 26.64 0.08
CA MET B 254 25.75 25.74 -0.55
C MET B 254 24.81 26.51 -1.45
N LEU B 255 24.10 25.77 -2.29
CA LEU B 255 23.02 26.34 -3.09
C LEU B 255 22.11 25.19 -3.50
N ILE B 256 21.00 25.05 -2.78
CA ILE B 256 20.14 23.88 -2.91
C ILE B 256 19.17 24.13 -4.06
N LEU B 257 19.28 23.34 -5.13
CA LEU B 257 18.40 23.50 -6.29
C LEU B 257 17.22 22.55 -6.19
N VAL B 258 16.36 22.83 -5.22
CA VAL B 258 15.13 22.06 -5.08
C VAL B 258 14.43 22.01 -6.43
N ASP B 259 14.02 20.82 -6.85
CA ASP B 259 13.40 20.63 -8.15
C ASP B 259 11.89 20.59 -7.98
N VAL B 260 11.28 21.78 -7.93
CA VAL B 260 9.81 21.87 -7.89
C VAL B 260 9.36 21.90 -9.34
N SER B 261 9.18 20.73 -9.91
CA SER B 261 8.52 20.55 -11.20
C SER B 261 7.37 19.58 -11.01
N GLY B 262 6.54 19.45 -12.05
CA GLY B 262 5.38 18.59 -11.95
C GLY B 262 5.74 17.15 -11.64
N SER B 263 6.94 16.73 -11.97
CA SER B 263 7.32 15.33 -11.81
C SER B 263 7.56 14.94 -10.36
N VAL B 264 7.55 15.88 -9.42
CA VAL B 264 7.79 15.57 -8.01
C VAL B 264 6.56 15.77 -7.15
N SER B 265 5.45 16.24 -7.71
CA SER B 265 4.27 16.46 -6.90
C SER B 265 3.86 15.19 -6.19
N GLY B 266 3.51 15.32 -4.91
CA GLY B 266 3.06 14.18 -4.13
C GLY B 266 3.97 13.88 -2.96
N LEU B 267 4.25 12.60 -2.72
CA LEU B 267 5.12 12.23 -1.62
C LEU B 267 6.54 12.75 -1.84
N THR B 268 7.03 12.66 -3.08
CA THR B 268 8.41 13.07 -3.32
C THR B 268 8.65 14.52 -2.94
N LEU B 269 7.65 15.38 -3.12
CA LEU B 269 7.80 16.76 -2.68
C LEU B 269 7.97 16.82 -1.17
N LYS B 270 7.20 16.02 -0.43
CA LYS B 270 7.36 16.01 1.02
C LYS B 270 8.75 15.54 1.40
N LEU B 271 9.26 14.52 0.70
CA LEU B 271 10.62 14.08 0.98
C LEU B 271 11.63 15.17 0.68
N ILE B 272 11.43 15.91 -0.41
CA ILE B 272 12.37 16.98 -0.74
C ILE B 272 12.36 18.05 0.34
N ARG B 273 11.17 18.46 0.77
CA ARG B 273 11.09 19.50 1.79
C ARG B 273 11.71 19.03 3.09
N THR B 274 11.39 17.81 3.53
CA THR B 274 11.97 17.30 4.77
C THR B 274 13.48 17.17 4.64
N SER B 275 13.98 16.71 3.49
CA SER B 275 15.41 16.55 3.32
C SER B 275 16.12 17.89 3.32
N VAL B 276 15.54 18.89 2.67
CA VAL B 276 16.14 20.22 2.68
C VAL B 276 16.19 20.76 4.11
N SER B 277 15.12 20.54 4.88
CA SER B 277 15.12 20.99 6.27
C SER B 277 16.21 20.28 7.07
N GLU B 278 16.28 18.95 6.97
CA GLU B 278 17.27 18.19 7.70
C GLU B 278 18.68 18.47 7.22
N MET B 279 18.84 19.04 6.03
CA MET B 279 20.15 19.46 5.58
C MET B 279 20.53 20.82 6.13
N LEU B 280 19.63 21.80 6.01
CA LEU B 280 19.89 23.10 6.62
C LEU B 280 20.14 22.95 8.12
N GLU B 281 19.64 21.89 8.73
CA GLU B 281 20.00 21.62 10.12
C GLU B 281 21.49 21.36 10.27
N THR B 282 22.20 21.05 9.18
CA THR B 282 23.62 20.70 9.23
C THR B 282 24.48 21.80 8.64
N LEU B 283 24.17 23.05 8.93
CA LEU B 283 24.98 24.19 8.52
C LEU B 283 25.32 25.03 9.74
N SER B 284 26.59 25.35 9.90
CA SER B 284 27.04 26.16 11.02
C SER B 284 26.72 27.62 10.72
N ASP B 285 27.29 28.53 11.50
CA ASP B 285 27.01 29.95 11.36
C ASP B 285 28.07 30.68 10.54
N ASP B 286 29.04 29.97 9.98
CA ASP B 286 30.13 30.56 9.22
C ASP B 286 30.22 29.95 7.84
N ASP B 287 29.06 29.62 7.26
CA ASP B 287 29.02 28.99 5.95
C ASP B 287 27.65 29.25 5.36
N PHE B 288 27.62 29.75 4.13
CA PHE B 288 26.42 30.41 3.64
C PHE B 288 25.52 29.39 2.93
N VAL B 289 24.34 29.83 2.51
CA VAL B 289 23.36 28.93 1.92
C VAL B 289 22.30 29.75 1.21
N ASN B 290 21.65 29.14 0.23
CA ASN B 290 20.43 29.69 -0.36
C ASN B 290 19.69 28.55 -1.02
N VAL B 291 18.42 28.78 -1.32
CA VAL B 291 17.52 27.73 -1.80
C VAL B 291 16.85 28.22 -3.08
N ALA B 292 17.40 27.86 -4.22
CA ALA B 292 16.75 28.14 -5.49
C ALA B 292 15.78 27.01 -5.84
N SER B 293 15.01 27.21 -6.90
CA SER B 293 14.10 26.18 -7.37
C SER B 293 13.74 26.47 -8.81
N PHE B 294 13.75 25.45 -9.66
CA PHE B 294 13.61 25.63 -11.09
C PHE B 294 12.44 24.83 -11.63
N ASN B 295 11.54 25.52 -12.33
CA ASN B 295 10.43 24.92 -13.06
C ASN B 295 10.33 25.56 -14.43
N SER B 296 11.45 25.61 -15.14
CA SER B 296 11.64 26.40 -16.35
C SER B 296 11.95 27.84 -15.98
N ASN B 297 11.97 28.19 -14.70
CA ASN B 297 12.40 29.49 -14.24
C ASN B 297 12.99 29.33 -12.85
N ALA B 298 14.21 29.80 -12.66
CA ALA B 298 14.92 29.63 -11.41
C ALA B 298 14.57 30.78 -10.47
N GLN B 299 13.43 30.63 -9.80
CA GLN B 299 13.04 31.59 -8.78
C GLN B 299 13.89 31.37 -7.54
N ASP B 300 13.53 32.03 -6.45
CA ASP B 300 14.10 31.77 -5.14
C ASP B 300 12.96 31.59 -4.16
N VAL B 301 12.99 30.51 -3.39
CA VAL B 301 11.91 30.25 -2.44
C VAL B 301 11.85 31.27 -1.33
N SER B 302 12.90 32.05 -1.14
CA SER B 302 12.98 33.02 -0.05
C SER B 302 13.00 34.43 -0.60
N CYS B 303 13.27 35.38 0.28
CA CYS B 303 13.32 36.80 -0.04
C CYS B 303 14.75 37.31 -0.18
N PHE B 304 15.72 36.41 -0.29
CA PHE B 304 17.13 36.76 -0.12
C PHE B 304 17.84 37.08 -1.43
N GLN B 305 17.79 36.19 -2.41
CA GLN B 305 18.42 36.38 -3.71
C GLN B 305 19.95 36.37 -3.65
N HIS B 306 20.53 35.88 -2.57
CA HIS B 306 21.97 35.63 -2.51
C HIS B 306 22.24 34.87 -1.22
N LEU B 307 23.52 34.62 -0.92
CA LEU B 307 23.88 33.76 0.20
C LEU B 307 23.74 34.52 1.51
N VAL B 308 23.25 33.83 2.55
CA VAL B 308 22.71 34.51 3.72
C VAL B 308 23.19 33.98 5.06
N GLN B 309 24.35 33.34 5.10
CA GLN B 309 25.05 33.07 6.35
C GLN B 309 24.41 31.99 7.21
N ALA B 310 23.23 31.52 6.87
CA ALA B 310 22.60 30.44 7.62
C ALA B 310 22.74 30.63 9.12
N ASN B 311 22.31 31.79 9.60
CA ASN B 311 22.20 32.02 11.03
C ASN B 311 21.14 31.09 11.59
N VAL B 312 20.88 31.20 12.90
CA VAL B 312 19.73 30.50 13.45
C VAL B 312 18.44 31.09 12.93
N ARG B 313 18.48 32.31 12.40
CA ARG B 313 17.29 33.01 11.94
C ARG B 313 17.03 32.81 10.45
N ASN B 314 18.03 33.09 9.61
CA ASN B 314 17.82 32.89 8.18
C ASN B 314 17.42 31.45 7.88
N LYS B 315 17.96 30.50 8.64
CA LYS B 315 17.51 29.12 8.50
C LYS B 315 16.00 29.03 8.66
N LYS B 316 15.44 29.79 9.58
CA LYS B 316 13.99 29.76 9.78
C LYS B 316 13.26 30.20 8.52
N VAL B 317 13.73 31.29 7.90
CA VAL B 317 13.07 31.78 6.69
C VAL B 317 13.18 30.75 5.59
N LEU B 318 14.35 30.17 5.40
CA LEU B 318 14.51 29.18 4.34
C LEU B 318 13.65 27.96 4.58
N LYS B 319 13.57 27.50 5.84
CA LYS B 319 12.74 26.34 6.14
C LYS B 319 11.26 26.65 5.89
N ASP B 320 10.80 27.82 6.29
CA ASP B 320 9.40 28.17 6.04
C ASP B 320 9.13 28.28 4.55
N ALA B 321 10.04 28.90 3.79
CA ALA B 321 9.86 28.99 2.36
C ALA B 321 9.77 27.60 1.74
N VAL B 322 10.68 26.71 2.12
CA VAL B 322 10.67 25.36 1.59
C VAL B 322 9.34 24.68 1.91
N ASN B 323 8.90 24.79 3.15
CA ASN B 323 7.65 24.15 3.55
C ASN B 323 6.48 24.67 2.72
N ASN B 324 6.49 25.96 2.40
CA ASN B 324 5.42 26.56 1.62
C ASN B 324 5.82 26.65 0.16
N ILE B 325 5.98 25.48 -0.45
CA ILE B 325 6.34 25.35 -1.85
C ILE B 325 5.39 24.35 -2.50
N THR B 326 5.26 24.43 -3.82
CA THR B 326 4.34 23.57 -4.54
C THR B 326 4.86 23.32 -5.94
N ALA B 327 4.69 22.09 -6.42
CA ALA B 327 5.20 21.69 -7.73
C ALA B 327 4.32 22.26 -8.84
N LYS B 328 4.92 22.41 -10.02
CA LYS B 328 4.25 22.96 -11.19
C LYS B 328 5.25 22.95 -12.35
N GLY B 329 4.73 23.23 -13.54
CA GLY B 329 5.59 23.58 -14.65
C GLY B 329 6.36 22.41 -15.24
N ILE B 330 7.42 22.77 -15.97
CA ILE B 330 8.24 21.84 -16.73
C ILE B 330 9.67 21.91 -16.23
N THR B 331 10.29 20.75 -16.04
CA THR B 331 11.67 20.69 -15.58
C THR B 331 12.60 21.19 -16.68
N ASP B 332 13.61 21.98 -16.29
CA ASP B 332 14.58 22.53 -17.23
C ASP B 332 15.90 22.71 -16.49
N TYR B 333 16.76 21.69 -16.55
CA TYR B 333 17.99 21.72 -15.77
C TYR B 333 18.91 22.85 -16.21
N LYS B 334 18.99 23.13 -17.51
CA LYS B 334 19.95 24.10 -18.01
C LYS B 334 19.72 25.47 -17.37
N LYS B 335 18.47 25.94 -17.36
CA LYS B 335 18.17 27.24 -16.77
C LYS B 335 18.45 27.25 -15.27
N GLY B 336 18.01 26.21 -14.56
CA GLY B 336 18.23 26.16 -13.14
C GLY B 336 19.70 26.20 -12.77
N PHE B 337 20.50 25.37 -13.46
CA PHE B 337 21.92 25.36 -13.16
C PHE B 337 22.61 26.65 -13.58
N SER B 338 22.18 27.26 -14.68
CA SER B 338 22.77 28.53 -15.07
C SER B 338 22.53 29.57 -14.00
N PHE B 339 21.29 29.66 -13.51
CA PHE B 339 20.98 30.59 -12.43
C PHE B 339 21.82 30.28 -11.19
N ALA B 340 21.95 28.99 -10.86
CA ALA B 340 22.69 28.61 -9.66
C ALA B 340 24.14 29.04 -9.78
N PHE B 341 24.81 28.66 -10.86
CA PHE B 341 26.20 29.04 -11.03
C PHE B 341 26.37 30.55 -11.08
N GLU B 342 25.35 31.28 -11.55
CA GLU B 342 25.43 32.74 -11.47
C GLU B 342 25.42 33.20 -10.02
N GLN B 343 24.55 32.60 -9.19
CA GLN B 343 24.49 33.02 -7.79
C GLN B 343 25.79 32.76 -7.05
N LEU B 344 26.56 31.76 -7.44
CA LEU B 344 27.82 31.48 -6.76
C LEU B 344 28.93 32.42 -7.20
N LEU B 345 28.72 33.22 -8.24
CA LEU B 345 29.68 34.23 -8.68
C LEU B 345 29.31 35.62 -8.20
N ASN B 346 28.52 35.72 -7.14
CA ASN B 346 28.11 36.99 -6.57
C ASN B 346 29.10 37.39 -5.48
N TYR B 347 30.32 37.70 -5.92
CA TYR B 347 31.44 37.88 -4.98
C TYR B 347 31.28 39.10 -4.10
N ASN B 348 30.42 40.05 -4.47
CA ASN B 348 30.30 41.31 -3.74
C ASN B 348 29.19 41.28 -2.69
N VAL B 349 28.91 40.10 -2.13
CA VAL B 349 27.91 39.99 -1.08
C VAL B 349 28.55 39.32 0.14
N SER B 350 29.87 39.36 0.22
CA SER B 350 30.60 38.91 1.40
C SER B 350 30.52 37.40 1.59
N ARG B 351 30.53 36.65 0.48
CA ARG B 351 30.45 35.20 0.57
C ARG B 351 31.61 34.65 1.40
N ALA B 352 31.52 33.37 1.73
CA ALA B 352 32.66 32.62 2.22
C ALA B 352 33.33 31.95 1.01
N ASN B 353 34.50 32.43 0.65
CA ASN B 353 35.07 32.16 -0.67
C ASN B 353 35.42 30.70 -0.92
N CYS B 354 35.06 29.71 -0.13
CA CYS B 354 35.58 28.36 -0.30
C CYS B 354 34.47 27.31 -0.25
N ASN B 355 34.77 26.15 -0.82
CA ASN B 355 33.80 25.06 -0.95
C ASN B 355 32.54 25.53 -1.65
N LYS B 356 32.71 26.03 -2.87
CA LYS B 356 31.57 26.43 -3.68
C LYS B 356 30.79 25.18 -4.07
N ILE B 357 29.60 25.01 -3.51
CA ILE B 357 28.84 23.77 -3.60
C ILE B 357 27.47 24.06 -4.19
N ILE B 358 26.98 23.12 -5.01
CA ILE B 358 25.60 23.11 -5.48
C ILE B 358 25.06 21.72 -5.22
N MET B 359 23.90 21.63 -4.61
CA MET B 359 23.36 20.33 -4.20
C MET B 359 21.95 20.19 -4.76
N LEU B 360 21.87 19.68 -5.98
CA LEU B 360 20.60 19.56 -6.66
C LEU B 360 19.74 18.49 -6.01
N PHE B 361 18.47 18.81 -5.77
CA PHE B 361 17.49 17.85 -5.31
C PHE B 361 16.51 17.61 -6.44
N THR B 362 16.43 16.38 -6.88
CA THR B 362 15.58 16.14 -8.04
C THR B 362 15.06 14.74 -7.97
N ASP B 363 14.02 14.43 -8.71
CA ASP B 363 13.58 13.03 -8.78
C ASP B 363 14.47 12.34 -9.80
N GLY B 364 14.30 12.64 -11.08
CA GLY B 364 15.20 12.07 -12.09
C GLY B 364 15.14 12.93 -13.31
N GLY B 365 16.19 12.88 -14.11
CA GLY B 365 16.23 13.77 -15.28
C GLY B 365 16.65 13.00 -16.48
N GLU B 366 16.49 13.60 -17.66
CA GLU B 366 16.93 12.95 -18.90
C GLU B 366 17.79 13.86 -19.74
N GLU B 367 18.15 15.04 -19.26
CA GLU B 367 18.94 16.02 -20.01
C GLU B 367 20.13 16.44 -19.17
N ARG B 368 21.23 15.71 -19.32
CA ARG B 368 22.49 16.13 -18.70
C ARG B 368 22.94 17.42 -19.35
N ALA B 369 22.95 18.51 -18.57
CA ALA B 369 23.26 19.83 -19.11
C ALA B 369 24.77 19.94 -19.34
N GLN B 370 25.22 19.26 -20.39
CA GLN B 370 26.65 19.30 -20.70
C GLN B 370 27.10 20.71 -21.06
N GLU B 371 26.29 21.44 -21.82
CA GLU B 371 26.70 22.76 -22.27
C GLU B 371 26.98 23.68 -21.09
N ILE B 372 26.10 23.70 -20.10
CA ILE B 372 26.28 24.62 -18.99
C ILE B 372 27.47 24.21 -18.13
N PHE B 373 27.66 22.90 -17.92
CA PHE B 373 28.82 22.47 -17.15
C PHE B 373 30.12 22.69 -17.90
N ASN B 374 30.07 22.85 -19.22
CA ASN B 374 31.25 23.19 -19.98
C ASN B 374 31.50 24.69 -20.03
N LYS B 375 30.43 25.49 -19.99
CA LYS B 375 30.57 26.94 -19.96
C LYS B 375 31.02 27.40 -18.59
N TYR B 376 30.19 27.19 -17.57
CA TYR B 376 30.60 27.42 -16.20
C TYR B 376 31.31 26.19 -15.66
N ASN B 377 31.95 26.35 -14.50
CA ASN B 377 32.59 25.23 -13.83
C ASN B 377 33.61 24.54 -14.74
N LYS B 378 34.20 25.29 -15.67
CA LYS B 378 35.16 24.68 -16.58
C LYS B 378 36.33 24.09 -15.80
N ASP B 379 36.82 24.81 -14.80
CA ASP B 379 37.95 24.36 -14.01
C ASP B 379 37.53 23.55 -12.79
N LYS B 380 36.33 22.98 -12.81
CA LYS B 380 35.85 22.14 -11.71
C LYS B 380 35.88 22.90 -10.39
N LYS B 381 35.64 24.21 -10.45
CA LYS B 381 35.61 25.00 -9.23
C LYS B 381 34.49 24.53 -8.32
N VAL B 382 33.32 24.25 -8.87
CA VAL B 382 32.16 23.94 -8.07
C VAL B 382 32.12 22.43 -7.80
N ARG B 383 31.33 22.06 -6.78
CA ARG B 383 31.16 20.67 -6.35
C ARG B 383 29.68 20.36 -6.42
N VAL B 384 29.24 19.69 -7.46
CA VAL B 384 27.82 19.43 -7.65
C VAL B 384 27.46 18.10 -7.01
N PHE B 385 26.63 18.15 -5.98
CA PHE B 385 26.01 16.95 -5.41
C PHE B 385 24.60 16.84 -5.94
N THR B 386 24.06 15.63 -5.98
CA THR B 386 22.76 15.41 -6.55
C THR B 386 22.07 14.27 -5.83
N PHE B 387 20.83 14.49 -5.39
CA PHE B 387 20.05 13.46 -4.73
C PHE B 387 18.90 13.06 -5.64
N SER B 388 18.72 11.76 -5.84
CA SER B 388 17.58 11.26 -6.60
C SER B 388 16.46 10.88 -5.62
N VAL B 389 15.98 11.90 -4.91
CA VAL B 389 15.02 11.68 -3.84
C VAL B 389 13.78 10.97 -4.37
N GLY B 390 13.06 10.36 -3.46
CA GLY B 390 11.78 9.75 -3.78
C GLY B 390 11.91 8.33 -4.28
N GLN B 391 10.78 7.64 -4.30
CA GLN B 391 10.67 6.30 -4.87
C GLN B 391 9.99 6.47 -6.23
N HIS B 392 10.77 6.40 -7.30
CA HIS B 392 10.27 6.63 -8.64
C HIS B 392 10.96 5.66 -9.58
N ASN B 393 10.76 5.86 -10.88
CA ASN B 393 11.35 4.98 -11.88
C ASN B 393 11.91 5.75 -13.06
N TYR B 394 12.21 7.04 -12.89
CA TYR B 394 12.75 7.83 -13.98
C TYR B 394 14.24 7.58 -14.11
N ASP B 395 14.81 8.06 -15.22
CA ASP B 395 16.22 7.84 -15.49
C ASP B 395 17.06 8.51 -14.41
N ARG B 396 18.04 7.78 -13.89
CA ARG B 396 19.03 8.31 -12.96
C ARG B 396 20.41 8.35 -13.60
N GLY B 397 20.46 8.41 -14.93
CA GLY B 397 21.72 8.47 -15.62
C GLY B 397 22.31 9.86 -15.61
N PRO B 398 21.53 10.85 -16.05
CA PRO B 398 22.06 12.22 -16.04
C PRO B 398 22.50 12.68 -14.66
N ILE B 399 21.77 12.31 -13.62
CA ILE B 399 22.13 12.76 -12.28
C ILE B 399 23.46 12.14 -11.85
N GLN B 400 23.62 10.84 -12.09
CA GLN B 400 24.88 10.20 -11.76
C GLN B 400 26.03 10.83 -12.54
N TRP B 401 25.81 11.09 -13.83
CA TRP B 401 26.87 11.72 -14.62
C TRP B 401 27.19 13.11 -14.11
N MET B 402 26.17 13.87 -13.69
CA MET B 402 26.41 15.20 -13.17
C MET B 402 27.23 15.14 -11.89
N ALA B 403 26.91 14.20 -11.00
CA ALA B 403 27.70 14.07 -9.79
C ALA B 403 29.11 13.60 -10.09
N CYS B 404 29.29 12.77 -11.12
CA CYS B 404 30.58 12.17 -11.37
C CYS B 404 31.53 13.13 -12.07
N GLU B 405 31.07 13.78 -13.15
CA GLU B 405 31.94 14.66 -13.91
C GLU B 405 32.53 15.74 -13.02
N ASN B 406 31.69 16.47 -12.31
CA ASN B 406 32.16 17.40 -11.30
C ASN B 406 32.69 16.61 -10.11
N LYS B 407 33.45 17.29 -9.26
CA LYS B 407 34.06 16.61 -8.12
C LYS B 407 33.00 16.37 -7.04
N GLY B 408 31.93 15.71 -7.46
CA GLY B 408 30.74 15.57 -6.66
C GLY B 408 30.53 14.16 -6.15
N TYR B 409 29.28 13.86 -5.83
CA TYR B 409 28.93 12.54 -5.31
C TYR B 409 27.42 12.41 -5.29
N TYR B 410 26.92 11.23 -5.63
CA TYR B 410 25.52 10.98 -5.87
C TYR B 410 24.92 10.18 -4.72
N TYR B 411 23.75 10.57 -4.26
CA TYR B 411 23.06 9.90 -3.17
C TYR B 411 21.70 9.42 -3.65
N GLU B 412 20.96 8.80 -2.74
CA GLU B 412 19.61 8.34 -3.04
C GLU B 412 18.81 8.33 -1.75
N ILE B 413 17.58 8.83 -1.80
CA ILE B 413 16.75 8.95 -0.60
C ILE B 413 15.44 8.21 -0.87
N PRO B 414 15.37 6.91 -0.61
CA PRO B 414 14.14 6.17 -0.91
C PRO B 414 12.92 6.73 -0.20
N SER B 415 13.04 6.95 1.11
CA SER B 415 11.92 7.43 1.90
C SER B 415 12.44 7.90 3.25
N ILE B 416 11.56 8.52 4.02
CA ILE B 416 11.93 9.01 5.34
C ILE B 416 12.65 7.88 6.08
N GLY B 417 13.60 8.27 6.92
CA GLY B 417 14.41 7.29 7.62
C GLY B 417 15.78 7.22 7.00
N ALA B 418 15.84 7.31 5.68
CA ALA B 418 17.11 7.43 4.97
C ALA B 418 17.57 8.86 4.83
N ILE B 419 16.74 9.83 5.21
CA ILE B 419 17.10 11.24 5.09
C ILE B 419 18.24 11.57 6.03
N ARG B 420 18.09 11.17 7.30
CA ARG B 420 19.05 11.59 8.32
C ARG B 420 20.44 11.10 8.02
N ILE B 421 20.57 9.86 7.57
CA ILE B 421 21.89 9.26 7.37
C ILE B 421 22.49 9.60 6.00
N ASN B 422 21.70 10.13 5.08
CA ASN B 422 22.23 10.50 3.77
C ASN B 422 22.59 11.97 3.68
N THR B 423 21.70 12.87 4.14
CA THR B 423 21.97 14.28 3.98
C THR B 423 23.25 14.70 4.67
N GLN B 424 23.72 13.94 5.66
CA GLN B 424 24.94 14.28 6.39
C GLN B 424 26.19 13.68 5.76
N GLU B 425 26.05 12.89 4.70
CA GLU B 425 27.19 12.20 4.14
C GLU B 425 28.07 13.11 3.29
N TYR B 426 27.56 14.21 2.77
CA TYR B 426 28.38 15.05 1.92
C TYR B 426 29.57 15.60 2.67
N LEU B 427 29.55 15.57 4.00
CA LEU B 427 30.72 15.96 4.76
C LEU B 427 31.89 15.02 4.52
N ASP B 428 31.60 13.72 4.34
CA ASP B 428 32.68 12.78 4.05
C ASP B 428 33.38 13.16 2.76
N VAL B 429 32.61 13.52 1.73
CA VAL B 429 33.22 13.98 0.48
C VAL B 429 33.98 15.27 0.72
N LEU B 430 33.36 16.23 1.40
CA LEU B 430 33.99 17.53 1.57
C LEU B 430 35.29 17.43 2.36
N GLY B 431 35.46 16.37 3.12
CA GLY B 431 36.68 16.18 3.88
C GLY B 431 37.85 15.68 3.08
N ARG B 432 37.66 15.37 1.80
CA ARG B 432 38.76 14.82 1.01
C ARG B 432 39.94 15.76 0.93
N PRO B 433 39.79 17.04 0.58
CA PRO B 433 40.97 17.90 0.47
C PRO B 433 41.74 18.03 1.77
N MET B 434 41.03 18.16 2.89
CA MET B 434 41.73 18.34 4.16
C MET B 434 42.43 17.06 4.59
N VAL B 435 41.87 15.89 4.29
CA VAL B 435 42.58 14.65 4.55
C VAL B 435 43.84 14.58 3.69
N LEU B 436 43.71 14.92 2.41
CA LEU B 436 44.88 14.91 1.54
C LEU B 436 45.94 15.91 1.99
N ALA B 437 45.54 16.95 2.73
CA ALA B 437 46.49 17.83 3.40
C ALA B 437 46.81 17.19 4.75
N GLY B 438 47.97 16.57 4.85
CA GLY B 438 48.28 15.69 5.96
C GLY B 438 47.98 16.22 7.35
N ASP B 439 48.78 17.20 7.80
CA ASP B 439 48.66 17.72 9.15
C ASP B 439 48.38 19.22 9.18
N LYS B 440 48.22 19.84 8.02
CA LYS B 440 47.85 21.26 8.00
C LYS B 440 46.45 21.48 8.55
N ALA B 441 45.65 20.42 8.69
CA ALA B 441 44.29 20.52 9.19
C ALA B 441 44.16 20.13 10.66
N LYS B 442 45.18 19.53 11.25
CA LYS B 442 45.10 19.19 12.66
C LYS B 442 45.21 20.46 13.50
N GLN B 443 44.19 21.31 13.40
CA GLN B 443 44.13 22.55 14.16
C GLN B 443 42.87 22.55 15.00
N VAL B 444 43.03 22.76 16.31
CA VAL B 444 41.87 22.78 17.18
C VAL B 444 40.98 23.94 16.78
N GLN B 445 39.72 23.65 16.49
CA GLN B 445 38.78 24.65 15.98
C GLN B 445 37.56 24.69 16.91
N TRP B 446 37.48 25.72 17.74
CA TRP B 446 36.38 25.82 18.67
C TRP B 446 35.09 26.24 17.97
N THR B 447 33.97 25.74 18.46
CA THR B 447 32.66 26.06 17.91
C THR B 447 32.06 27.24 18.65
N ASN B 448 30.77 27.48 18.46
CA ASN B 448 30.04 28.51 19.18
C ASN B 448 29.18 27.86 20.26
N VAL B 449 28.78 28.68 21.23
CA VAL B 449 28.09 28.16 22.40
C VAL B 449 26.91 27.30 21.97
N TYR B 450 26.55 26.35 22.81
CA TYR B 450 25.40 25.51 22.53
C TYR B 450 25.12 24.64 23.75
N LEU B 451 23.85 24.50 24.09
CA LEU B 451 23.47 23.70 25.24
C LEU B 451 24.01 22.28 25.10
N ASP B 452 24.55 21.75 26.18
CA ASP B 452 25.11 20.41 26.14
C ASP B 452 24.04 19.41 25.72
N ALA B 453 24.48 18.21 25.39
CA ALA B 453 23.58 17.10 25.10
C ALA B 453 23.43 16.15 26.27
N LEU B 454 24.12 16.42 27.38
CA LEU B 454 24.00 15.63 28.60
C LEU B 454 23.53 16.48 29.76
N GLU B 455 22.67 17.47 29.48
CA GLU B 455 22.09 18.34 30.49
C GLU B 455 23.16 18.80 31.49
N LEU B 456 24.14 19.50 30.94
CA LEU B 456 25.25 20.00 31.75
C LEU B 456 25.25 21.52 31.81
N GLY B 457 24.74 22.18 30.78
CA GLY B 457 24.71 23.62 30.74
C GLY B 457 25.11 24.17 29.40
N LEU B 458 25.90 25.25 29.39
CA LEU B 458 26.41 25.85 28.18
C LEU B 458 27.88 25.51 28.05
N VAL B 459 28.26 24.86 26.96
CA VAL B 459 29.63 24.43 26.74
C VAL B 459 30.02 24.74 25.30
N ILE B 460 31.24 25.20 25.11
CA ILE B 460 31.81 25.31 23.77
C ILE B 460 32.75 24.14 23.58
N THR B 461 32.80 23.61 22.36
CA THR B 461 33.52 22.39 22.08
C THR B 461 34.77 22.67 21.26
N GLY B 462 35.81 21.88 21.50
CA GLY B 462 37.00 21.85 20.66
C GLY B 462 36.97 20.60 19.80
N THR B 463 37.46 20.73 18.57
CA THR B 463 37.43 19.65 17.61
C THR B 463 38.78 19.53 16.92
N LEU B 464 39.16 18.30 16.59
CA LEU B 464 40.46 18.03 15.99
C LEU B 464 40.34 16.74 15.20
N PRO B 465 40.11 16.82 13.89
CA PRO B 465 39.86 15.59 13.13
C PRO B 465 41.03 14.64 13.19
N VAL B 466 40.72 13.35 13.24
CA VAL B 466 41.72 12.29 13.25
C VAL B 466 41.64 11.54 11.92
N PHE B 467 42.79 11.43 11.25
CA PHE B 467 42.82 10.94 9.89
C PHE B 467 43.07 9.43 9.85
N ASN B 468 42.93 8.85 8.65
CA ASN B 468 43.11 7.42 8.44
C ASN B 468 44.47 7.20 7.80
N ILE B 469 45.41 6.66 8.58
CA ILE B 469 46.75 6.37 8.09
C ILE B 469 46.90 4.85 8.11
N THR B 470 46.57 4.22 6.98
CA THR B 470 46.82 2.80 6.77
C THR B 470 47.64 2.70 5.49
N GLY B 471 48.91 2.38 5.64
CA GLY B 471 49.85 2.43 4.55
C GLY B 471 50.78 3.62 4.58
N GLN B 472 50.53 4.58 5.47
CA GLN B 472 51.49 5.66 5.66
C GLN B 472 52.84 5.08 6.04
N PHE B 473 53.90 5.61 5.42
CA PHE B 473 55.27 5.10 5.47
C PHE B 473 55.41 3.77 4.72
N GLU B 474 54.33 3.20 4.22
CA GLU B 474 54.40 2.17 3.19
C GLU B 474 54.12 2.74 1.80
N ASN B 475 53.47 3.90 1.74
CA ASN B 475 53.34 4.68 0.51
C ASN B 475 52.59 3.93 -0.59
N LYS B 476 51.64 3.08 -0.20
CA LYS B 476 50.76 2.48 -1.19
C LYS B 476 49.88 3.54 -1.85
N THR B 477 49.32 4.44 -1.04
CA THR B 477 48.50 5.56 -1.50
C THR B 477 47.46 5.16 -2.54
N ASN B 478 47.00 3.90 -2.51
CA ASN B 478 45.87 3.45 -3.33
C ASN B 478 44.92 2.69 -2.41
N LEU B 479 44.04 3.43 -1.74
CA LEU B 479 43.11 2.86 -0.78
C LEU B 479 42.02 3.89 -0.53
N LYS B 480 41.16 3.61 0.46
CA LYS B 480 40.24 4.62 0.98
C LYS B 480 40.88 5.36 2.16
N ASN B 481 42.08 5.89 1.92
CA ASN B 481 42.85 6.59 2.93
C ASN B 481 42.56 8.07 2.96
N GLN B 482 41.58 8.53 2.19
CA GLN B 482 41.27 9.96 2.09
C GLN B 482 40.02 10.34 2.88
N LEU B 483 39.61 9.48 3.81
CA LEU B 483 38.45 9.74 4.66
C LEU B 483 38.86 9.83 6.12
N ILE B 484 38.17 10.69 6.85
CA ILE B 484 38.46 10.88 8.27
C ILE B 484 37.77 9.79 9.08
N LEU B 485 38.45 9.36 10.15
CA LEU B 485 37.80 8.47 11.11
C LEU B 485 36.64 9.13 11.81
N GLY B 486 36.61 10.45 11.86
CA GLY B 486 35.64 11.20 12.62
C GLY B 486 36.32 12.35 13.31
N VAL B 487 35.64 12.91 14.29
CA VAL B 487 36.12 14.08 15.01
C VAL B 487 36.11 13.77 16.49
N MET B 488 37.20 14.06 17.17
CA MET B 488 37.33 13.84 18.60
C MET B 488 37.43 15.18 19.30
N GLY B 489 36.49 15.45 20.20
CA GLY B 489 36.32 16.78 20.74
C GLY B 489 36.25 16.77 22.26
N VAL B 490 36.48 17.95 22.82
CA VAL B 490 36.44 18.18 24.25
C VAL B 490 35.51 19.36 24.50
N ASP B 491 34.90 19.39 25.68
CA ASP B 491 33.91 20.41 26.01
C ASP B 491 34.41 21.27 27.15
N VAL B 492 34.22 22.58 27.02
CA VAL B 492 34.60 23.55 28.04
C VAL B 492 33.32 24.22 28.53
N SER B 493 33.05 24.11 29.82
CA SER B 493 31.85 24.70 30.39
C SER B 493 32.03 26.20 30.54
N LEU B 494 31.06 26.97 30.03
CA LEU B 494 31.11 28.40 30.23
C LEU B 494 31.12 28.75 31.70
N GLU B 495 30.61 27.87 32.56
CA GLU B 495 30.81 28.05 33.99
C GLU B 495 32.26 27.90 34.39
N ASP B 496 33.11 27.36 33.52
CA ASP B 496 34.53 27.27 33.77
C ASP B 496 35.33 28.41 33.15
N ILE B 497 34.75 29.13 32.20
CA ILE B 497 35.34 30.39 31.78
C ILE B 497 34.87 31.52 32.69
N LYS B 498 33.70 31.37 33.32
CA LYS B 498 33.15 32.39 34.19
C LYS B 498 33.85 32.45 35.54
N ARG B 499 34.81 31.57 35.80
CA ARG B 499 35.64 31.67 37.00
C ARG B 499 37.08 32.03 36.67
N LEU B 500 37.43 32.18 35.40
CA LEU B 500 38.65 32.85 35.00
C LEU B 500 38.46 34.36 34.85
N THR B 501 37.24 34.85 35.03
CA THR B 501 36.92 36.26 34.94
C THR B 501 36.17 36.64 36.21
N PRO B 502 36.90 36.88 37.30
CA PRO B 502 36.22 37.16 38.57
C PRO B 502 35.47 38.48 38.54
N ARG B 503 34.14 38.40 38.51
CA ARG B 503 33.33 39.62 38.39
C ARG B 503 33.18 40.34 39.72
N PHE B 504 33.52 39.70 40.83
CA PHE B 504 33.19 40.26 42.14
C PHE B 504 33.93 41.56 42.42
N THR B 505 35.18 41.67 41.98
CA THR B 505 35.92 42.91 42.22
C THR B 505 35.28 44.10 41.54
N LEU B 506 34.48 43.90 40.50
CA LEU B 506 33.84 44.98 39.79
C LEU B 506 32.57 45.42 40.50
N CYS B 507 32.09 46.60 40.15
CA CYS B 507 30.80 47.04 40.63
C CYS B 507 29.69 46.27 39.94
N PRO B 508 28.50 46.20 40.55
CA PRO B 508 27.40 45.46 39.94
C PRO B 508 27.13 45.82 38.49
N ASN B 509 27.64 46.93 38.00
CA ASN B 509 27.44 47.28 36.60
C ASN B 509 28.48 46.70 35.67
N GLY B 510 29.68 46.39 36.16
CA GLY B 510 30.71 45.88 35.31
C GLY B 510 30.56 44.41 35.01
N TYR B 511 31.26 43.95 33.98
CA TYR B 511 31.22 42.55 33.58
C TYR B 511 32.19 42.35 32.44
N TYR B 512 32.38 41.08 32.07
CA TYR B 512 33.19 40.68 30.93
C TYR B 512 32.29 40.18 29.82
N PHE B 513 32.84 40.12 28.61
CA PHE B 513 32.18 39.42 27.53
C PHE B 513 33.17 39.21 26.40
N ALA B 514 32.92 38.15 25.63
CA ALA B 514 33.78 37.78 24.52
C ALA B 514 32.88 37.47 23.33
N ILE B 515 33.45 37.55 22.13
CA ILE B 515 32.68 37.38 20.92
C ILE B 515 33.45 36.52 19.92
N ASP B 516 32.70 35.73 19.16
CA ASP B 516 33.27 35.02 18.02
C ASP B 516 33.66 36.03 16.96
N PRO B 517 34.52 35.64 16.01
CA PRO B 517 34.73 36.49 14.85
C PRO B 517 33.44 36.80 14.10
N ASN B 518 32.42 35.95 14.20
CA ASN B 518 31.12 36.25 13.65
C ASN B 518 30.35 37.26 14.49
N GLY B 519 30.83 37.58 15.69
CA GLY B 519 30.18 38.53 16.56
C GLY B 519 29.35 37.91 17.65
N TYR B 520 29.00 36.64 17.53
CA TYR B 520 28.17 35.99 18.53
C TYR B 520 28.86 36.02 19.89
N VAL B 521 28.08 36.28 20.93
CA VAL B 521 28.65 36.48 22.26
C VAL B 521 29.10 35.16 22.84
N LEU B 522 29.75 35.23 23.99
CA LEU B 522 30.24 34.08 24.73
C LEU B 522 30.68 34.61 26.07
N LEU B 523 30.13 34.06 27.15
CA LEU B 523 30.40 34.60 28.47
C LEU B 523 29.88 36.04 28.58
N HIS B 524 28.58 36.20 28.38
CA HIS B 524 27.93 37.49 28.50
C HIS B 524 26.83 37.44 29.56
N PRO B 525 26.73 38.46 30.43
CA PRO B 525 25.77 38.37 31.53
C PRO B 525 24.34 38.14 31.10
N ASN B 526 23.93 38.65 29.95
CA ASN B 526 22.56 38.49 29.46
C ASN B 526 22.39 37.22 28.64
N LEU B 527 23.39 36.35 28.61
CA LEU B 527 23.29 35.09 27.86
C LEU B 527 22.67 34.04 28.77
N GLN B 528 21.35 33.95 28.75
CA GLN B 528 20.68 32.99 29.61
C GLN B 528 20.70 31.59 28.98
N PRO B 529 20.85 30.53 29.79
CA PRO B 529 20.95 29.18 29.20
C PRO B 529 19.62 28.61 28.72
N LYS B 530 19.22 28.99 27.52
CA LYS B 530 18.10 28.33 26.86
C LYS B 530 18.14 28.66 25.38
N PRO B 531 17.50 27.85 24.54
CA PRO B 531 17.66 28.03 23.09
C PRO B 531 17.19 29.40 22.65
N ILE B 532 17.90 29.95 21.67
CA ILE B 532 17.51 31.22 21.08
C ILE B 532 16.23 31.03 20.28
N GLY B 533 15.23 31.85 20.57
CA GLY B 533 13.97 31.75 19.86
C GLY B 533 14.00 32.49 18.55
N VAL B 534 13.19 32.00 17.61
CA VAL B 534 13.02 32.62 16.30
C VAL B 534 11.54 32.63 15.95
N GLY B 535 11.06 33.78 15.50
CA GLY B 535 9.69 33.89 15.04
C GLY B 535 8.66 33.64 16.12
N ILE B 536 7.40 33.96 15.83
CA ILE B 536 6.30 33.75 16.76
C ILE B 536 6.08 32.26 16.91
N PRO B 537 5.70 31.76 18.10
CA PRO B 537 5.42 30.32 18.23
C PRO B 537 4.20 29.88 17.46
N THR B 538 3.81 28.61 17.61
CA THR B 538 2.72 28.03 16.84
C THR B 538 1.78 27.26 17.77
N ILE B 539 0.52 27.18 17.36
CA ILE B 539 -0.47 26.39 18.08
C ILE B 539 -0.34 24.92 17.65
N ASN B 540 -0.25 24.04 18.64
CA ASN B 540 -0.12 22.61 18.37
C ASN B 540 -1.37 21.87 18.87
N GLN B 554 18.04 21.93 19.39
CA GLN B 554 19.46 21.75 19.62
C GLN B 554 20.28 22.96 19.16
N GLU B 555 19.61 23.91 18.50
CA GLU B 555 20.32 24.95 17.79
C GLU B 555 21.24 25.73 18.74
N PRO B 556 22.41 26.15 18.26
CA PRO B 556 23.34 26.84 19.14
C PRO B 556 22.75 28.13 19.70
N VAL B 557 23.18 28.47 20.91
CA VAL B 557 22.78 29.73 21.55
C VAL B 557 23.66 30.85 21.00
N THR B 558 23.15 31.56 20.00
CA THR B 558 23.93 32.58 19.30
C THR B 558 23.22 33.93 19.44
N LEU B 559 23.70 34.74 20.39
CA LEU B 559 23.27 36.12 20.53
C LEU B 559 24.35 37.02 19.96
N ASP B 560 24.00 37.80 18.94
CA ASP B 560 24.93 38.79 18.43
C ASP B 560 25.17 39.85 19.50
N PHE B 561 26.43 40.25 19.64
CA PHE B 561 26.78 41.15 20.74
C PHE B 561 25.94 42.41 20.74
N LEU B 562 25.51 42.87 19.56
CA LEU B 562 24.60 44.00 19.51
C LEU B 562 23.19 43.63 19.93
N ASP B 563 22.81 42.37 19.80
CA ASP B 563 21.48 41.90 20.18
C ASP B 563 21.41 41.44 21.62
N ALA B 564 22.53 41.48 22.35
CA ALA B 564 22.53 41.19 23.78
C ALA B 564 22.51 42.46 24.63
N GLU B 565 22.86 43.60 24.04
CA GLU B 565 22.87 44.88 24.74
C GLU B 565 22.21 45.92 23.85
N LEU B 566 22.02 47.12 24.39
CA LEU B 566 21.43 48.18 23.60
C LEU B 566 22.36 48.57 22.46
N GLU B 567 21.77 48.78 21.28
CA GLU B 567 22.52 49.08 20.07
C GLU B 567 22.46 50.58 19.80
N ASN B 568 23.62 51.19 19.66
CA ASN B 568 23.73 52.59 19.24
C ASN B 568 24.87 52.68 18.24
N ASP B 569 25.13 53.89 17.74
CA ASP B 569 26.14 54.04 16.70
C ASP B 569 27.52 53.67 17.23
N ILE B 570 27.83 54.03 18.47
CA ILE B 570 29.19 53.85 18.96
C ILE B 570 29.50 52.37 19.16
N LYS B 571 28.59 51.62 19.75
CA LYS B 571 28.90 50.24 20.10
C LYS B 571 29.16 49.38 18.86
N VAL B 572 28.51 49.68 17.74
CA VAL B 572 28.78 48.92 16.52
C VAL B 572 30.23 49.09 16.10
N GLU B 573 30.78 50.29 16.28
CA GLU B 573 32.18 50.50 16.01
C GLU B 573 33.05 49.61 16.89
N ILE B 574 32.71 49.49 18.16
CA ILE B 574 33.48 48.67 19.07
C ILE B 574 33.41 47.21 18.65
N ARG B 575 32.20 46.73 18.28
CA ARG B 575 32.08 45.37 17.81
C ARG B 575 32.95 45.14 16.59
N ASN B 576 32.91 46.06 15.62
CA ASN B 576 33.72 45.89 14.43
C ASN B 576 35.20 45.88 14.76
N LYS B 577 35.62 46.70 15.72
CA LYS B 577 37.04 46.75 16.07
C LYS B 577 37.48 45.57 16.92
N MET B 578 36.57 44.87 17.60
CA MET B 578 36.96 43.64 18.28
C MET B 578 37.16 42.49 17.31
N ILE B 579 36.33 42.38 16.27
CA ILE B 579 36.41 41.25 15.36
C ILE B 579 37.76 41.25 14.63
N ASP B 580 38.18 42.42 14.15
CA ASP B 580 39.46 42.48 13.44
C ASP B 580 40.63 42.11 14.33
N GLY B 581 40.42 42.08 15.64
CA GLY B 581 41.50 41.82 16.57
C GLY B 581 42.22 43.05 17.06
N GLU B 582 41.92 44.22 16.50
CA GLU B 582 42.52 45.44 17.01
C GLU B 582 42.21 45.57 18.50
N SER B 583 43.23 45.86 19.29
CA SER B 583 43.08 46.02 20.73
C SER B 583 43.13 47.51 21.07
N GLY B 584 42.16 47.96 21.86
CA GLY B 584 42.11 49.35 22.21
C GLY B 584 41.15 49.59 23.35
N GLU B 585 40.96 50.86 23.68
CA GLU B 585 40.07 51.26 24.76
C GLU B 585 39.17 52.38 24.27
N LYS B 586 37.94 52.42 24.76
CA LYS B 586 36.99 53.45 24.38
C LYS B 586 36.17 53.86 25.59
N THR B 587 35.70 55.10 25.58
CA THR B 587 34.83 55.62 26.61
C THR B 587 33.76 56.49 25.96
N PHE B 588 32.58 56.53 26.57
CA PHE B 588 31.48 57.32 26.03
C PHE B 588 30.34 57.33 27.03
N ARG B 589 29.25 57.99 26.66
CA ARG B 589 28.02 58.02 27.44
C ARG B 589 26.94 57.34 26.62
N THR B 590 26.29 56.33 27.20
CA THR B 590 25.34 55.51 26.47
C THR B 590 24.19 55.14 27.39
N LEU B 591 23.35 54.22 26.92
CA LEU B 591 22.20 53.73 27.66
C LEU B 591 22.47 52.30 28.09
N VAL B 592 21.97 51.95 29.27
CA VAL B 592 22.10 50.61 29.81
C VAL B 592 20.74 50.15 30.31
N LYS B 593 20.27 49.02 29.79
CA LYS B 593 18.97 48.51 30.21
C LYS B 593 19.05 47.99 31.64
N SER B 594 18.05 48.33 32.43
CA SER B 594 18.05 47.91 33.83
C SER B 594 17.95 46.39 33.91
N GLN B 595 18.45 45.86 35.04
CA GLN B 595 18.50 44.42 35.22
C GLN B 595 17.13 43.76 35.21
N ASP B 596 16.06 44.51 35.50
CA ASP B 596 14.72 43.98 35.49
C ASP B 596 13.96 44.31 34.21
N GLU B 597 14.62 44.94 33.24
CA GLU B 597 13.99 45.22 31.95
C GLU B 597 12.80 46.16 32.11
N ARG B 598 12.94 47.17 32.97
CA ARG B 598 11.89 48.15 33.16
C ARG B 598 12.41 49.58 33.25
N TYR B 599 13.69 49.81 33.01
CA TYR B 599 14.25 51.14 33.07
C TYR B 599 15.43 51.25 32.12
N ILE B 600 15.78 52.48 31.77
CA ILE B 600 16.99 52.76 31.01
C ILE B 600 17.65 53.97 31.64
N ASP B 601 18.98 53.97 31.68
CA ASP B 601 19.73 55.02 32.34
C ASP B 601 20.95 55.40 31.52
N LYS B 602 21.20 56.71 31.43
CA LYS B 602 22.45 57.18 30.86
C LYS B 602 23.60 56.89 31.81
N GLY B 603 24.76 56.60 31.24
CA GLY B 603 25.93 56.34 32.06
C GLY B 603 27.18 56.29 31.21
N ASN B 604 28.31 56.33 31.87
CA ASN B 604 29.61 56.24 31.23
C ASN B 604 30.17 54.84 31.42
N ARG B 605 30.74 54.28 30.35
CA ARG B 605 31.22 52.89 30.36
C ARG B 605 32.55 52.84 29.63
N THR B 606 33.64 52.90 30.39
CA THR B 606 34.98 52.82 29.81
C THR B 606 35.22 51.38 29.38
N TYR B 607 35.07 51.12 28.08
CA TYR B 607 35.20 49.76 27.57
C TYR B 607 36.65 49.32 27.62
N THR B 608 36.91 48.14 27.08
CA THR B 608 38.26 47.63 26.90
C THR B 608 38.16 46.35 26.09
N TRP B 609 39.11 46.13 25.19
CA TRP B 609 39.03 44.96 24.34
C TRP B 609 40.43 44.58 23.88
N THR B 610 40.77 43.31 24.02
CA THR B 610 41.99 42.74 23.49
C THR B 610 41.65 41.37 22.91
N PRO B 611 42.39 40.93 21.90
CA PRO B 611 42.22 39.56 21.43
C PRO B 611 43.04 38.58 22.25
N VAL B 612 42.52 37.38 22.38
CA VAL B 612 43.28 36.27 22.97
C VAL B 612 44.09 35.64 21.85
N ASN B 613 45.42 35.79 21.92
CA ASN B 613 46.27 35.40 20.81
C ASN B 613 46.14 33.92 20.49
N GLY B 614 45.76 33.11 21.48
CA GLY B 614 45.66 31.68 21.24
C GLY B 614 44.56 31.33 20.25
N THR B 615 43.45 32.06 20.28
CA THR B 615 42.28 31.66 19.52
C THR B 615 41.61 32.85 18.83
N ASP B 616 40.45 32.64 18.23
CA ASP B 616 39.69 33.70 17.58
C ASP B 616 38.60 34.16 18.54
N TYR B 617 39.00 34.99 19.49
CA TYR B 617 38.08 35.58 20.46
C TYR B 617 38.64 36.93 20.84
N SER B 618 37.78 37.81 21.34
CA SER B 618 38.23 39.13 21.76
C SER B 618 37.53 39.48 23.06
N LEU B 619 38.17 39.14 24.18
CA LEU B 619 37.62 39.43 25.49
C LEU B 619 37.50 40.93 25.69
N ALA B 620 36.42 41.34 26.36
CA ALA B 620 36.16 42.75 26.62
C ALA B 620 35.88 42.91 28.12
N LEU B 621 35.68 44.16 28.53
CA LEU B 621 35.46 44.45 29.94
C LEU B 621 34.87 45.84 30.05
N VAL B 622 33.72 45.95 30.71
CA VAL B 622 32.99 47.20 30.76
C VAL B 622 32.95 47.74 32.18
N LEU B 623 33.76 48.71 32.46
CA LEU B 623 33.76 49.36 33.76
C LEU B 623 33.10 50.73 33.70
N PRO B 624 32.15 51.02 34.59
CA PRO B 624 31.72 52.42 34.74
C PRO B 624 32.86 53.29 35.25
N THR B 625 32.63 54.59 35.34
CA THR B 625 33.68 55.51 35.78
C THR B 625 33.95 55.44 37.27
N TYR B 626 33.00 54.95 38.06
CA TYR B 626 33.14 54.88 39.51
C TYR B 626 33.58 53.51 40.00
N SER B 627 33.81 52.56 39.10
CA SER B 627 34.19 51.20 39.46
C SER B 627 35.69 50.96 39.36
N PHE B 628 36.48 52.01 39.15
CA PHE B 628 37.92 51.82 38.97
C PHE B 628 38.55 51.24 40.22
N TYR B 629 38.13 51.69 41.40
CA TYR B 629 38.70 51.25 42.66
C TYR B 629 37.69 50.41 43.43
N TYR B 630 38.18 49.40 44.13
CA TYR B 630 37.36 48.51 44.93
C TYR B 630 37.95 48.44 46.34
N ILE B 631 37.10 48.16 47.31
CA ILE B 631 37.49 48.17 48.72
C ILE B 631 37.93 46.76 49.08
N LYS B 632 39.23 46.51 49.05
CA LYS B 632 39.78 45.27 49.55
C LYS B 632 39.91 45.33 51.06
N ALA B 633 39.76 44.18 51.71
CA ALA B 633 39.77 44.08 53.16
C ALA B 633 40.96 43.27 53.63
N LYS B 634 41.72 43.83 54.56
CA LYS B 634 42.83 43.14 55.20
C LYS B 634 42.57 43.08 56.70
N LEU B 635 42.83 41.93 57.31
CA LEU B 635 42.47 41.71 58.70
C LEU B 635 43.38 40.64 59.29
N GLU B 636 43.91 40.91 60.49
CA GLU B 636 44.80 39.97 61.17
C GLU B 636 44.51 39.80 62.65
N GLU B 637 43.66 40.64 63.26
CA GLU B 637 43.50 40.61 64.71
C GLU B 637 42.95 39.27 65.18
N THR B 638 41.97 38.73 64.46
CA THR B 638 41.28 37.50 64.86
C THR B 638 40.25 37.78 65.95
N ILE B 639 40.16 39.03 66.38
CA ILE B 639 39.15 39.46 67.34
C ILE B 639 38.13 40.38 66.70
N THR B 640 38.58 41.32 65.87
CA THR B 640 37.64 42.14 65.13
C THR B 640 36.80 41.29 64.18
N GLN B 641 37.46 40.40 63.42
CA GLN B 641 36.71 39.47 62.61
C GLN B 641 35.87 38.54 63.46
N ALA B 642 36.25 38.33 64.73
CA ALA B 642 35.43 37.49 65.59
C ALA B 642 34.06 38.12 65.82
N ARG B 643 34.03 39.37 66.27
CA ARG B 643 32.74 40.01 66.50
C ARG B 643 32.01 40.27 65.19
N TYR B 644 32.75 40.46 64.10
CA TYR B 644 32.09 40.51 62.80
C TYR B 644 31.44 39.16 62.47
N SER B 645 32.08 38.06 62.86
CA SER B 645 31.57 36.73 62.52
C SER B 645 30.33 36.39 63.31
N GLU B 646 30.34 36.63 64.63
CA GLU B 646 29.11 36.41 65.40
C GLU B 646 28.15 37.58 65.30
N THR B 647 28.51 38.63 64.56
CA THR B 647 27.60 39.76 64.37
C THR B 647 26.34 39.32 63.64
N LEU B 648 26.50 38.62 62.51
CA LEU B 648 25.39 38.28 61.64
C LEU B 648 24.76 36.93 61.97
N LYS B 649 24.86 36.49 63.21
CA LYS B 649 24.21 35.24 63.58
C LYS B 649 22.70 35.39 63.43
N PRO B 650 22.00 34.34 63.02
CA PRO B 650 20.54 34.47 62.85
C PRO B 650 19.81 34.80 64.14
N ASP B 651 20.41 34.53 65.29
CA ASP B 651 19.77 34.80 66.57
C ASP B 651 19.76 36.28 66.92
N ASN B 652 20.53 37.11 66.22
CA ASN B 652 20.63 38.54 66.51
C ASN B 652 19.73 39.38 65.62
N PHE B 653 18.84 38.75 64.86
CA PHE B 653 17.97 39.50 63.96
C PHE B 653 17.10 40.50 64.72
N GLU B 654 16.55 40.08 65.85
CA GLU B 654 15.63 40.93 66.60
C GLU B 654 16.28 42.24 67.02
N GLU B 655 17.58 42.23 67.28
CA GLU B 655 18.30 43.42 67.71
C GLU B 655 19.27 43.95 66.68
N SER B 656 19.55 43.19 65.62
CA SER B 656 20.44 43.63 64.55
C SER B 656 19.75 43.61 63.19
N GLY B 657 18.47 43.29 63.14
CA GLY B 657 17.75 43.25 61.89
C GLY B 657 18.08 41.99 61.10
N TYR B 658 17.26 41.75 60.07
CA TYR B 658 17.45 40.58 59.24
C TYR B 658 18.77 40.70 58.48
N THR B 659 19.30 39.57 58.02
CA THR B 659 20.59 39.58 57.33
C THR B 659 20.61 38.45 56.32
N PHE B 660 20.60 38.80 55.03
CA PHE B 660 20.86 37.84 53.98
C PHE B 660 22.37 37.69 53.80
N ILE B 661 22.75 36.67 53.02
CA ILE B 661 24.11 36.56 52.51
C ILE B 661 24.01 36.09 51.07
N ALA B 662 24.74 36.76 50.19
CA ALA B 662 24.69 36.38 48.79
C ALA B 662 25.43 35.06 48.58
N PRO B 663 25.06 34.30 47.56
CA PRO B 663 25.78 33.04 47.29
C PRO B 663 27.10 33.29 46.60
N ARG B 664 28.19 33.11 47.32
CA ARG B 664 29.53 33.32 46.78
C ARG B 664 30.39 32.10 47.08
N ASP B 665 31.18 31.70 46.09
CA ASP B 665 31.94 30.46 46.17
C ASP B 665 33.14 30.64 47.07
N TYR B 666 33.00 30.26 48.34
CA TYR B 666 34.16 30.15 49.21
C TYR B 666 35.01 28.95 48.80
N CYS B 667 36.25 28.91 49.29
CA CYS B 667 37.21 27.87 48.93
C CYS B 667 36.54 26.51 48.73
N ASN B 668 35.70 26.08 49.67
CA ASN B 668 35.05 24.78 49.56
C ASN B 668 33.60 24.78 50.03
N ASP B 669 33.05 25.93 50.41
CA ASP B 669 31.68 25.95 50.90
C ASP B 669 30.70 25.59 49.79
N LEU B 670 29.65 24.87 50.16
CA LEU B 670 28.62 24.51 49.19
C LEU B 670 27.79 25.74 48.84
N LYS B 671 27.39 25.82 47.57
CA LYS B 671 26.60 26.93 47.10
C LYS B 671 25.23 26.95 47.79
N ILE B 672 24.46 27.99 47.48
CA ILE B 672 23.12 28.11 48.03
C ILE B 672 22.17 27.20 47.28
N SER B 673 21.22 26.62 48.01
CA SER B 673 20.07 25.92 47.42
C SER B 673 18.82 26.77 47.54
N ASP B 674 18.97 28.08 47.31
CA ASP B 674 17.97 29.13 47.49
C ASP B 674 17.34 29.11 48.88
N ASN B 675 17.90 28.37 49.84
CA ASN B 675 17.50 28.48 51.25
C ASN B 675 18.55 29.33 51.94
N ASN B 676 18.40 30.65 51.78
CA ASN B 676 19.42 31.57 52.26
C ASN B 676 19.71 31.36 53.74
N THR B 677 18.71 30.94 54.51
CA THR B 677 18.94 30.66 55.93
C THR B 677 19.90 29.50 56.11
N GLU B 678 19.71 28.43 55.35
CA GLU B 678 20.59 27.27 55.49
C GLU B 678 22.01 27.62 55.05
N PHE B 679 22.13 28.40 53.97
CA PHE B 679 23.44 28.85 53.54
C PHE B 679 24.09 29.71 54.61
N LEU B 680 23.31 30.57 55.27
CA LEU B 680 23.84 31.40 56.34
C LEU B 680 24.35 30.53 57.49
N LEU B 681 23.61 29.48 57.83
CA LEU B 681 24.05 28.57 58.88
C LEU B 681 25.36 27.89 58.49
N ASN B 682 25.45 27.43 57.25
CA ASN B 682 26.68 26.81 56.78
C ASN B 682 27.84 27.78 56.85
N PHE B 683 27.58 29.04 56.46
CA PHE B 683 28.61 30.06 56.57
C PHE B 683 29.04 30.26 58.02
N ASN B 684 28.08 30.24 58.94
CA ASN B 684 28.42 30.36 60.35
C ASN B 684 29.37 29.25 60.78
N GLU B 685 29.04 28.01 60.40
CA GLU B 685 29.91 26.90 60.78
C GLU B 685 31.30 27.06 60.17
N PHE B 686 31.37 27.44 58.90
CA PHE B 686 32.67 27.54 58.24
C PHE B 686 33.52 28.65 58.85
N ILE B 687 32.91 29.80 59.13
CA ILE B 687 33.66 30.88 59.76
C ILE B 687 34.07 30.50 61.17
N ASP B 688 33.23 29.76 61.89
CA ASP B 688 33.63 29.28 63.20
C ASP B 688 34.86 28.39 63.10
N ARG B 689 34.90 27.52 62.10
CA ARG B 689 36.11 26.74 61.86
C ARG B 689 37.30 27.66 61.60
N LYS B 690 37.13 28.62 60.69
CA LYS B 690 38.15 29.63 60.43
C LYS B 690 37.62 30.70 59.48
N ASN B 698 39.73 31.29 48.73
CA ASN B 698 39.41 32.72 48.67
C ASN B 698 39.25 33.29 50.07
N ALA B 699 40.12 34.23 50.42
CA ALA B 699 40.10 34.90 51.71
C ALA B 699 39.65 36.35 51.64
N ASP B 700 40.01 37.06 50.57
CA ASP B 700 39.60 38.45 50.44
C ASP B 700 38.09 38.56 50.40
N LEU B 701 37.42 37.69 49.65
CA LEU B 701 35.96 37.75 49.56
C LEU B 701 35.33 37.63 50.94
N ILE B 702 35.75 36.62 51.71
CA ILE B 702 35.21 36.45 53.05
C ILE B 702 35.61 37.64 53.93
N ASN B 703 36.86 38.09 53.83
CA ASN B 703 37.29 39.24 54.61
C ASN B 703 36.37 40.42 54.36
N ARG B 704 36.13 40.74 53.09
CA ARG B 704 35.37 41.95 52.79
C ARG B 704 33.88 41.78 53.06
N VAL B 705 33.32 40.58 52.90
CA VAL B 705 31.92 40.42 53.25
C VAL B 705 31.73 40.55 54.75
N LEU B 706 32.67 40.03 55.55
CA LEU B 706 32.60 40.23 56.99
C LEU B 706 32.78 41.69 57.35
N LEU B 707 33.66 42.40 56.63
CA LEU B 707 33.81 43.83 56.85
C LEU B 707 32.49 44.56 56.61
N ASP B 708 31.82 44.23 55.51
CA ASP B 708 30.52 44.84 55.23
C ASP B 708 29.52 44.49 56.31
N ALA B 709 29.54 43.24 56.79
CA ALA B 709 28.63 42.86 57.86
C ALA B 709 28.85 43.72 59.09
N GLY B 710 30.12 43.94 59.44
CA GLY B 710 30.42 44.76 60.61
C GLY B 710 29.94 46.18 60.43
N PHE B 711 30.22 46.78 59.26
CA PHE B 711 29.80 48.16 59.05
C PHE B 711 28.29 48.29 59.06
N THR B 712 27.59 47.35 58.43
CA THR B 712 26.13 47.42 58.42
C THR B 712 25.55 47.23 59.81
N ASN B 713 26.13 46.33 60.61
CA ASN B 713 25.70 46.20 62.00
C ASN B 713 25.90 47.50 62.75
N GLU B 714 27.07 48.12 62.59
CA GLU B 714 27.33 49.38 63.27
C GLU B 714 26.28 50.41 62.90
N LEU B 715 26.00 50.55 61.60
CA LEU B 715 25.01 51.51 61.16
C LEU B 715 23.65 51.22 61.79
N VAL B 716 23.17 49.98 61.64
CA VAL B 716 21.82 49.67 62.09
C VAL B 716 21.69 49.89 63.58
N GLN B 717 22.65 49.38 64.37
CA GLN B 717 22.57 49.54 65.81
C GLN B 717 22.66 51.00 66.21
N ASN B 718 23.54 51.77 65.56
CA ASN B 718 23.74 53.16 65.96
C ASN B 718 22.50 53.99 65.69
N TYR B 719 21.92 53.88 64.49
CA TYR B 719 20.83 54.75 64.10
C TYR B 719 19.51 54.03 63.90
N TRP B 720 19.47 52.98 63.09
CA TRP B 720 18.19 52.33 62.80
C TRP B 720 17.55 51.80 64.07
N SER B 721 18.36 51.20 64.95
CA SER B 721 17.83 50.71 66.22
C SER B 721 17.32 51.86 67.08
N LYS B 722 18.07 52.97 67.13
CA LYS B 722 17.70 54.08 68.00
C LYS B 722 16.36 54.67 67.59
N GLN B 723 16.30 55.26 66.40
CA GLN B 723 15.10 55.95 65.94
C GLN B 723 14.13 54.96 65.29
N LYS B 724 13.67 54.01 66.10
CA LYS B 724 12.84 52.93 65.61
C LYS B 724 11.49 53.44 65.14
N ASN B 725 11.02 52.89 64.01
CA ASN B 725 9.65 53.08 63.55
C ASN B 725 9.31 54.55 63.37
N ILE B 726 10.00 55.18 62.43
CA ILE B 726 9.62 56.53 62.02
C ILE B 726 8.25 56.48 61.34
N LYS B 727 7.61 57.64 61.25
CA LYS B 727 6.21 57.69 60.82
C LYS B 727 6.02 57.02 59.47
N GLY B 728 6.81 57.42 58.47
CA GLY B 728 6.56 56.99 57.11
C GLY B 728 7.50 55.94 56.57
N VAL B 729 8.22 55.25 57.45
CA VAL B 729 9.21 54.27 57.04
C VAL B 729 8.66 52.89 57.42
N LYS B 730 8.19 52.14 56.42
CA LYS B 730 7.72 50.79 56.68
C LYS B 730 8.87 49.81 56.85
N ALA B 731 9.99 50.04 56.17
CA ALA B 731 11.12 49.13 56.27
C ALA B 731 12.39 49.85 55.84
N ARG B 732 13.44 49.73 56.65
CA ARG B 732 14.75 50.29 56.32
C ARG B 732 15.64 49.15 55.86
N PHE B 733 16.23 49.31 54.67
CA PHE B 733 17.05 48.27 54.08
C PHE B 733 18.35 48.86 53.57
N VAL B 734 19.40 48.08 53.65
CA VAL B 734 20.72 48.47 53.16
C VAL B 734 21.33 47.28 52.42
N VAL B 735 21.91 47.54 51.27
CA VAL B 735 22.57 46.53 50.46
C VAL B 735 23.97 47.00 50.15
N THR B 736 24.94 46.10 50.25
CA THR B 736 26.33 46.38 49.95
C THR B 736 26.83 45.38 48.92
N ASP B 737 28.11 45.46 48.61
CA ASP B 737 28.74 44.37 47.87
C ASP B 737 29.00 43.20 48.82
N GLY B 738 29.18 42.03 48.24
CA GLY B 738 29.41 40.82 49.00
C GLY B 738 28.13 40.07 49.30
N GLY B 739 27.09 40.78 49.74
CA GLY B 739 25.80 40.16 49.93
C GLY B 739 25.14 40.50 51.25
N ILE B 740 25.70 41.43 52.00
CA ILE B 740 25.12 41.79 53.29
C ILE B 740 23.91 42.68 53.06
N THR B 741 22.74 42.06 53.01
CA THR B 741 21.47 42.78 52.93
C THR B 741 20.81 42.73 54.29
N ARG B 742 20.56 43.89 54.88
CA ARG B 742 19.97 43.97 56.21
C ARG B 742 18.70 44.80 56.16
N VAL B 743 17.60 44.22 56.64
CA VAL B 743 16.31 44.90 56.73
C VAL B 743 15.93 44.98 58.20
N TYR B 744 15.73 46.20 58.70
CA TYR B 744 15.69 46.40 60.15
C TYR B 744 14.51 45.72 60.83
N PRO B 745 13.27 45.88 60.39
CA PRO B 745 12.14 45.41 61.21
C PRO B 745 12.18 43.93 61.54
N LYS B 746 12.87 43.12 60.74
CA LYS B 746 12.90 41.67 60.92
C LYS B 746 11.59 41.05 60.48
N GLU B 747 10.60 41.88 60.16
CA GLU B 747 9.34 41.43 59.59
C GLU B 747 9.23 41.74 58.11
N ALA B 748 9.68 42.93 57.70
CA ALA B 748 9.75 43.23 56.27
C ALA B 748 10.61 42.20 55.54
N GLY B 749 11.64 41.68 56.21
CA GLY B 749 12.45 40.64 55.60
C GLY B 749 11.63 39.46 55.14
N GLU B 750 10.53 39.18 55.82
CA GLU B 750 9.60 38.16 55.35
C GLU B 750 8.97 38.56 54.03
N ASN B 751 8.98 39.84 53.69
CA ASN B 751 8.43 40.35 52.44
C ASN B 751 9.49 41.07 51.62
N TRP B 752 10.67 40.46 51.52
CA TRP B 752 11.81 41.02 50.79
C TRP B 752 12.06 40.15 49.57
N GLN B 753 11.40 40.49 48.47
CA GLN B 753 11.46 39.68 47.26
C GLN B 753 12.80 39.82 46.52
N GLU B 754 13.63 40.79 46.89
CA GLU B 754 14.87 41.00 46.17
C GLU B 754 15.80 39.81 46.33
N ASN B 755 16.53 39.51 45.26
CA ASN B 755 17.44 38.38 45.28
C ASN B 755 18.59 38.65 46.26
N PRO B 756 19.03 37.63 47.00
CA PRO B 756 20.16 37.85 47.90
C PRO B 756 21.44 38.27 47.21
N GLU B 757 21.70 37.78 46.00
CA GLU B 757 22.90 38.17 45.28
C GLU B 757 22.76 39.63 44.85
N THR B 758 23.39 40.52 45.61
CA THR B 758 23.20 41.94 45.36
C THR B 758 23.60 42.32 43.94
N TYR B 759 24.55 41.61 43.35
CA TYR B 759 24.94 41.93 41.98
C TYR B 759 23.83 41.67 40.98
N GLU B 760 22.76 40.96 41.39
CA GLU B 760 21.62 40.75 40.53
C GLU B 760 20.40 41.55 40.93
N ASP B 761 20.48 42.35 42.00
CA ASP B 761 19.35 43.15 42.44
C ASP B 761 19.22 44.39 41.55
N SER B 762 18.06 44.52 40.91
CA SER B 762 17.88 45.58 39.93
C SER B 762 18.12 46.95 40.56
N PHE B 763 17.45 47.24 41.67
CA PHE B 763 17.55 48.57 42.26
C PHE B 763 18.98 48.93 42.59
N TYR B 764 19.81 47.94 42.92
CA TYR B 764 21.20 48.23 43.26
C TYR B 764 21.94 48.80 42.06
N LYS B 765 21.88 48.12 40.92
CA LYS B 765 22.61 48.59 39.74
C LYS B 765 22.10 49.96 39.30
N ARG B 766 20.77 50.10 39.24
CA ARG B 766 20.19 51.39 38.84
C ARG B 766 20.57 52.48 39.84
N SER B 767 20.33 52.24 41.12
CA SER B 767 20.66 53.23 42.13
C SER B 767 22.12 53.65 42.04
N LEU B 768 23.02 52.70 41.76
CA LEU B 768 24.41 53.04 41.55
C LEU B 768 24.57 53.95 40.34
N ASP B 769 23.87 53.64 39.25
CA ASP B 769 24.09 54.37 38.01
C ASP B 769 23.67 55.83 38.14
N ASN B 770 22.48 56.08 38.68
CA ASN B 770 21.94 57.43 38.76
C ASN B 770 22.60 58.20 39.91
N ASP B 771 22.31 59.49 39.98
CA ASP B 771 22.89 60.37 41.00
C ASP B 771 21.82 61.03 41.86
N ASN B 772 20.71 60.32 42.08
CA ASN B 772 19.64 60.84 42.93
C ASN B 772 18.80 59.66 43.40
N TYR B 773 17.93 59.94 44.36
CA TYR B 773 17.04 58.90 44.86
C TYR B 773 16.22 58.34 43.73
N VAL B 774 16.13 57.02 43.66
CA VAL B 774 15.45 56.32 42.58
C VAL B 774 14.31 55.51 43.17
N PHE B 775 13.12 55.68 42.61
CA PHE B 775 11.92 54.99 43.08
C PHE B 775 11.56 53.88 42.11
N THR B 776 11.33 52.68 42.64
CA THR B 776 11.02 51.50 41.84
C THR B 776 9.65 51.01 42.25
N ALA B 777 8.64 51.34 41.45
CA ALA B 777 7.29 50.90 41.77
C ALA B 777 7.21 49.37 41.70
N PRO B 778 6.52 48.73 42.64
CA PRO B 778 6.38 47.27 42.56
C PRO B 778 5.55 46.86 41.37
N TYR B 779 5.74 45.60 40.96
CA TYR B 779 4.91 45.06 39.89
C TYR B 779 3.47 44.95 40.37
N PHE B 780 2.55 44.86 39.42
CA PHE B 780 1.13 44.77 39.72
C PHE B 780 0.56 43.41 39.32
N ASN B 781 -0.40 42.95 40.12
CA ASN B 781 -1.01 41.63 39.96
C ASN B 781 0.02 40.53 40.12
N LYS B 782 0.93 40.70 41.08
CA LYS B 782 1.82 39.63 41.46
C LYS B 782 1.11 38.67 42.41
N SER B 783 1.54 37.41 42.38
CA SER B 783 0.95 36.42 43.26
C SER B 783 1.17 36.79 44.73
N GLY B 784 2.36 37.26 45.06
CA GLY B 784 2.68 37.65 46.42
C GLY B 784 2.11 39.02 46.76
N PRO B 785 2.38 39.47 47.97
CA PRO B 785 1.89 40.78 48.42
C PRO B 785 2.79 41.90 47.91
N GLY B 786 2.40 43.12 48.22
CA GLY B 786 3.22 44.28 47.91
C GLY B 786 2.38 45.51 47.66
N ALA B 787 3.05 46.66 47.73
CA ALA B 787 2.49 47.95 47.35
C ALA B 787 1.52 48.51 48.38
N TYR B 788 1.14 47.70 49.37
CA TYR B 788 0.47 48.23 50.55
C TYR B 788 1.08 47.70 51.84
N GLU B 789 1.50 46.44 51.86
CA GLU B 789 2.18 45.86 52.99
C GLU B 789 3.69 45.84 52.81
N SER B 790 4.19 46.37 51.70
CA SER B 790 5.61 46.46 51.41
C SER B 790 6.09 47.89 51.26
N GLY B 791 5.30 48.75 50.62
CA GLY B 791 5.69 50.13 50.46
C GLY B 791 6.67 50.32 49.33
N ILE B 792 6.47 51.35 48.51
CA ILE B 792 7.36 51.58 47.38
C ILE B 792 8.79 51.76 47.88
N MET B 793 9.75 51.45 47.03
CA MET B 793 11.15 51.43 47.40
C MET B 793 11.83 52.74 47.02
N VAL B 794 12.91 53.04 47.74
CA VAL B 794 13.78 54.16 47.42
C VAL B 794 15.22 53.66 47.55
N SER B 795 16.15 54.42 46.99
CA SER B 795 17.54 54.00 47.02
C SER B 795 18.44 55.21 46.76
N LYS B 796 19.64 55.17 47.32
CA LYS B 796 20.62 56.23 47.07
C LYS B 796 21.99 55.69 47.43
N ALA B 797 22.84 55.47 46.42
CA ALA B 797 24.17 54.94 46.67
C ALA B 797 24.96 55.88 47.57
N VAL B 798 25.71 55.29 48.50
CA VAL B 798 26.46 56.07 49.49
C VAL B 798 27.83 56.37 48.88
N GLU B 799 27.91 57.51 48.19
CA GLU B 799 29.17 57.92 47.59
C GLU B 799 30.20 58.20 48.68
N ILE B 800 31.45 57.87 48.41
CA ILE B 800 32.52 57.97 49.39
C ILE B 800 33.72 58.69 48.78
N TYR B 801 34.38 59.50 49.59
CA TYR B 801 35.67 60.11 49.25
C TYR B 801 36.67 59.62 50.29
N ILE B 802 37.22 58.43 50.08
CA ILE B 802 38.15 57.86 51.05
C ILE B 802 39.48 58.60 50.99
N GLN B 803 40.03 58.78 49.79
CA GLN B 803 41.28 59.50 49.62
C GLN B 803 41.25 60.36 48.37
N GLY B 804 40.06 60.74 47.90
CA GLY B 804 39.92 61.47 46.67
C GLY B 804 39.40 60.67 45.50
N LYS B 805 38.94 59.44 45.73
CA LYS B 805 38.42 58.58 44.67
C LYS B 805 36.95 58.30 44.95
N LEU B 806 36.13 58.40 43.91
CA LEU B 806 34.70 58.15 44.03
C LEU B 806 34.46 56.65 44.21
N LEU B 807 33.93 56.27 45.36
CA LEU B 807 33.49 54.91 45.61
C LEU B 807 32.01 54.89 45.92
N LYS B 808 31.35 53.81 45.50
CA LYS B 808 29.92 53.62 45.77
C LYS B 808 29.70 52.19 46.21
N PRO B 809 30.16 51.84 47.41
CA PRO B 809 30.05 50.46 47.87
C PRO B 809 28.62 50.01 48.10
N ALA B 810 27.87 50.76 48.91
CA ALA B 810 26.59 50.30 49.40
C ALA B 810 25.46 51.19 48.91
N VAL B 811 24.24 50.68 49.07
CA VAL B 811 23.02 51.40 48.72
C VAL B 811 22.05 51.27 49.88
N VAL B 812 21.40 52.37 50.23
CA VAL B 812 20.44 52.40 51.33
C VAL B 812 19.14 52.98 50.82
N GLY B 813 18.05 52.57 51.45
CA GLY B 813 16.74 53.02 51.01
C GLY B 813 15.70 52.70 52.04
N ILE B 814 14.46 53.09 51.73
CA ILE B 814 13.33 52.87 52.62
C ILE B 814 12.14 52.45 51.78
N LYS B 815 11.43 51.42 52.24
CA LYS B 815 10.17 51.03 51.61
C LYS B 815 9.07 51.90 52.22
N ILE B 816 8.96 53.12 51.69
CA ILE B 816 8.06 54.11 52.26
C ILE B 816 6.65 53.54 52.31
N ASP B 817 6.03 53.61 53.48
CA ASP B 817 4.65 53.17 53.59
C ASP B 817 3.77 53.99 52.67
N VAL B 818 2.89 53.31 51.92
CA VAL B 818 2.10 53.99 50.90
C VAL B 818 1.06 54.91 51.53
N ASN B 819 0.45 54.48 52.63
CA ASN B 819 -0.71 55.21 53.16
C ASN B 819 -0.32 56.57 53.72
N SER B 820 0.72 56.61 54.56
CA SER B 820 1.11 57.88 55.17
C SER B 820 1.54 58.88 54.10
N TRP B 821 2.29 58.40 53.11
CA TRP B 821 2.72 59.29 52.05
C TRP B 821 1.55 59.71 51.15
N ILE B 822 0.53 58.86 51.02
CA ILE B 822 -0.69 59.28 50.34
C ILE B 822 -1.35 60.41 51.10
N GLU B 823 -1.37 60.32 52.42
CA GLU B 823 -1.90 61.42 53.22
C GLU B 823 -1.09 62.69 52.98
N ASN B 824 0.23 62.57 52.96
CA ASN B 824 1.07 63.74 52.69
C ASN B 824 0.75 64.34 51.32
N PHE B 825 0.54 63.49 50.32
CA PHE B 825 0.13 63.97 49.00
C PHE B 825 -1.21 64.69 49.08
N THR B 826 -2.16 64.12 49.81
CA THR B 826 -3.50 64.70 49.90
C THR B 826 -3.45 66.08 50.54
N LYS B 827 -2.59 66.27 51.54
CA LYS B 827 -2.52 67.55 52.22
C LYS B 827 -1.87 68.64 51.36
N THR B 828 -1.56 68.41 50.09
CA THR B 828 -1.00 69.46 49.24
C THR B 828 -2.08 70.07 48.37
N ASP B 849 -6.53 66.24 38.25
CA ASP B 849 -6.04 64.93 38.64
C ASP B 849 -4.52 64.93 38.81
N CYS B 850 -4.07 65.14 40.04
CA CYS B 850 -2.66 65.17 40.39
C CYS B 850 -2.11 63.74 40.38
N VAL B 851 -1.12 63.48 39.53
CA VAL B 851 -0.52 62.17 39.37
C VAL B 851 0.98 62.29 39.59
N ILE B 852 1.52 61.46 40.48
CA ILE B 852 2.96 61.33 40.67
C ILE B 852 3.44 60.15 39.84
N LEU B 853 4.46 60.38 39.03
CA LEU B 853 4.86 59.42 38.02
C LEU B 853 6.38 59.44 37.90
N ASP B 854 6.93 58.35 37.38
CA ASP B 854 8.37 58.20 37.23
C ASP B 854 8.70 57.70 35.83
N ASP B 855 9.96 57.85 35.45
CA ASP B 855 10.45 57.26 34.22
C ASP B 855 10.12 55.78 34.22
N GLY B 856 9.69 55.27 33.07
CA GLY B 856 9.06 53.97 33.02
C GLY B 856 7.56 54.02 33.20
N GLY B 857 6.99 55.19 33.46
CA GLY B 857 5.55 55.36 33.45
C GLY B 857 4.81 54.50 34.47
N PHE B 858 5.27 54.50 35.71
CA PHE B 858 4.68 53.71 36.78
C PHE B 858 4.04 54.65 37.79
N LEU B 859 2.74 54.45 38.04
CA LEU B 859 1.99 55.33 38.93
C LEU B 859 2.37 55.10 40.39
N LEU B 860 3.24 55.94 40.92
CA LEU B 860 3.44 55.95 42.37
C LEU B 860 2.21 56.49 43.08
N MET B 861 1.56 57.49 42.48
CA MET B 861 0.27 57.94 42.98
C MET B 861 -0.57 58.54 41.88
N ALA B 862 -1.88 58.59 42.14
CA ALA B 862 -2.81 59.49 41.51
C ALA B 862 -3.85 59.84 42.55
N ASN B 863 -4.14 61.15 42.69
CA ASN B 863 -5.04 61.56 43.75
C ASN B 863 -6.35 60.79 43.69
N HIS B 864 -6.82 60.51 42.48
CA HIS B 864 -8.01 59.71 42.30
C HIS B 864 -7.85 58.37 43.02
N ASP B 865 -8.84 58.03 43.85
CA ASP B 865 -8.69 56.86 44.71
C ASP B 865 -8.70 55.56 43.92
N ASP B 866 -9.39 55.53 42.78
CA ASP B 866 -9.39 54.31 41.97
C ASP B 866 -7.98 53.98 41.47
N TYR B 867 -7.24 54.99 41.02
CA TYR B 867 -5.93 54.74 40.46
C TYR B 867 -4.97 54.18 41.51
N THR B 868 -4.88 54.85 42.66
CA THR B 868 -3.90 54.44 43.65
C THR B 868 -4.14 53.02 44.14
N ASN B 869 -5.36 52.49 43.96
CA ASN B 869 -5.57 51.07 44.22
C ASN B 869 -4.74 50.22 43.26
N GLN B 870 -4.67 50.63 41.99
CA GLN B 870 -3.82 49.95 41.01
C GLN B 870 -2.48 50.67 40.89
N ILE B 871 -1.79 50.75 42.03
CA ILE B 871 -0.48 51.37 42.07
C ILE B 871 0.54 50.45 41.41
N GLY B 872 1.51 51.05 40.72
CA GLY B 872 2.61 50.30 40.15
C GLY B 872 2.42 49.86 38.72
N ARG B 873 1.19 49.86 38.22
CA ARG B 873 0.98 49.54 36.82
C ARG B 873 1.69 50.58 35.95
N PHE B 874 2.12 50.14 34.77
CA PHE B 874 2.68 51.09 33.82
C PHE B 874 1.60 52.06 33.39
N PHE B 875 1.71 53.31 33.85
CA PHE B 875 0.79 54.32 33.35
C PHE B 875 0.88 54.31 31.82
N GLY B 876 -0.26 54.37 31.16
CA GLY B 876 -0.30 54.13 29.73
C GLY B 876 -1.40 53.14 29.39
N GLU B 877 -1.61 52.16 30.27
CA GLU B 877 -2.85 51.40 30.27
C GLU B 877 -3.86 51.97 31.27
N ILE B 878 -3.67 53.22 31.68
CA ILE B 878 -4.57 53.92 32.58
C ILE B 878 -5.16 55.16 31.91
N ASP B 879 -4.33 55.93 31.22
CA ASP B 879 -4.80 57.08 30.44
C ASP B 879 -3.88 57.23 29.24
N PRO B 880 -4.08 56.43 28.20
CA PRO B 880 -3.09 56.34 27.13
C PRO B 880 -2.77 57.64 26.43
N SER B 881 -3.80 58.39 26.02
CA SER B 881 -3.58 59.57 25.20
C SER B 881 -2.62 60.53 25.86
N LEU B 882 -2.67 60.65 27.19
CA LEU B 882 -1.82 61.63 27.87
C LEU B 882 -0.35 61.29 27.67
N MET B 883 0.01 60.00 27.82
CA MET B 883 1.38 59.62 27.51
C MET B 883 1.68 59.76 26.02
N ARG B 884 0.77 59.27 25.16
CA ARG B 884 1.04 59.31 23.74
C ARG B 884 1.40 60.72 23.30
N HIS B 885 0.73 61.73 23.84
CA HIS B 885 1.13 63.10 23.60
C HIS B 885 2.39 63.48 24.38
N LEU B 886 2.54 62.94 25.59
CA LEU B 886 3.70 63.27 26.42
C LEU B 886 4.99 62.84 25.75
N VAL B 887 4.99 61.67 25.10
CA VAL B 887 6.16 61.26 24.34
C VAL B 887 6.46 62.26 23.24
N ASN B 888 5.44 63.00 22.81
CA ASN B 888 5.55 63.82 21.62
C ASN B 888 6.26 65.15 21.88
N ILE B 889 6.42 65.56 23.14
CA ILE B 889 6.92 66.89 23.44
C ILE B 889 8.34 66.81 23.98
N SER B 890 9.10 65.82 23.54
CA SER B 890 10.52 65.69 23.83
C SER B 890 10.77 65.27 25.28
N VAL B 891 9.81 64.61 25.90
CA VAL B 891 10.01 63.94 27.17
C VAL B 891 9.45 62.53 27.02
N TYR B 892 10.03 61.58 27.75
CA TYR B 892 9.66 60.18 27.66
C TYR B 892 9.87 59.65 26.24
N ALA B 893 11.12 59.63 25.82
CA ALA B 893 11.49 58.87 24.64
C ALA B 893 11.44 57.40 24.99
N PHE B 894 11.84 56.53 24.07
CA PHE B 894 11.80 55.11 24.34
C PHE B 894 12.75 54.38 23.41
N ASN B 895 13.12 53.17 23.81
CA ASN B 895 13.91 52.27 22.98
C ASN B 895 13.21 50.93 22.92
N LYS B 896 12.98 50.45 21.70
CA LYS B 896 12.23 49.21 21.48
C LYS B 896 13.23 48.16 21.01
N SER B 897 13.84 47.48 21.96
CA SER B 897 14.85 46.47 21.66
C SER B 897 14.16 45.11 21.54
N TYR B 898 14.96 44.06 21.37
CA TYR B 898 14.44 42.71 21.19
C TYR B 898 15.12 41.77 22.16
N ASP B 899 14.34 40.85 22.73
CA ASP B 899 14.84 39.77 23.56
C ASP B 899 14.69 38.47 22.77
N TYR B 900 15.80 37.78 22.55
CA TYR B 900 15.77 36.56 21.77
C TYR B 900 15.62 35.31 22.63
N GLN B 901 15.55 35.45 23.94
CA GLN B 901 15.39 34.32 24.86
C GLN B 901 14.22 34.66 25.79
N SER B 902 13.03 34.20 25.43
CA SER B 902 11.86 34.45 26.24
C SER B 902 10.81 33.39 25.92
N VAL B 903 9.90 33.18 26.85
CA VAL B 903 8.93 32.09 26.79
C VAL B 903 7.55 32.66 26.49
N CYS B 904 6.84 32.01 25.57
CA CYS B 904 5.49 32.40 25.18
C CYS B 904 4.59 31.19 25.22
N GLU B 905 3.33 31.41 25.57
CA GLU B 905 2.36 30.34 25.75
C GLU B 905 1.83 29.81 24.41
N PRO B 906 1.43 30.69 23.48
CA PRO B 906 0.84 30.19 22.23
C PRO B 906 1.74 29.20 21.50
N GLN B 972 7.43 27.88 25.28
CA GLN B 972 7.93 27.99 23.91
C GLN B 972 8.80 29.22 23.74
N SER B 973 10.01 29.02 23.24
CA SER B 973 10.93 30.13 23.04
C SER B 973 10.38 31.09 21.99
N CYS B 974 10.46 32.38 22.28
CA CYS B 974 9.89 33.40 21.42
C CYS B 974 10.70 34.68 21.55
N ILE B 975 10.61 35.52 20.53
CA ILE B 975 11.32 36.79 20.50
C ILE B 975 10.32 37.86 20.93
N THR B 976 10.32 38.16 22.22
CA THR B 976 9.48 39.23 22.74
C THR B 976 10.04 40.56 22.28
N GLU B 977 9.45 41.66 22.76
CA GLU B 977 9.84 42.99 22.31
C GLU B 977 9.71 43.94 23.51
N GLN B 978 10.81 44.13 24.22
CA GLN B 978 10.77 44.97 25.40
C GLN B 978 10.74 46.44 25.02
N THR B 979 10.43 47.28 26.01
CA THR B 979 10.40 48.71 25.81
C THR B 979 10.67 49.39 27.14
N GLN B 980 11.22 50.60 27.08
CA GLN B 980 11.48 51.39 28.27
C GLN B 980 11.27 52.85 27.96
N TYR B 981 11.03 53.63 29.00
CA TYR B 981 10.79 55.07 28.89
C TYR B 981 11.68 55.79 29.88
N PHE B 982 12.20 56.94 29.47
CA PHE B 982 13.16 57.66 30.28
C PHE B 982 13.13 59.14 29.91
N PHE B 983 13.65 59.96 30.82
CA PHE B 983 13.66 61.40 30.62
C PHE B 983 14.64 61.79 29.52
N ASP B 984 14.22 62.72 28.66
CA ASP B 984 15.06 63.18 27.55
C ASP B 984 15.72 64.52 27.87
N ASN B 985 14.91 65.54 28.15
CA ASN B 985 15.42 66.89 28.35
C ASN B 985 15.67 67.15 29.83
N ASP B 986 16.56 68.10 30.10
CA ASP B 986 16.82 68.54 31.46
C ASP B 986 15.76 69.49 31.99
N SER B 987 14.84 69.95 31.15
CA SER B 987 13.81 70.87 31.60
C SER B 987 12.90 70.21 32.62
N LYS B 988 12.43 71.00 33.58
CA LYS B 988 11.59 70.52 34.66
C LYS B 988 10.12 70.85 34.47
N SER B 989 9.79 71.98 33.88
CA SER B 989 8.41 72.42 33.74
C SER B 989 7.91 72.11 32.34
N PHE B 990 6.69 71.57 32.26
CA PHE B 990 6.08 71.22 30.99
C PHE B 990 4.58 71.45 31.08
N SER B 991 4.00 72.00 30.02
CA SER B 991 2.58 72.31 29.98
C SER B 991 2.11 72.25 28.54
N GLY B 992 0.79 72.15 28.38
CA GLY B 992 0.21 72.09 27.05
C GLY B 992 -1.25 71.70 27.12
N VAL B 993 -1.78 71.30 25.96
CA VAL B 993 -3.17 70.93 25.82
C VAL B 993 -3.26 69.57 25.15
N LEU B 994 -4.22 68.77 25.58
CA LEU B 994 -4.49 67.45 25.02
C LEU B 994 -5.75 67.52 24.18
N ASP B 995 -5.71 66.86 23.02
CA ASP B 995 -6.75 66.97 22.00
C ASP B 995 -7.27 65.59 21.62
N CYS B 996 -7.63 64.79 22.63
CA CYS B 996 -8.13 63.44 22.37
C CYS B 996 -9.14 63.45 21.23
N GLY B 997 -10.25 64.17 21.39
CA GLY B 997 -11.16 64.39 20.30
C GLY B 997 -12.24 65.40 20.65
N ASN B 998 -12.37 66.44 19.81
CA ASN B 998 -13.33 67.52 20.05
C ASN B 998 -13.35 67.92 21.52
N CYS B 999 -12.18 67.98 22.15
CA CYS B 999 -12.11 68.27 23.58
C CYS B 999 -10.72 68.77 23.91
N SER B 1000 -10.59 69.36 25.09
CA SER B 1000 -9.32 69.89 25.57
C SER B 1000 -9.09 69.39 27.00
N ARG B 1001 -7.81 69.23 27.34
CA ARG B 1001 -7.41 68.84 28.68
C ARG B 1001 -6.19 69.64 29.09
N ILE B 1002 -5.98 69.73 30.41
CA ILE B 1002 -4.95 70.57 30.99
C ILE B 1002 -3.97 69.68 31.73
N PHE B 1003 -2.67 69.92 31.50
CA PHE B 1003 -1.61 69.21 32.19
C PHE B 1003 -0.46 70.17 32.46
N HIS B 1004 0.19 69.98 33.60
CA HIS B 1004 1.41 70.70 33.92
C HIS B 1004 2.39 69.72 34.56
N GLY B 1005 3.49 69.45 33.86
CA GLY B 1005 4.46 68.47 34.32
C GLY B 1005 5.63 69.13 35.02
N GLU B 1006 5.92 68.64 36.22
CA GLU B 1006 7.02 69.13 37.03
C GLU B 1006 7.80 67.96 37.59
N LYS B 1007 9.12 67.97 37.39
CA LYS B 1007 10.00 66.94 37.92
C LYS B 1007 10.44 67.33 39.31
N LEU B 1008 10.24 66.44 40.28
CA LEU B 1008 10.75 66.66 41.62
C LEU B 1008 12.28 66.65 41.56
N MET B 1009 12.89 67.83 41.67
CA MET B 1009 14.33 67.94 41.48
C MET B 1009 15.06 67.04 42.47
N ASN B 1010 16.25 66.58 42.07
CA ASN B 1010 17.05 65.69 42.89
C ASN B 1010 16.32 64.38 43.18
N THR B 1011 15.42 63.98 42.28
CA THR B 1011 14.66 62.76 42.46
C THR B 1011 14.18 62.28 41.10
N ASN B 1012 14.12 60.97 40.94
CA ASN B 1012 13.65 60.37 39.69
C ASN B 1012 12.13 60.27 39.72
N LEU B 1013 11.48 61.43 39.65
CA LEU B 1013 10.03 61.49 39.68
C LEU B 1013 9.54 62.71 38.90
N ILE B 1014 8.39 62.54 38.25
CA ILE B 1014 7.73 63.61 37.52
C ILE B 1014 6.33 63.76 38.07
N PHE B 1015 5.93 64.99 38.37
CA PHE B 1015 4.60 65.30 38.86
C PHE B 1015 3.80 65.96 37.76
N ILE B 1016 2.59 65.43 37.52
CA ILE B 1016 1.69 65.95 36.50
C ILE B 1016 0.30 66.08 37.09
N MET B 1017 -0.51 66.93 36.47
CA MET B 1017 -1.89 67.19 36.91
C MET B 1017 -2.78 67.21 35.67
N VAL B 1018 -3.32 66.04 35.32
CA VAL B 1018 -4.25 65.97 34.21
C VAL B 1018 -5.66 66.27 34.67
N GLU B 1019 -6.51 66.66 33.74
CA GLU B 1019 -7.90 66.96 34.06
C GLU B 1019 -8.69 65.69 34.28
N SER B 1020 -9.92 65.86 34.78
CA SER B 1020 -10.78 64.72 35.02
C SER B 1020 -11.09 64.00 33.72
N LYS B 1021 -11.27 62.68 33.81
CA LYS B 1021 -11.56 61.88 32.63
C LYS B 1021 -12.81 62.42 31.94
N GLY B 1022 -12.74 62.53 30.61
CA GLY B 1022 -13.85 63.02 29.82
C GLY B 1022 -13.42 63.80 28.60
N THR B 1028 -8.61 55.44 24.53
CA THR B 1028 -8.06 55.39 23.17
C THR B 1028 -7.22 54.12 23.03
N ARG B 1029 -5.99 54.24 22.50
CA ARG B 1029 -5.12 53.11 22.27
C ARG B 1029 -4.12 53.01 23.42
N LEU B 1030 -4.11 51.87 24.10
CA LEU B 1030 -3.30 51.73 25.31
C LEU B 1030 -1.83 51.52 24.95
N LEU B 1031 -0.96 52.20 25.69
CA LEU B 1031 0.47 51.89 25.65
C LEU B 1031 0.75 50.75 26.63
N ILE B 1032 1.44 49.73 26.15
CA ILE B 1032 1.80 48.57 26.97
C ILE B 1032 3.32 48.50 26.97
N GLN B 1033 3.93 48.92 28.08
CA GLN B 1033 5.37 48.82 28.20
C GLN B 1033 5.80 47.38 28.44
N ALA B 1034 4.94 46.58 29.06
CA ALA B 1034 5.28 45.19 29.32
C ALA B 1034 5.61 44.48 28.02
N GLU B 1035 6.68 43.68 28.05
CA GLU B 1035 7.11 42.99 26.85
C GLU B 1035 6.00 42.07 26.35
N GLN B 1036 5.86 42.00 25.02
CA GLN B 1036 4.89 41.13 24.39
C GLN B 1036 5.56 40.40 23.24
N THR B 1037 5.02 39.22 22.92
CA THR B 1037 5.59 38.42 21.85
C THR B 1037 5.52 39.19 20.53
N SER B 1038 6.46 38.88 19.66
CA SER B 1038 6.51 39.48 18.33
C SER B 1038 7.55 38.72 17.52
N ASP B 1039 7.79 39.17 16.31
CA ASP B 1039 8.85 38.63 15.46
C ASP B 1039 10.05 39.56 15.47
N GLY B 1040 11.23 38.97 15.29
CA GLY B 1040 12.45 39.73 15.23
C GLY B 1040 12.45 40.67 14.05
N PRO B 1041 13.57 41.31 13.79
CA PRO B 1041 13.64 42.18 12.61
C PRO B 1041 13.40 41.39 11.35
N ASN B 1042 12.73 42.02 10.41
CA ASN B 1042 12.46 41.38 9.13
C ASN B 1042 13.77 40.93 8.51
N PRO B 1043 14.10 39.63 8.51
CA PRO B 1043 15.42 39.23 7.99
C PRO B 1043 15.61 39.56 6.53
N CYS B 1044 14.54 39.71 5.76
CA CYS B 1044 14.69 40.14 4.36
C CYS B 1044 15.32 41.52 4.27
N ASP B 1045 15.30 42.29 5.36
CA ASP B 1045 15.87 43.63 5.36
C ASP B 1045 17.33 43.62 5.80
N MET B 1046 17.62 43.05 6.97
CA MET B 1046 18.98 43.10 7.50
C MET B 1046 19.97 42.35 6.63
N VAL B 1047 19.52 41.42 5.79
CA VAL B 1047 20.44 40.77 4.87
C VAL B 1047 20.98 41.75 3.84
N LYS B 1048 20.25 42.83 3.56
CA LYS B 1048 20.75 43.82 2.61
C LYS B 1048 22.02 44.47 3.13
N GLN B 1049 22.08 44.77 4.42
CA GLN B 1049 23.26 45.38 5.05
C GLN B 1049 23.64 44.51 6.24
N PRO B 1050 24.18 43.32 5.99
CA PRO B 1050 24.51 42.42 7.09
C PRO B 1050 25.61 42.99 7.97
N ARG B 1051 25.54 42.65 9.25
CA ARG B 1051 26.53 43.14 10.19
C ARG B 1051 27.92 42.64 9.79
N TYR B 1052 28.93 43.39 10.21
CA TYR B 1052 30.30 43.03 9.87
C TYR B 1052 30.66 41.66 10.42
N ARG B 1053 31.42 40.90 9.64
CA ARG B 1053 31.75 39.53 9.98
C ARG B 1053 33.04 39.16 9.27
N LYS B 1054 33.96 38.53 10.00
CA LYS B 1054 35.25 38.10 9.45
C LYS B 1054 35.39 36.61 9.70
N GLY B 1055 35.12 35.81 8.69
CA GLY B 1055 35.19 34.37 8.82
C GLY B 1055 36.60 33.85 8.78
N PRO B 1056 36.75 32.55 9.03
CA PRO B 1056 38.07 31.94 9.00
C PRO B 1056 38.63 31.92 7.59
N ASP B 1057 39.94 31.73 7.50
CA ASP B 1057 40.66 31.83 6.24
C ASP B 1057 41.57 30.62 6.03
N VAL B 1058 41.05 29.42 6.27
CA VAL B 1058 41.78 28.20 5.90
C VAL B 1058 41.07 27.47 4.77
N CYS B 1059 39.87 26.97 5.01
CA CYS B 1059 38.99 26.40 3.99
C CYS B 1059 39.75 25.49 3.02
N PHE B 1060 40.23 24.38 3.57
CA PHE B 1060 40.95 23.37 2.81
C PHE B 1060 40.02 22.83 1.72
N ASP B 1061 40.41 23.04 0.47
CA ASP B 1061 39.64 22.57 -0.67
C ASP B 1061 40.50 22.70 -1.91
N ASN B 1062 40.00 22.17 -3.03
CA ASN B 1062 40.66 22.31 -4.32
C ASN B 1062 42.07 21.72 -4.26
N ASN B 1063 42.14 20.42 -4.04
CA ASN B 1063 43.39 19.69 -4.00
C ASN B 1063 43.50 18.81 -5.24
N VAL B 1064 44.63 18.94 -5.95
CA VAL B 1064 44.79 18.21 -7.20
C VAL B 1064 44.82 16.71 -6.97
N LEU B 1065 45.56 16.26 -5.95
CA LEU B 1065 45.72 14.84 -5.70
C LEU B 1065 44.48 14.25 -5.02
N GLU B 1066 43.34 14.35 -5.69
CA GLU B 1066 42.08 13.86 -5.13
C GLU B 1066 41.46 12.84 -6.07
N ASP B 1067 40.89 11.78 -5.50
CA ASP B 1067 40.34 10.68 -6.28
C ASP B 1067 38.85 10.92 -6.49
N TYR B 1068 38.46 11.26 -7.71
CA TYR B 1068 37.08 11.53 -8.05
C TYR B 1068 36.29 10.28 -8.37
N THR B 1069 36.77 9.10 -7.99
CA THR B 1069 36.15 7.84 -8.39
C THR B 1069 35.08 7.37 -7.42
N ASP B 1070 34.42 8.30 -6.73
CA ASP B 1070 33.28 7.99 -5.88
C ASP B 1070 32.03 8.61 -6.46
N CYS B 1071 30.94 7.84 -6.48
CA CYS B 1071 29.72 8.26 -7.15
C CYS B 1071 28.66 7.16 -7.09
N ASP C 248 -13.20 -72.86 -64.25
CA ASP C 248 -12.81 -74.00 -65.14
C ASP C 248 -12.17 -75.11 -64.30
N VAL C 249 -10.89 -75.38 -64.51
CA VAL C 249 -10.15 -76.40 -63.76
C VAL C 249 -9.03 -75.72 -63.00
N VAL C 250 -8.98 -75.95 -61.69
CA VAL C 250 -7.96 -75.32 -60.84
C VAL C 250 -6.59 -75.85 -61.23
N PRO C 251 -5.52 -75.03 -61.22
CA PRO C 251 -4.18 -75.58 -61.43
C PRO C 251 -3.62 -76.23 -60.17
N SER C 252 -4.45 -77.00 -59.47
CA SER C 252 -4.09 -77.63 -58.20
C SER C 252 -3.81 -76.59 -57.12
N MET C 253 -3.92 -75.31 -57.45
CA MET C 253 -3.58 -74.23 -56.54
C MET C 253 -4.41 -73.01 -56.93
N ARG C 254 -4.35 -71.98 -56.09
CA ARG C 254 -4.90 -70.67 -56.40
C ARG C 254 -3.75 -69.67 -56.40
N PRO C 255 -3.18 -69.32 -57.56
CA PRO C 255 -2.01 -68.45 -57.57
C PRO C 255 -2.31 -67.08 -56.98
N VAL C 256 -1.30 -66.53 -56.30
CA VAL C 256 -1.42 -65.28 -55.56
C VAL C 256 -0.66 -64.19 -56.30
N VAL C 257 -1.31 -63.05 -56.50
CA VAL C 257 -0.68 -61.88 -57.09
C VAL C 257 -1.10 -60.64 -56.32
N LEU C 258 -0.30 -59.59 -56.42
CA LEU C 258 -0.60 -58.31 -55.80
C LEU C 258 -0.29 -57.20 -56.79
N VAL C 259 -1.27 -56.32 -57.02
CA VAL C 259 -1.12 -55.24 -57.98
C VAL C 259 -0.68 -53.93 -57.34
N GLY C 260 -0.62 -53.86 -56.02
CA GLY C 260 -0.24 -52.64 -55.34
C GLY C 260 -1.32 -51.60 -55.45
N PRO C 261 -1.05 -50.38 -54.98
CA PRO C 261 -2.03 -49.30 -55.12
C PRO C 261 -1.93 -48.58 -56.45
N SER C 262 -0.85 -48.83 -57.19
CA SER C 262 -0.63 -48.14 -58.45
C SER C 262 0.42 -48.90 -59.24
N LEU C 263 0.97 -48.27 -60.28
CA LEU C 263 1.89 -48.95 -61.19
C LEU C 263 3.04 -49.58 -60.43
N LYS C 264 3.38 -50.81 -60.81
CA LYS C 264 4.56 -51.47 -60.27
C LYS C 264 5.86 -50.87 -60.81
N GLY C 265 5.77 -50.00 -61.81
CA GLY C 265 6.96 -49.48 -62.47
C GLY C 265 7.87 -48.66 -61.58
N TYR C 266 7.40 -48.21 -60.43
CA TYR C 266 8.19 -47.41 -59.52
C TYR C 266 8.46 -48.17 -58.22
N GLU C 267 9.40 -47.64 -57.46
CA GLU C 267 9.92 -48.33 -56.28
C GLU C 267 8.85 -48.49 -55.21
N VAL C 268 8.02 -47.47 -54.99
CA VAL C 268 7.10 -47.47 -53.86
C VAL C 268 6.15 -48.66 -53.94
N THR C 269 5.59 -48.91 -55.13
CA THR C 269 4.62 -49.99 -55.25
C THR C 269 5.23 -51.33 -54.88
N ASP C 270 6.44 -51.60 -55.35
CA ASP C 270 7.11 -52.86 -55.02
C ASP C 270 7.39 -52.95 -53.52
N MET C 271 7.83 -51.85 -52.92
CA MET C 271 8.15 -51.87 -51.49
C MET C 271 6.90 -52.09 -50.64
N MET C 272 5.72 -51.74 -51.16
CA MET C 272 4.49 -52.12 -50.47
C MET C 272 4.36 -53.63 -50.33
N GLN C 273 5.05 -54.38 -51.20
CA GLN C 273 4.97 -55.83 -51.20
C GLN C 273 6.30 -56.53 -51.00
N LYS C 274 7.42 -55.82 -51.13
CA LYS C 274 8.73 -56.48 -51.00
C LYS C 274 8.85 -57.14 -49.62
N ALA C 275 8.57 -56.39 -48.57
CA ALA C 275 8.59 -56.97 -47.22
C ALA C 275 7.38 -57.83 -46.95
N LEU C 276 6.23 -57.51 -47.57
CA LEU C 276 5.02 -58.27 -47.32
C LEU C 276 5.22 -59.73 -47.71
N PHE C 277 5.82 -59.98 -48.87
CA PHE C 277 6.06 -61.35 -49.31
C PHE C 277 6.98 -62.08 -48.36
N ASP C 278 7.85 -61.36 -47.66
CA ASP C 278 8.78 -62.02 -46.74
C ASP C 278 8.02 -62.75 -45.64
N PHE C 279 6.98 -62.11 -45.08
CA PHE C 279 6.23 -62.73 -44.02
C PHE C 279 5.33 -63.86 -44.52
N LEU C 280 4.98 -63.85 -45.81
CA LEU C 280 4.17 -64.92 -46.35
C LEU C 280 4.87 -66.27 -46.21
N LYS C 281 6.14 -66.34 -46.62
CA LYS C 281 6.88 -67.58 -46.48
C LYS C 281 7.38 -67.81 -45.06
N HIS C 282 7.47 -66.76 -44.25
CA HIS C 282 7.96 -66.88 -42.89
C HIS C 282 6.88 -67.29 -41.89
N ARG C 283 5.64 -67.43 -42.34
CA ARG C 283 4.58 -67.98 -41.50
C ARG C 283 3.80 -69.08 -42.19
N PHE C 284 4.19 -69.50 -43.38
CA PHE C 284 3.55 -70.58 -44.13
C PHE C 284 4.59 -71.56 -44.64
N GLU C 285 5.49 -71.98 -43.75
CA GLU C 285 6.63 -72.82 -44.14
C GLU C 285 6.17 -74.04 -44.92
N GLY C 286 6.55 -74.12 -46.20
CA GLY C 286 6.18 -75.25 -47.03
C GLY C 286 4.80 -75.12 -47.62
N ARG C 287 3.92 -74.39 -46.93
CA ARG C 287 2.56 -74.22 -47.41
C ARG C 287 2.48 -73.26 -48.59
N ILE C 288 3.49 -72.40 -48.76
CA ILE C 288 3.45 -71.36 -49.77
C ILE C 288 4.75 -71.33 -50.56
N SER C 289 4.64 -70.92 -51.82
CA SER C 289 5.78 -70.72 -52.70
C SER C 289 5.58 -69.42 -53.48
N ILE C 290 6.68 -68.83 -53.92
CA ILE C 290 6.65 -67.55 -54.60
C ILE C 290 7.38 -67.68 -55.93
N THR C 291 6.95 -66.86 -56.89
CA THR C 291 7.55 -66.83 -58.22
C THR C 291 7.80 -65.40 -58.65
N ARG C 292 8.85 -65.20 -59.43
CA ARG C 292 9.24 -63.88 -59.94
C ARG C 292 9.30 -63.95 -61.45
N VAL C 293 8.51 -63.10 -62.12
CA VAL C 293 8.47 -63.05 -63.57
C VAL C 293 8.45 -61.58 -64.01
N THR C 294 8.61 -61.38 -65.32
CA THR C 294 8.61 -60.04 -65.89
C THR C 294 7.85 -59.93 -67.20
N ALA C 295 7.27 -61.01 -67.70
CA ALA C 295 6.55 -61.01 -68.97
C ALA C 295 5.06 -60.81 -68.73
N ASP C 296 4.27 -60.98 -69.78
CA ASP C 296 2.83 -60.76 -69.74
C ASP C 296 2.09 -62.09 -69.60
N ILE C 297 0.97 -62.06 -68.88
CA ILE C 297 0.11 -63.23 -68.71
C ILE C 297 -1.31 -62.97 -69.21
N SER C 298 -1.68 -61.73 -69.51
CA SER C 298 -3.05 -61.46 -69.95
C SER C 298 -3.37 -62.20 -71.24
N LEU C 299 -2.43 -62.21 -72.18
CA LEU C 299 -2.61 -62.89 -73.47
C LEU C 299 -2.47 -64.40 -73.22
N ALA C 300 -3.56 -65.02 -72.79
CA ALA C 300 -3.60 -66.46 -72.51
C ALA C 300 -4.83 -67.06 -73.15
N LYS C 301 -4.63 -68.14 -73.90
CA LYS C 301 -5.71 -68.83 -74.60
C LYS C 301 -5.92 -70.17 -73.90
N ARG C 302 -6.77 -70.16 -72.87
CA ARG C 302 -7.06 -71.36 -72.10
C ARG C 302 -8.00 -72.28 -72.87
N LEU C 323 5.16 -61.96 -76.60
CA LEU C 323 4.19 -63.00 -76.95
C LEU C 323 4.87 -64.36 -76.96
N ALA C 324 6.03 -64.44 -77.60
CA ALA C 324 6.76 -65.70 -77.65
C ALA C 324 7.15 -66.16 -76.24
N GLU C 325 7.62 -65.23 -75.41
CA GLU C 325 7.93 -65.57 -74.02
C GLU C 325 6.66 -65.92 -73.25
N VAL C 326 5.52 -65.32 -73.65
CA VAL C 326 4.26 -65.60 -72.95
C VAL C 326 3.88 -67.06 -73.11
N GLN C 327 4.19 -67.66 -74.26
CA GLN C 327 3.79 -69.04 -74.51
C GLN C 327 4.27 -69.97 -73.39
N SER C 328 5.55 -69.90 -73.06
CA SER C 328 6.11 -70.72 -72.00
C SER C 328 5.86 -70.14 -70.61
N GLU C 329 5.50 -68.86 -70.53
CA GLU C 329 5.25 -68.25 -69.23
C GLU C 329 4.07 -68.90 -68.52
N ILE C 330 2.97 -69.13 -69.25
CA ILE C 330 1.80 -69.73 -68.65
C ILE C 330 2.10 -71.17 -68.23
N GLU C 331 2.88 -71.89 -69.03
CA GLU C 331 3.22 -73.27 -68.70
C GLU C 331 4.09 -73.34 -67.44
N ARG C 332 5.16 -72.55 -67.39
CA ARG C 332 6.08 -72.63 -66.25
C ARG C 332 5.37 -72.29 -64.96
N ILE C 333 4.44 -71.32 -64.98
CA ILE C 333 3.59 -71.09 -63.82
C ILE C 333 2.78 -72.33 -63.50
N PHE C 334 2.19 -72.95 -64.53
CA PHE C 334 1.48 -74.21 -64.31
C PHE C 334 2.45 -75.31 -63.91
N GLU C 335 3.71 -75.22 -64.34
CA GLU C 335 4.71 -76.18 -63.89
C GLU C 335 4.92 -76.06 -62.38
N LEU C 336 4.98 -74.83 -61.87
CA LEU C 336 5.07 -74.62 -60.43
C LEU C 336 3.75 -74.89 -59.73
N ALA C 337 2.62 -74.71 -60.42
CA ALA C 337 1.32 -74.98 -59.82
C ALA C 337 1.06 -76.46 -59.64
N ARG C 338 1.77 -77.32 -60.39
CA ARG C 338 1.60 -78.76 -60.29
C ARG C 338 2.44 -79.36 -59.17
N THR C 339 3.30 -78.57 -58.51
CA THR C 339 4.16 -79.09 -57.46
C THR C 339 3.42 -79.32 -56.14
N LEU C 340 2.27 -78.69 -55.96
CA LEU C 340 1.51 -78.82 -54.71
C LEU C 340 2.38 -78.44 -53.51
N VAL C 343 1.08 -70.88 -54.45
CA VAL C 343 2.05 -70.26 -55.35
C VAL C 343 1.71 -68.79 -55.49
N VAL C 344 2.73 -67.94 -55.46
CA VAL C 344 2.57 -66.50 -55.56
C VAL C 344 3.28 -66.03 -56.84
N LEU C 345 2.59 -65.19 -57.60
CA LEU C 345 3.13 -64.62 -58.84
C LEU C 345 3.34 -63.13 -58.67
N ASP C 346 4.41 -62.63 -59.30
CA ASP C 346 4.79 -61.22 -59.21
C ASP C 346 5.21 -60.75 -60.60
N ALA C 347 4.54 -59.72 -61.12
CA ALA C 347 4.79 -59.25 -62.47
C ALA C 347 4.55 -57.74 -62.52
N ASP C 348 4.57 -57.19 -63.74
CA ASP C 348 4.31 -55.77 -63.98
C ASP C 348 3.22 -55.57 -65.02
N THR C 349 2.41 -56.60 -65.28
CA THR C 349 1.37 -56.54 -66.30
C THR C 349 -0.01 -56.26 -65.73
N ILE C 350 -0.30 -56.77 -64.53
CA ILE C 350 -1.64 -56.69 -63.95
C ILE C 350 -1.73 -55.38 -63.18
N ASN C 351 -2.40 -54.39 -63.77
CA ASN C 351 -2.74 -53.15 -63.08
C ASN C 351 -4.22 -53.06 -62.76
N HIS C 352 -4.97 -54.14 -62.96
CA HIS C 352 -6.41 -54.16 -62.79
C HIS C 352 -6.85 -55.62 -62.98
N PRO C 353 -7.89 -56.10 -62.29
CA PRO C 353 -8.31 -57.49 -62.51
C PRO C 353 -8.69 -57.80 -63.95
N ALA C 354 -8.99 -56.79 -64.77
CA ALA C 354 -9.23 -57.04 -66.18
C ALA C 354 -8.02 -57.68 -66.85
N GLN C 355 -6.82 -57.21 -66.49
CA GLN C 355 -5.61 -57.79 -67.06
C GLN C 355 -5.49 -59.28 -66.75
N LEU C 356 -6.13 -59.75 -65.68
CA LEU C 356 -6.17 -61.17 -65.36
C LEU C 356 -7.51 -61.81 -65.67
N SER C 357 -8.58 -61.02 -65.85
CA SER C 357 -9.87 -61.59 -66.20
C SER C 357 -9.88 -62.24 -67.57
N LYS C 358 -8.89 -61.97 -68.42
CA LYS C 358 -8.82 -62.58 -69.74
C LYS C 358 -8.53 -64.08 -69.68
N THR C 359 -8.16 -64.60 -68.52
CA THR C 359 -7.91 -66.02 -68.34
C THR C 359 -8.62 -66.50 -67.09
N SER C 360 -9.00 -67.78 -67.10
CA SER C 360 -9.71 -68.42 -66.00
C SER C 360 -8.77 -69.44 -65.36
N LEU C 361 -7.94 -68.97 -64.43
CA LEU C 361 -7.00 -69.81 -63.71
C LEU C 361 -7.37 -69.97 -62.24
N ALA C 362 -8.57 -69.55 -61.85
CA ALA C 362 -9.02 -69.56 -60.46
C ALA C 362 -7.95 -68.92 -59.54
N PRO C 363 -7.57 -67.67 -59.80
CA PRO C 363 -6.50 -67.06 -59.02
C PRO C 363 -7.00 -66.30 -57.80
N ILE C 364 -6.07 -65.89 -56.93
CA ILE C 364 -6.37 -64.96 -55.85
C ILE C 364 -5.49 -63.73 -56.05
N ILE C 365 -6.11 -62.56 -56.03
CA ILE C 365 -5.46 -61.30 -56.35
C ILE C 365 -5.64 -60.33 -55.19
N VAL C 366 -4.57 -59.64 -54.82
CA VAL C 366 -4.56 -58.72 -53.70
C VAL C 366 -4.46 -57.30 -54.22
N TYR C 367 -5.03 -56.36 -53.47
CA TYR C 367 -5.06 -54.95 -53.85
C TYR C 367 -4.61 -54.13 -52.65
N VAL C 368 -3.60 -53.29 -52.83
CA VAL C 368 -3.22 -52.33 -51.81
C VAL C 368 -4.03 -51.06 -52.02
N LYS C 369 -4.67 -50.59 -50.95
CA LYS C 369 -5.62 -49.49 -51.03
C LYS C 369 -5.14 -48.29 -50.22
N ILE C 370 -5.33 -47.10 -50.79
CA ILE C 370 -5.12 -45.85 -50.10
C ILE C 370 -6.46 -45.13 -50.12
N SER C 371 -7.21 -45.23 -49.02
CA SER C 371 -8.56 -44.67 -49.00
C SER C 371 -8.56 -43.18 -49.32
N SER C 372 -7.50 -42.47 -48.96
CA SER C 372 -7.40 -41.03 -49.21
C SER C 372 -6.29 -40.76 -50.22
N PRO C 373 -6.61 -40.46 -51.48
CA PRO C 373 -5.55 -40.12 -52.43
C PRO C 373 -4.63 -39.03 -51.95
N LYS C 374 -5.04 -38.22 -50.98
CA LYS C 374 -4.15 -37.22 -50.41
C LYS C 374 -2.89 -37.85 -49.83
N VAL C 375 -2.96 -39.12 -49.42
CA VAL C 375 -1.79 -39.80 -48.90
C VAL C 375 -0.79 -40.11 -50.01
N LEU C 376 -1.28 -40.36 -51.23
CA LEU C 376 -0.38 -40.73 -52.32
C LEU C 376 0.75 -39.73 -52.48
N GLN C 377 0.42 -38.44 -52.52
CA GLN C 377 1.44 -37.42 -52.72
C GLN C 377 2.46 -37.45 -51.58
N ARG C 378 1.99 -37.57 -50.34
CA ARG C 378 2.91 -37.60 -49.21
C ARG C 378 3.87 -38.78 -49.31
N LEU C 379 3.35 -39.96 -49.66
CA LEU C 379 4.22 -41.11 -49.89
C LEU C 379 5.20 -40.83 -51.02
N ILE C 380 4.70 -40.26 -52.11
CA ILE C 380 5.57 -39.96 -53.25
C ILE C 380 6.54 -38.84 -52.90
N LYS C 381 6.08 -37.84 -52.15
CA LYS C 381 6.91 -36.68 -51.87
C LYS C 381 8.16 -37.02 -51.08
N SER C 382 8.21 -38.18 -50.45
CA SER C 382 9.33 -38.53 -49.57
C SER C 382 10.41 -39.34 -50.29
N ARG C 383 10.03 -40.28 -51.15
CA ARG C 383 11.04 -41.13 -51.76
C ARG C 383 12.01 -40.33 -52.62
N GLY C 384 11.49 -39.53 -53.55
CA GLY C 384 12.35 -38.81 -54.46
C GLY C 384 11.63 -37.75 -55.27
N LYS C 385 12.38 -36.71 -55.65
CA LYS C 385 11.83 -35.63 -56.46
C LYS C 385 11.80 -35.97 -57.94
N SER C 386 12.50 -37.02 -58.37
CA SER C 386 12.48 -37.40 -59.77
C SER C 386 11.08 -37.86 -60.19
N GLN C 387 10.47 -38.74 -59.41
CA GLN C 387 9.12 -39.21 -59.67
C GLN C 387 8.06 -38.38 -58.95
N ALA C 388 8.47 -37.36 -58.20
CA ALA C 388 7.49 -36.51 -57.51
C ALA C 388 6.55 -35.84 -58.50
N LYS C 389 7.10 -35.33 -59.60
CA LYS C 389 6.28 -34.78 -60.67
C LYS C 389 5.56 -35.87 -61.45
N HIS C 390 6.02 -37.12 -61.38
CA HIS C 390 5.39 -38.24 -62.03
C HIS C 390 4.24 -38.83 -61.21
N LEU C 391 3.72 -38.08 -60.23
CA LEU C 391 2.62 -38.58 -59.43
C LEU C 391 1.40 -38.86 -60.30
N ASN C 392 1.14 -37.99 -61.29
CA ASN C 392 -0.01 -38.19 -62.16
C ASN C 392 0.02 -39.56 -62.82
N VAL C 393 1.21 -40.04 -63.20
CA VAL C 393 1.32 -41.39 -63.75
C VAL C 393 0.91 -42.41 -62.70
N GLN C 394 1.38 -42.25 -61.47
CA GLN C 394 1.09 -43.23 -60.43
C GLN C 394 -0.36 -43.15 -59.97
N MET C 395 -0.87 -41.94 -59.74
CA MET C 395 -2.16 -41.80 -59.06
C MET C 395 -3.31 -42.30 -59.91
N VAL C 396 -3.23 -42.14 -61.24
CA VAL C 396 -4.33 -42.56 -62.10
C VAL C 396 -4.62 -44.04 -61.89
N ALA C 397 -3.58 -44.86 -61.70
CA ALA C 397 -3.81 -46.26 -61.42
C ALA C 397 -4.59 -46.44 -60.13
N ALA C 398 -4.24 -45.68 -59.09
CA ALA C 398 -5.01 -45.72 -57.86
C ALA C 398 -6.48 -45.40 -58.14
N ASP C 399 -6.73 -44.39 -58.98
CA ASP C 399 -8.08 -44.19 -59.48
C ASP C 399 -8.56 -45.43 -60.22
N LYS C 400 -7.73 -45.97 -61.11
CA LYS C 400 -8.07 -47.19 -61.82
C LYS C 400 -8.29 -48.34 -60.84
N LEU C 401 -7.65 -48.29 -59.68
CA LEU C 401 -7.82 -49.31 -58.65
C LEU C 401 -8.94 -48.96 -57.68
N ALA C 402 -9.89 -48.12 -58.09
CA ALA C 402 -11.00 -47.71 -57.23
C ALA C 402 -12.33 -47.80 -57.97
N GLN C 403 -12.48 -48.79 -58.85
CA GLN C 403 -13.70 -48.90 -59.65
C GLN C 403 -14.33 -50.29 -59.61
N CYS C 404 -13.54 -51.35 -59.49
CA CYS C 404 -14.08 -52.70 -59.65
C CYS C 404 -14.95 -53.08 -58.46
N PRO C 405 -16.19 -53.52 -58.69
CA PRO C 405 -17.02 -53.97 -57.59
C PRO C 405 -16.34 -55.05 -56.77
N PRO C 406 -16.99 -55.50 -55.69
CA PRO C 406 -16.38 -56.50 -54.81
C PRO C 406 -15.96 -57.78 -55.50
N GLU C 407 -16.70 -58.20 -56.54
CA GLU C 407 -16.40 -59.47 -57.18
C GLU C 407 -14.97 -59.51 -57.69
N LEU C 408 -14.52 -58.44 -58.33
CA LEU C 408 -13.13 -58.29 -58.74
C LEU C 408 -12.30 -57.55 -57.69
N PHE C 409 -12.78 -57.50 -56.45
CA PHE C 409 -12.14 -56.79 -55.36
C PHE C 409 -12.08 -57.71 -54.14
N ASP C 410 -11.67 -58.95 -54.37
CA ASP C 410 -11.80 -59.99 -53.36
C ASP C 410 -11.00 -59.67 -52.10
N VAL C 411 -9.69 -59.64 -52.21
CA VAL C 411 -8.81 -59.48 -51.04
C VAL C 411 -8.79 -58.01 -50.66
N ILE C 412 -8.85 -57.74 -49.36
CA ILE C 412 -9.03 -56.40 -48.83
C ILE C 412 -7.85 -56.03 -47.96
N LEU C 413 -7.29 -54.85 -48.20
CA LEU C 413 -6.14 -54.30 -47.47
C LEU C 413 -6.50 -52.88 -47.06
N ASP C 414 -7.20 -52.73 -45.94
CA ASP C 414 -7.67 -51.42 -45.49
C ASP C 414 -6.80 -50.83 -44.40
N GLU C 415 -6.56 -51.57 -43.32
CA GLU C 415 -5.72 -51.08 -42.24
C GLU C 415 -4.34 -50.68 -42.77
N ASN C 416 -3.61 -49.93 -41.96
CA ASN C 416 -2.45 -49.19 -42.44
C ASN C 416 -1.15 -49.95 -42.26
N GLN C 417 -0.78 -50.28 -41.03
CA GLN C 417 0.50 -50.91 -40.76
C GLN C 417 0.46 -52.37 -41.20
N LEU C 418 1.57 -53.08 -41.02
CA LEU C 418 1.68 -54.43 -41.56
C LEU C 418 1.00 -55.46 -40.66
N GLU C 419 1.27 -55.41 -39.35
CA GLU C 419 0.83 -56.49 -38.47
C GLU C 419 -0.68 -56.65 -38.52
N ASP C 420 -1.43 -55.54 -38.40
CA ASP C 420 -2.87 -55.63 -38.52
C ASP C 420 -3.28 -56.04 -39.93
N ALA C 421 -2.58 -55.51 -40.94
CA ALA C 421 -2.87 -55.91 -42.31
C ALA C 421 -2.44 -57.35 -42.58
N CYS C 422 -1.30 -57.76 -42.03
CA CYS C 422 -0.79 -59.10 -42.30
C CYS C 422 -1.73 -60.16 -41.79
N GLU C 423 -2.30 -59.97 -40.59
CA GLU C 423 -3.24 -60.94 -40.07
C GLU C 423 -4.45 -61.09 -40.98
N HIS C 424 -4.84 -60.02 -41.69
CA HIS C 424 -5.96 -60.11 -42.61
C HIS C 424 -5.58 -60.76 -43.93
N LEU C 425 -4.29 -60.98 -44.18
CA LEU C 425 -3.89 -61.78 -45.34
C LEU C 425 -4.00 -63.27 -45.02
N ALA C 426 -3.59 -63.67 -43.83
CA ALA C 426 -3.60 -65.09 -43.46
C ALA C 426 -5.02 -65.65 -43.46
N ASP C 427 -5.98 -64.88 -42.94
CA ASP C 427 -7.33 -65.41 -42.78
C ASP C 427 -7.91 -65.85 -44.12
N TYR C 428 -7.72 -65.04 -45.17
CA TYR C 428 -8.17 -65.45 -46.49
C TYR C 428 -7.39 -66.66 -47.03
N LEU C 429 -6.21 -66.93 -46.47
CA LEU C 429 -5.45 -68.10 -46.88
C LEU C 429 -5.86 -69.37 -46.16
N GLU C 430 -6.84 -69.29 -45.26
CA GLU C 430 -7.40 -70.45 -44.58
C GLU C 430 -8.71 -70.90 -45.21
N ALA C 431 -9.04 -70.42 -46.41
CA ALA C 431 -10.25 -70.86 -47.09
C ALA C 431 -10.19 -72.35 -47.41
N TYR C 432 -9.03 -72.83 -47.85
CA TYR C 432 -8.83 -74.25 -48.14
C TYR C 432 -7.77 -74.89 -47.24
N TRP C 433 -6.61 -74.25 -47.11
CA TRP C 433 -5.55 -74.74 -46.25
C TRP C 433 -5.54 -74.00 -44.91
#